data_2FGP
# 
_entry.id   2FGP 
# 
_audit_conform.dict_name       mmcif_pdbx.dic 
_audit_conform.dict_version    5.377 
_audit_conform.dict_location   http://mmcif.pdb.org/dictionaries/ascii/mmcif_pdbx.dic 
# 
loop_
_database_2.database_id 
_database_2.database_code 
_database_2.pdbx_database_accession 
_database_2.pdbx_DOI 
PDB   2FGP         pdb_00002fgp 10.2210/pdb2fgp/pdb 
NDB   UR0076       ?            ?                   
RCSB  RCSB035857   ?            ?                   
WWPDB D_1000035857 ?            ?                   
# 
loop_
_pdbx_database_related.db_name 
_pdbx_database_related.db_id 
_pdbx_database_related.details 
_pdbx_database_related.content_type 
PDB 1ZFR 
;PRECATALYTIC G8 NATIVE MINIMAL ALL-RNA HAIRPIN RIBOZYME WITH AN A-1 2'-OME MODIFICATION
;
unspecified 
PDB 1ZFT 
;MINIMAL ALL-RNA HAIRPIN RIBOZYME WITH THE G8I/A-1 2'-OME MODIFICATIONS
;
unspecified 
PDB 2BCZ 
;MINIMAL ALL-RNA HAIRPIN RIBOZYME WITH THE G8I/A-1 2'-DEOXY MODIFICATIONS
;
unspecified 
PDB 1ZFV 
;GROUND STATE MINIMAL ALL-RNA HAIRPIN RIBOZYME WITH THE G8A/A-1 2'-OH MODIFICATIONS
;
unspecified 
PDB 1ZFX 
;GROUND STATE MINIMAL ALL-RNA HAIRPIN RIBOZYME WITH THE G8U/A-1 2'-OH MODIFICATIONS
;
unspecified 
PDB 2BCY 
;MINIMAL ALL-RNA HAIRPIN RIBOZYME WITH THE G8AP/A-1 2'-OH MODIFICATIONS AT PH 8.8
;
unspecified 
# 
_pdbx_database_status.status_code                     REL 
_pdbx_database_status.entry_id                        2FGP 
_pdbx_database_status.recvd_initial_deposition_date   2005-12-22 
_pdbx_database_status.deposit_site                    RCSB 
_pdbx_database_status.process_site                    RCSB 
_pdbx_database_status.status_code_sf                  REL 
_pdbx_database_status.status_code_mr                  ? 
_pdbx_database_status.SG_entry                        ? 
_pdbx_database_status.pdb_format_compatible           Y 
_pdbx_database_status.status_code_cs                  ? 
_pdbx_database_status.methods_development_category    ? 
_pdbx_database_status.status_code_nmr_data            ? 
# 
loop_
_audit_author.name 
_audit_author.pdbx_ordinal 
'Salter, J.D.'   1 
'Wedekind, J.E.' 2 
# 
loop_
_citation.id 
_citation.title 
_citation.journal_abbrev 
_citation.journal_volume 
_citation.page_first 
_citation.page_last 
_citation.year 
_citation.journal_id_ASTM 
_citation.country 
_citation.journal_id_ISSN 
_citation.journal_id_CSD 
_citation.book_publisher 
_citation.pdbx_database_id_PubMed 
_citation.pdbx_database_id_DOI 
primary 
'Water in the Active Site of an All-RNA Hairpin Ribozyme and Effects of Gua8 Base Variants on the Geometry of Phosphoryl Transfer.' 
Biochemistry               45 686   700   2006 BICHAW US 0006-2960 0033 ? 16411744 10.1021/bi051887k 
1       
;Conformational Heterogeneity at Position U37 of an All-RNA Hairpin Ribozyme with Implications for Metal Binding and the Catalytic Structure of the S-Turn
;
Biochemistry               44 14396 14408 2005 BICHAW US 0006-2960 0033 ? ?        ?                 
2       'Crystallization and x-ray diffraction analysis of an all-rna u39c mutant of the minimal hairpin ribozyme' 
'Acta Crystallogr.,Sect.D' 59 142   145   2003 ABCRE6 DK 0907-4449 0766 ? ?        ?                 
# 
loop_
_citation_author.citation_id 
_citation_author.name 
_citation_author.ordinal 
_citation_author.identifier_ORCID 
primary 'Salter, J.D.'    1  ? 
primary 'Krucinska, J.'   2  ? 
primary 'Alam, S.'        3  ? 
primary 'Grum-Tokars, V.' 4  ? 
primary 'Wedekind, J.E.'  5  ? 
1       'Alam, S.'        6  ? 
1       'Grum-Tokars, V.' 7  ? 
1       'Krucinska, J.'   8  ? 
1       'Kundracik, M.L.' 9  ? 
1       'Wedekind, J.E.'  10 ? 
2       'Grum-Tokars, V.' 11 ? 
2       'Milovanovic, M.' 12 ? 
2       'Wedekind, J.E.'  13 ? 
# 
_cell.entry_id           2FGP 
_cell.length_a           93.770 
_cell.length_b           93.770 
_cell.length_c           127.610 
_cell.angle_alpha        90.00 
_cell.angle_beta         90.00 
_cell.angle_gamma        120.00 
_cell.Z_PDB              12 
_cell.pdbx_unique_axis   ? 
_cell.length_a_esd       ? 
_cell.length_b_esd       ? 
_cell.length_c_esd       ? 
_cell.angle_alpha_esd    ? 
_cell.angle_beta_esd     ? 
_cell.angle_gamma_esd    ? 
# 
_symmetry.entry_id                         2FGP 
_symmetry.space_group_name_H-M             'P 61 2 2' 
_symmetry.pdbx_full_space_group_name_H-M   ? 
_symmetry.cell_setting                     ? 
_symmetry.Int_Tables_number                178 
_symmetry.space_group_name_Hall            ? 
# 
loop_
_entity.id 
_entity.type 
_entity.src_method 
_entity.pdbx_description 
_entity.formula_weight 
_entity.pdbx_number_of_molecules 
_entity.pdbx_ec 
_entity.pdbx_mutation 
_entity.pdbx_fragment 
_entity.details 
1 polymer     syn "5'-R(*UP*CP*CP*CP*AP*GP*UP*CP*CP*AP*CP*CP*G)-3'"                    4052.470 1 ? ?         ? ? 
2 polymer     syn "5'-R(*CP*GP*GP*UP*GP*AP*(N6G)P*AP*AP*GP*GP*G)-3'"                   3969.463 1 ? 'g8(N6G)' ? ? 
3 polymer     syn "5'-R(*GP*GP*CP*AP*GP*AP*GP*AP*AP*AP*CP*AP*CP*AP*CP*GP*A)-3'"        5535.445 1 ? ?         ? ? 
4 polymer     syn 
;5'-R(*UP*CP*GP*UP*GP*GP*UP*AP*CP*AP*UP*UP*AP*CP*CP*UP*GP*CP*C) -3'
;
5991.568 1 ? u39c      ? ? 
5 non-polymer syn 'COBALT HEXAMMINE(III)'                                              161.116  1 ? ?         ? ? 
6 water       nat water                                                                18.015   7 ? ?         ? ? 
# 
loop_
_entity_poly.entity_id 
_entity_poly.type 
_entity_poly.nstd_linkage 
_entity_poly.nstd_monomer 
_entity_poly.pdbx_seq_one_letter_code 
_entity_poly.pdbx_seq_one_letter_code_can 
_entity_poly.pdbx_strand_id 
_entity_poly.pdbx_target_identifier 
1 polyribonucleotide no no  UCCCAGUCCACCG       UCCCAGUCCACCG       A ? 
2 polyribonucleotide no yes 'CGGUGA(N6G)AAGGG'  CGGUGAGAAGGG        B ? 
3 polyribonucleotide no no  GGCAGAGAAACACACGA   GGCAGAGAAACACACGA   C ? 
4 polyribonucleotide no no  UCGUGGUACAUUACCUGCC UCGUGGUACAUUACCUGCC D ? 
# 
loop_
_entity_poly_seq.entity_id 
_entity_poly_seq.num 
_entity_poly_seq.mon_id 
_entity_poly_seq.hetero 
1 1  U   n 
1 2  C   n 
1 3  C   n 
1 4  C   n 
1 5  A   n 
1 6  G   n 
1 7  U   n 
1 8  C   n 
1 9  C   n 
1 10 A   n 
1 11 C   n 
1 12 C   n 
1 13 G   n 
2 1  C   n 
2 2  G   n 
2 3  G   n 
2 4  U   n 
2 5  G   n 
2 6  A   n 
2 7  N6G n 
2 8  A   n 
2 9  A   n 
2 10 G   n 
2 11 G   n 
2 12 G   n 
3 1  G   n 
3 2  G   n 
3 3  C   n 
3 4  A   n 
3 5  G   n 
3 6  A   n 
3 7  G   n 
3 8  A   n 
3 9  A   n 
3 10 A   n 
3 11 C   n 
3 12 A   n 
3 13 C   n 
3 14 A   n 
3 15 C   n 
3 16 G   n 
3 17 A   n 
4 1  U   n 
4 2  C   n 
4 3  G   n 
4 4  U   n 
4 5  G   n 
4 6  G   n 
4 7  U   n 
4 8  A   n 
4 9  C   n 
4 10 A   n 
4 11 U   n 
4 12 U   n 
4 13 A   n 
4 14 C   n 
4 15 C   n 
4 16 U   n 
4 17 G   n 
4 18 C   n 
4 19 C   n 
# 
loop_
_pdbx_entity_src_syn.entity_id 
_pdbx_entity_src_syn.pdbx_src_id 
_pdbx_entity_src_syn.pdbx_alt_source_flag 
_pdbx_entity_src_syn.pdbx_beg_seq_num 
_pdbx_entity_src_syn.pdbx_end_seq_num 
_pdbx_entity_src_syn.organism_scientific 
_pdbx_entity_src_syn.organism_common_name 
_pdbx_entity_src_syn.ncbi_taxonomy_id 
_pdbx_entity_src_syn.details 
1 1 sample ? ? ? ? ? 'DERIVED FROM SATELLITE TOBACCO RINGSPOT VIRUS' 
2 1 sample ? ? ? ? ? 'DERIVED FROM SATELLITE TOBACCO RINGSPOT VIRUS' 
3 1 sample ? ? ? ? ? 'DERIVED FROM SATELLITE TOBACCO RINGSPOT VIRUS' 
4 1 sample ? ? ? ? ? 'DERIVED FROM SATELLITE TOBACCO RINGSPOT VIRUS' 
# 
loop_
_struct_ref.id 
_struct_ref.entity_id 
_struct_ref.db_name 
_struct_ref.db_code 
_struct_ref.pdbx_db_accession 
_struct_ref.pdbx_db_isoform 
_struct_ref.pdbx_seq_one_letter_code 
_struct_ref.pdbx_align_begin 
1 1 PDB 2FGP 2FGP ? ? ? 
2 2 PDB 2FGP 2FGP ? ? ? 
3 3 PDB 2FGP 2FGP ? ? ? 
4 4 PDB 2FGP 2FGP ? ? ? 
# 
loop_
_struct_ref_seq.align_id 
_struct_ref_seq.ref_id 
_struct_ref_seq.pdbx_PDB_id_code 
_struct_ref_seq.pdbx_strand_id 
_struct_ref_seq.seq_align_beg 
_struct_ref_seq.pdbx_seq_align_beg_ins_code 
_struct_ref_seq.seq_align_end 
_struct_ref_seq.pdbx_seq_align_end_ins_code 
_struct_ref_seq.pdbx_db_accession 
_struct_ref_seq.db_align_beg 
_struct_ref_seq.pdbx_db_align_beg_ins_code 
_struct_ref_seq.db_align_end 
_struct_ref_seq.pdbx_db_align_end_ins_code 
_struct_ref_seq.pdbx_auth_seq_align_beg 
_struct_ref_seq.pdbx_auth_seq_align_end 
1 1 2FGP A 1 ? 13 ? 2FGP 1  ? 13 ? 1  13 
2 2 2FGP B 1 ? 12 ? 2FGP 2  ? 13 ? 2  13 
3 3 2FGP C 1 ? 17 ? 2FGP 15 ? 31 ? 15 31 
4 4 2FGP D 1 ? 19 ? 2FGP 31 ? 49 ? 31 49 
# 
loop_
_chem_comp.id 
_chem_comp.type 
_chem_comp.mon_nstd_flag 
_chem_comp.name 
_chem_comp.pdbx_synonyms 
_chem_comp.formula 
_chem_comp.formula_weight 
A   'RNA linking' y "ADENOSINE-5'-MONOPHOSPHATE"                                                                                  
? 'C10 H14 N5 O7 P' 347.221 
C   'RNA linking' y "CYTIDINE-5'-MONOPHOSPHATE"                                                                                   
? 'C9 H14 N3 O8 P'  323.197 
G   'RNA linking' y "GUANOSINE-5'-MONOPHOSPHATE"                                                                                  
? 'C10 H14 N5 O8 P' 363.221 
HOH non-polymer   . WATER                                                                                                         
? 'H2 O'            18.015  
N6G 'RNA linking' n '((2R,3S,4R,5S)-5-(2,6-DIAMINO-9H-PURIN-9-YL)-3,4-DIHYDROXY-TETRAHYDROFURAN-2-YL)METHYL DIHYDROGEN PHOSPHATE' 
? 'C10 H15 N6 O7 P' 362.236 
NCO non-polymer   . 'COBALT HEXAMMINE(III)'                                                                                       
? 'Co H18 N6 3'     161.116 
U   'RNA linking' y "URIDINE-5'-MONOPHOSPHATE"                                                                                    
? 'C9 H13 N2 O9 P'  324.181 
# 
_exptl.entry_id          2FGP 
_exptl.method            'X-RAY DIFFRACTION' 
_exptl.crystals_number   1 
# 
_exptl_crystal.id                    1 
_exptl_crystal.density_meas          ? 
_exptl_crystal.density_Matthews      4.14 
_exptl_crystal.density_percent_sol   70.31 
_exptl_crystal.description           ? 
_exptl_crystal.F_000                 ? 
_exptl_crystal.preparation           ? 
# 
_exptl_crystal_grow.crystal_id      1 
_exptl_crystal_grow.method          'VAPOR DIFFUSION, HANGING DROP' 
_exptl_crystal_grow.temp            293 
_exptl_crystal_grow.temp_details    ? 
_exptl_crystal_grow.pH              8.60 
_exptl_crystal_grow.pdbx_details    
'PEG2000 MME, LITHIUM SULFATE, SPERMIDINE, COBALT HEXAMMINE, pH 8.60, VAPOR DIFFUSION, HANGING DROP, temperature 293K' 
_exptl_crystal_grow.pdbx_pH_range   . 
# 
loop_
_exptl_crystal_grow_comp.crystal_id 
_exptl_crystal_grow_comp.id 
_exptl_crystal_grow_comp.sol_id 
_exptl_crystal_grow_comp.name 
_exptl_crystal_grow_comp.volume 
_exptl_crystal_grow_comp.conc 
_exptl_crystal_grow_comp.details 
1 1  1 'PEG2000 MME'     ? ? ? 
1 2  1 'LITHIUM SULFATE' ? ? ? 
1 3  1 SPERMIDINE        ? ? ? 
1 4  1 COBALT            ? ? ? 
1 5  1 HEXAMMINE         ? ? ? 
1 6  1 H2O               ? ? ? 
1 7  2 'PEG2000 MME'     ? ? ? 
1 8  2 'LITHIUM SULFATE' ? ? ? 
1 9  2 COBALT            ? ? ? 
1 10 2 H2O               ? ? ? 
# 
_diffrn.id                     1 
_diffrn.ambient_temp           83.0 
_diffrn.ambient_temp_details   ? 
_diffrn.crystal_id             1 
# 
_diffrn_detector.diffrn_id              1 
_diffrn_detector.detector               CCD 
_diffrn_detector.type                   'ADSC QUANTUM 210' 
_diffrn_detector.pdbx_collection_date   2005-05-05 
_diffrn_detector.details                ? 
# 
_diffrn_radiation.diffrn_id                        1 
_diffrn_radiation.wavelength_id                    1 
_diffrn_radiation.pdbx_monochromatic_or_laue_m_l   M 
_diffrn_radiation.monochromator                    
'BENT TRIANGULAR ASYMMETRIC CUT SI(111) MONOCHROMATOR, RH- COATED SI FOR VERTICAL FOCUSSING' 
_diffrn_radiation.pdbx_diffrn_protocol             'SINGLE WAVELENGTH' 
_diffrn_radiation.pdbx_scattering_type             x-ray 
# 
_diffrn_radiation_wavelength.id           1 
_diffrn_radiation_wavelength.wavelength   0.9764 
_diffrn_radiation_wavelength.wt           1.0 
# 
_diffrn_source.diffrn_id                   1 
_diffrn_source.source                      SYNCHROTRON 
_diffrn_source.type                        'CHESS BEAMLINE A1' 
_diffrn_source.pdbx_synchrotron_site       CHESS 
_diffrn_source.pdbx_synchrotron_beamline   A1 
_diffrn_source.pdbx_wavelength             0.9764 
_diffrn_source.pdbx_wavelength_list        ? 
# 
_reflns.entry_id                     2FGP 
_reflns.observed_criterion_sigma_I   -3.000 
_reflns.observed_criterion_sigma_F   0 
_reflns.d_resolution_low             44.010 
_reflns.d_resolution_high            2.400 
_reflns.number_obs                   12161 
_reflns.number_all                   ? 
_reflns.percent_possible_obs         89.8 
_reflns.pdbx_Rmerge_I_obs            0.034 
_reflns.pdbx_Rsym_value              ? 
_reflns.pdbx_netI_over_sigmaI        34.8000 
_reflns.B_iso_Wilson_estimate        88.10 
_reflns.pdbx_redundancy              10.560 
_reflns.R_free_details               ? 
_reflns.pdbx_chi_squared             ? 
_reflns.pdbx_scaling_rejects         ? 
_reflns.pdbx_diffrn_id               1 
_reflns.pdbx_ordinal                 1 
# 
_reflns_shell.d_res_high             2.40 
_reflns_shell.d_res_low              2.49 
_reflns_shell.percent_possible_all   92.8 
_reflns_shell.Rmerge_I_obs           0.458 
_reflns_shell.pdbx_Rsym_value        ? 
_reflns_shell.meanI_over_sigI_obs    5.100 
_reflns_shell.pdbx_redundancy        9.25 
_reflns_shell.percent_possible_obs   ? 
_reflns_shell.number_unique_all      ? 
_reflns_shell.number_measured_all    ? 
_reflns_shell.number_measured_obs    ? 
_reflns_shell.number_unique_obs      ? 
_reflns_shell.pdbx_chi_squared       ? 
_reflns_shell.pdbx_diffrn_id         ? 
_reflns_shell.pdbx_ordinal           1 
# 
_refine.entry_id                                 2FGP 
_refine.ls_number_reflns_obs                     12157 
_refine.ls_number_reflns_all                     ? 
_refine.pdbx_ls_sigma_I                          -3 
_refine.pdbx_ls_sigma_F                          0.000 
_refine.pdbx_data_cutoff_high_absF               930166.170 
_refine.pdbx_data_cutoff_low_absF                0.0000 
_refine.pdbx_data_cutoff_high_rms_absF           ? 
_refine.ls_d_res_low                             29.37 
_refine.ls_d_res_high                            2.40 
_refine.ls_percent_reflns_obs                    89.7 
_refine.ls_R_factor_obs                          0.248 
_refine.ls_R_factor_all                          0.2395 
_refine.ls_R_factor_R_work                       0.248 
_refine.ls_R_factor_R_free                       0.259 
_refine.ls_R_factor_R_free_error                 0.008 
_refine.ls_R_factor_R_free_error_details         ? 
_refine.ls_percent_reflns_R_free                 8.100 
_refine.ls_number_reflns_R_free                  979 
_refine.ls_number_parameters                     ? 
_refine.ls_number_restraints                     ? 
_refine.occupancy_min                            ? 
_refine.occupancy_max                            ? 
_refine.correlation_coeff_Fo_to_Fc               ? 
_refine.correlation_coeff_Fo_to_Fc_free          ? 
_refine.B_iso_mean                               87.10 
_refine.aniso_B[1][1]                            -13.45000 
_refine.aniso_B[2][2]                            -13.45000 
_refine.aniso_B[3][3]                            26.89000 
_refine.aniso_B[1][2]                            -8.62000 
_refine.aniso_B[1][3]                            0.00000 
_refine.aniso_B[2][3]                            0.00000 
_refine.solvent_model_details                    'FLAT MODEL' 
_refine.solvent_model_param_ksol                 0.32 
_refine.solvent_model_param_bsol                 54.31 
_refine.pdbx_solvent_vdw_probe_radii             ? 
_refine.pdbx_solvent_ion_probe_radii             ? 
_refine.pdbx_solvent_shrinkage_radii             ? 
_refine.pdbx_ls_cross_valid_method               THROUGHOUT 
_refine.details                                  ? 
_refine.pdbx_starting_model                      'PDB ENTRY 1ZFR' 
_refine.pdbx_method_to_determine_struct          'FOURIER SYNTHESIS' 
_refine.pdbx_isotropic_thermal_model             RESTRAINED 
_refine.pdbx_stereochemistry_target_values       'CNS V1.1' 
_refine.pdbx_stereochem_target_val_spec_case     ? 
_refine.pdbx_R_Free_selection_details            RANDOM 
_refine.pdbx_overall_ESU_R                       ? 
_refine.pdbx_overall_ESU_R_Free                  ? 
_refine.overall_SU_ML                            ? 
_refine.overall_SU_B                             ? 
_refine.ls_redundancy_reflns_obs                 ? 
_refine.overall_SU_R_Cruickshank_DPI             ? 
_refine.overall_SU_R_free                        ? 
_refine.ls_wR_factor_R_free                      ? 
_refine.ls_wR_factor_R_work                      ? 
_refine.overall_FOM_free_R_set                   ? 
_refine.overall_FOM_work_R_set                   ? 
_refine.pdbx_refine_id                           'X-RAY DIFFRACTION' 
_refine.pdbx_diffrn_id                           1 
_refine.pdbx_TLS_residual_ADP_flag               ? 
_refine.pdbx_overall_phase_error                 ? 
_refine.pdbx_overall_SU_R_free_Cruickshank_DPI   ? 
_refine.pdbx_overall_SU_R_Blow_DPI               ? 
_refine.pdbx_overall_SU_R_free_Blow_DPI          ? 
# 
_refine_analyze.entry_id                        2FGP 
_refine_analyze.Luzzati_coordinate_error_obs    0.51 
_refine_analyze.Luzzati_sigma_a_obs             0.96 
_refine_analyze.Luzzati_d_res_low_obs           45.00 
_refine_analyze.Luzzati_coordinate_error_free   0.42 
_refine_analyze.Luzzati_sigma_a_free            0.08 
_refine_analyze.Luzzati_d_res_low_free          ? 
_refine_analyze.number_disordered_residues      ? 
_refine_analyze.occupancy_sum_hydrogen          ? 
_refine_analyze.occupancy_sum_non_hydrogen      ? 
_refine_analyze.pdbx_refine_id                  'X-RAY DIFFRACTION' 
# 
_refine_hist.pdbx_refine_id                   'X-RAY DIFFRACTION' 
_refine_hist.cycle_id                         LAST 
_refine_hist.pdbx_number_atoms_protein        0 
_refine_hist.pdbx_number_atoms_nucleic_acid   1311 
_refine_hist.pdbx_number_atoms_ligand         7 
_refine_hist.number_atoms_solvent             7 
_refine_hist.number_atoms_total               1325 
_refine_hist.d_res_high                       2.40 
_refine_hist.d_res_low                        29.37 
# 
loop_
_refine_ls_restr.type 
_refine_ls_restr.dev_ideal 
_refine_ls_restr.dev_ideal_target 
_refine_ls_restr.weight 
_refine_ls_restr.number 
_refine_ls_restr.pdbx_refine_id 
_refine_ls_restr.pdbx_restraint_function 
c_bond_d                0.007 ? ? ? 'X-RAY DIFFRACTION' ? 
c_bond_d_na             ?     ? ? ? 'X-RAY DIFFRACTION' ? 
c_bond_d_prot           ?     ? ? ? 'X-RAY DIFFRACTION' ? 
c_angle_d               ?     ? ? ? 'X-RAY DIFFRACTION' ? 
c_angle_d_na            ?     ? ? ? 'X-RAY DIFFRACTION' ? 
c_angle_d_prot          ?     ? ? ? 'X-RAY DIFFRACTION' ? 
c_angle_deg             1.600 ? ? ? 'X-RAY DIFFRACTION' ? 
c_angle_deg_na          ?     ? ? ? 'X-RAY DIFFRACTION' ? 
c_angle_deg_prot        ?     ? ? ? 'X-RAY DIFFRACTION' ? 
c_dihedral_angle_d      17.70 ? ? ? 'X-RAY DIFFRACTION' ? 
c_dihedral_angle_d_na   ?     ? ? ? 'X-RAY DIFFRACTION' ? 
c_dihedral_angle_d_prot ?     ? ? ? 'X-RAY DIFFRACTION' ? 
c_improper_angle_d      2.220 ? ? ? 'X-RAY DIFFRACTION' ? 
c_improper_angle_d_na   ?     ? ? ? 'X-RAY DIFFRACTION' ? 
c_improper_angle_d_prot ?     ? ? ? 'X-RAY DIFFRACTION' ? 
c_mcbond_it             ?     ? ? ? 'X-RAY DIFFRACTION' ? 
c_mcangle_it            ?     ? ? ? 'X-RAY DIFFRACTION' ? 
c_scbond_it             ?     ? ? ? 'X-RAY DIFFRACTION' ? 
c_scangle_it            ?     ? ? ? 'X-RAY DIFFRACTION' ? 
# 
_refine_ls_shell.pdbx_total_number_of_bins_used   4 
_refine_ls_shell.d_res_high                       2.40 
_refine_ls_shell.d_res_low                        2.64 
_refine_ls_shell.number_reflns_R_work             2818 
_refine_ls_shell.R_factor_R_work                  0.532 
_refine_ls_shell.percent_reflns_obs               92.50 
_refine_ls_shell.R_factor_R_free                  0.506 
_refine_ls_shell.R_factor_R_free_error            0.048 
_refine_ls_shell.percent_reflns_R_free            7.40 
_refine_ls_shell.number_reflns_R_free             225 
_refine_ls_shell.number_reflns_all                ? 
_refine_ls_shell.R_factor_all                     ? 
_refine_ls_shell.number_reflns_obs                ? 
_refine_ls_shell.redundancy_reflns_obs            ? 
_refine_ls_shell.pdbx_refine_id                   'X-RAY DIFFRACTION' 
# 
loop_
_pdbx_xplor_file.serial_no 
_pdbx_xplor_file.param_file 
_pdbx_xplor_file.topol_file 
_pdbx_xplor_file.pdbx_refine_id 
1 WATER_REP.PARAM        DNA-RNA-DAP2.TOP 'X-RAY DIFFRACTION' 
2 DNA-RNA_REP-DAP2.PARAM WATER.TOP        'X-RAY DIFFRACTION' 
3 COBALT.PAR             COBALT.TOP       'X-RAY DIFFRACTION' 
4 ION.PARAM              ION.TOP          'X-RAY DIFFRACTION' 
# 
_struct.entry_id                  2FGP 
_struct.title                     
'Crystal structure of a minimal, all RNA hairpin ribozyme with modifications (g8dap, u39c) at ph 8.6' 
_struct.pdbx_model_details        ? 
_struct.pdbx_CASP_flag            ? 
_struct.pdbx_model_type_details   ? 
# 
_struct_keywords.entry_id        2FGP 
_struct_keywords.pdbx_keywords   RNA 
_struct_keywords.text            'RIBOZYME, G8, DIAMINOPURINE, IN-LINE GEOMETRY, MUTANT, RNA' 
# 
loop_
_struct_asym.id 
_struct_asym.pdbx_blank_PDB_chainid_flag 
_struct_asym.pdbx_modified 
_struct_asym.entity_id 
_struct_asym.details 
A N N 1 ? 
B N N 2 ? 
C N N 3 ? 
D N N 4 ? 
E N N 5 ? 
F N N 6 ? 
G N N 6 ? 
H N N 6 ? 
I N N 6 ? 
# 
loop_
_struct_conn.id 
_struct_conn.conn_type_id 
_struct_conn.pdbx_leaving_atom_flag 
_struct_conn.pdbx_PDB_id 
_struct_conn.ptnr1_label_asym_id 
_struct_conn.ptnr1_label_comp_id 
_struct_conn.ptnr1_label_seq_id 
_struct_conn.ptnr1_label_atom_id 
_struct_conn.pdbx_ptnr1_label_alt_id 
_struct_conn.pdbx_ptnr1_PDB_ins_code 
_struct_conn.pdbx_ptnr1_standard_comp_id 
_struct_conn.ptnr1_symmetry 
_struct_conn.ptnr2_label_asym_id 
_struct_conn.ptnr2_label_comp_id 
_struct_conn.ptnr2_label_seq_id 
_struct_conn.ptnr2_label_atom_id 
_struct_conn.pdbx_ptnr2_label_alt_id 
_struct_conn.pdbx_ptnr2_PDB_ins_code 
_struct_conn.ptnr1_auth_asym_id 
_struct_conn.ptnr1_auth_comp_id 
_struct_conn.ptnr1_auth_seq_id 
_struct_conn.ptnr2_auth_asym_id 
_struct_conn.ptnr2_auth_comp_id 
_struct_conn.ptnr2_auth_seq_id 
_struct_conn.ptnr2_symmetry 
_struct_conn.pdbx_ptnr3_label_atom_id 
_struct_conn.pdbx_ptnr3_label_seq_id 
_struct_conn.pdbx_ptnr3_label_comp_id 
_struct_conn.pdbx_ptnr3_label_asym_id 
_struct_conn.pdbx_ptnr3_label_alt_id 
_struct_conn.pdbx_ptnr3_PDB_ins_code 
_struct_conn.details 
_struct_conn.pdbx_dist_value 
_struct_conn.pdbx_value_order 
_struct_conn.pdbx_role 
covale1  covale both ? B A   6  "O3'" ? ? ? 1_555 B N6G 7  P  ? ? B A   7  B N6G 8  1_555 ? ? ? ? ? ? ?                    1.602 ? 
? 
covale2  covale both ? B N6G 7  "O3'" ? ? ? 1_555 B A   8  P  ? ? B N6G 8  B A   9  1_555 ? ? ? ? ? ? ?                    1.617 ? 
? 
hydrog1  hydrog ?    ? A C   2  N3    ? ? ? 1_555 B G   12 N1 ? ? A C   2  B G   13 1_555 ? ? ? ? ? ? WATSON-CRICK         ?     ? 
? 
hydrog2  hydrog ?    ? A C   2  N4    ? ? ? 1_555 B G   12 O6 ? ? A C   2  B G   13 1_555 ? ? ? ? ? ? WATSON-CRICK         ?     ? 
? 
hydrog3  hydrog ?    ? A C   2  O2    ? ? ? 1_555 B G   12 N2 ? ? A C   2  B G   13 1_555 ? ? ? ? ? ? WATSON-CRICK         ?     ? 
? 
hydrog4  hydrog ?    ? A C   3  N3    ? ? ? 1_555 B G   11 N1 ? ? A C   3  B G   12 1_555 ? ? ? ? ? ? WATSON-CRICK         ?     ? 
? 
hydrog5  hydrog ?    ? A C   3  N4    ? ? ? 1_555 B G   11 O6 ? ? A C   3  B G   12 1_555 ? ? ? ? ? ? WATSON-CRICK         ?     ? 
? 
hydrog6  hydrog ?    ? A C   3  O2    ? ? ? 1_555 B G   11 N2 ? ? A C   3  B G   12 1_555 ? ? ? ? ? ? WATSON-CRICK         ?     ? 
? 
hydrog7  hydrog ?    ? A C   4  N3    ? ? ? 1_555 B G   10 N1 ? ? A C   4  B G   11 1_555 ? ? ? ? ? ? WATSON-CRICK         ?     ? 
? 
hydrog8  hydrog ?    ? A C   4  N4    ? ? ? 1_555 B G   10 O6 ? ? A C   4  B G   11 1_555 ? ? ? ? ? ? WATSON-CRICK         ?     ? 
? 
hydrog9  hydrog ?    ? A C   4  O2    ? ? ? 1_555 B G   10 N2 ? ? A C   4  B G   11 1_555 ? ? ? ? ? ? WATSON-CRICK         ?     ? 
? 
hydrog10 hydrog ?    ? A A   5  N3    ? ? ? 1_555 B A   8  N6 ? ? A A   5  B A   9  1_555 ? ? ? ? ? ? 'A-A MISPAIR'        ?     ? 
? 
hydrog11 hydrog ?    ? A A   5  N3    ? ? ? 1_555 B A   9  N6 ? ? A A   5  B A   10 1_555 ? ? ? ? ? ? 'A-A MISPAIR'        ?     ? 
? 
hydrog12 hydrog ?    ? A G   6  N1    ? ? ? 1_555 C C   11 N3 ? ? A G   6  C C   25 1_555 ? ? ? ? ? ? WATSON-CRICK         ?     ? 
? 
hydrog13 hydrog ?    ? A G   6  N2    ? ? ? 1_555 C C   11 O2 ? ? A G   6  C C   25 1_555 ? ? ? ? ? ? WATSON-CRICK         ?     ? 
? 
hydrog14 hydrog ?    ? A G   6  O6    ? ? ? 1_555 C C   11 N4 ? ? A G   6  C C   25 1_555 ? ? ? ? ? ? WATSON-CRICK         ?     ? 
? 
hydrog15 hydrog ?    ? A U   7  O4    ? ? ? 1_555 B N6G 7  N2 ? ? A U   7  B N6G 8  1_555 ? ? ? ? ? ? 'U-N6G MISPAIR'      ?     ? 
? 
hydrog16 hydrog ?    ? A C   8  N4    ? ? ? 1_555 B A   6  N1 ? ? A C   8  B A   7  1_555 ? ? ? ? ? ? 'C-A MISPAIR'        ?     ? 
? 
hydrog17 hydrog ?    ? A C   9  N3    ? ? ? 1_555 B G   5  N1 ? ? A C   9  B G   6  1_555 ? ? ? ? ? ? WATSON-CRICK         ?     ? 
? 
hydrog18 hydrog ?    ? A C   9  N4    ? ? ? 1_555 B G   5  O6 ? ? A C   9  B G   6  1_555 ? ? ? ? ? ? WATSON-CRICK         ?     ? 
? 
hydrog19 hydrog ?    ? A C   9  O2    ? ? ? 1_555 B G   5  N2 ? ? A C   9  B G   6  1_555 ? ? ? ? ? ? WATSON-CRICK         ?     ? 
? 
hydrog20 hydrog ?    ? A A   10 N1    ? ? ? 1_555 B U   4  N3 ? ? A A   10 B U   5  1_555 ? ? ? ? ? ? WATSON-CRICK         ?     ? 
? 
hydrog21 hydrog ?    ? A A   10 N6    ? ? ? 1_555 B U   4  O4 ? ? A A   10 B U   5  1_555 ? ? ? ? ? ? WATSON-CRICK         ?     ? 
? 
hydrog22 hydrog ?    ? A C   11 N3    ? ? ? 1_555 B G   3  N1 ? ? A C   11 B G   4  1_555 ? ? ? ? ? ? WATSON-CRICK         ?     ? 
? 
hydrog23 hydrog ?    ? A C   11 N4    ? ? ? 1_555 B G   3  O6 ? ? A C   11 B G   4  1_555 ? ? ? ? ? ? WATSON-CRICK         ?     ? 
? 
hydrog24 hydrog ?    ? A C   11 O2    ? ? ? 1_555 B G   3  N2 ? ? A C   11 B G   4  1_555 ? ? ? ? ? ? WATSON-CRICK         ?     ? 
? 
hydrog25 hydrog ?    ? A C   12 O2    ? ? ? 1_555 B G   2  N1 ? ? A C   12 B G   3  1_555 ? ? ? ? ? ? 'C-G PAIR'           ?     ? 
? 
hydrog26 hydrog ?    ? A G   13 N1    ? ? ? 1_555 B C   1  N3 ? ? A G   13 B C   2  1_555 ? ? ? ? ? ? WATSON-CRICK         ?     ? 
? 
hydrog27 hydrog ?    ? A G   13 N2    ? ? ? 1_555 B C   1  O2 ? ? A G   13 B C   2  1_555 ? ? ? ? ? ? WATSON-CRICK         ?     ? 
? 
hydrog28 hydrog ?    ? A G   13 O6    ? ? ? 1_555 B C   1  N4 ? ? A G   13 B C   2  1_555 ? ? ? ? ? ? WATSON-CRICK         ?     ? 
? 
hydrog29 hydrog ?    ? C G   1  N1    ? ? ? 1_555 D C   19 N3 ? ? C G   15 D C   49 1_555 ? ? ? ? ? ? WATSON-CRICK         ?     ? 
? 
hydrog30 hydrog ?    ? C G   1  N2    ? ? ? 1_555 D C   19 O2 ? ? C G   15 D C   49 1_555 ? ? ? ? ? ? WATSON-CRICK         ?     ? 
? 
hydrog31 hydrog ?    ? C G   1  O6    ? ? ? 1_555 D C   19 N4 ? ? C G   15 D C   49 1_555 ? ? ? ? ? ? WATSON-CRICK         ?     ? 
? 
hydrog32 hydrog ?    ? C G   2  N1    ? ? ? 1_555 D C   18 N3 ? ? C G   16 D C   48 1_555 ? ? ? ? ? ? WATSON-CRICK         ?     ? 
? 
hydrog33 hydrog ?    ? C G   2  N2    ? ? ? 1_555 D C   18 O2 ? ? C G   16 D C   48 1_555 ? ? ? ? ? ? WATSON-CRICK         ?     ? 
? 
hydrog34 hydrog ?    ? C G   2  O6    ? ? ? 1_555 D C   18 N4 ? ? C G   16 D C   48 1_555 ? ? ? ? ? ? WATSON-CRICK         ?     ? 
? 
hydrog35 hydrog ?    ? C C   3  N3    ? ? ? 1_555 D G   17 N1 ? ? C C   17 D G   47 1_555 ? ? ? ? ? ? WATSON-CRICK         ?     ? 
? 
hydrog36 hydrog ?    ? C C   3  N4    ? ? ? 1_555 D G   17 O6 ? ? C C   17 D G   47 1_555 ? ? ? ? ? ? WATSON-CRICK         ?     ? 
? 
hydrog37 hydrog ?    ? C C   3  O2    ? ? ? 1_555 D G   17 N2 ? ? C C   17 D G   47 1_555 ? ? ? ? ? ? WATSON-CRICK         ?     ? 
? 
hydrog38 hydrog ?    ? C A   4  N1    ? ? ? 1_555 D U   16 N3 ? ? C A   18 D U   46 1_555 ? ? ? ? ? ? WATSON-CRICK         ?     ? 
? 
hydrog39 hydrog ?    ? C A   4  N6    ? ? ? 1_555 D U   16 O4 ? ? C A   18 D U   46 1_555 ? ? ? ? ? ? WATSON-CRICK         ?     ? 
? 
hydrog40 hydrog ?    ? C G   5  N1    ? ? ? 1_555 D C   15 N3 ? ? C G   19 D C   45 1_555 ? ? ? ? ? ? WATSON-CRICK         ?     ? 
? 
hydrog41 hydrog ?    ? C G   5  N2    ? ? ? 1_555 D C   15 O2 ? ? C G   19 D C   45 1_555 ? ? ? ? ? ? WATSON-CRICK         ?     ? 
? 
hydrog42 hydrog ?    ? C G   5  O6    ? ? ? 1_555 D C   15 N4 ? ? C G   19 D C   45 1_555 ? ? ? ? ? ? WATSON-CRICK         ?     ? 
? 
hydrog43 hydrog ?    ? C A   6  N1    ? ? ? 1_555 D C   14 N4 ? ? C A   20 D C   44 1_555 ? ? ? ? ? ? 'A-C MISPAIR'        ?     ? 
? 
hydrog44 hydrog ?    ? C G   7  N2    ? ? ? 1_555 D A   13 N7 ? ? C G   21 D A   43 1_555 ? ? ? ? ? ? TYPE_11_PAIR         ?     ? 
? 
hydrog45 hydrog ?    ? C G   7  N3    ? ? ? 1_555 D A   13 N6 ? ? C G   21 D A   43 1_555 ? ? ? ? ? ? TYPE_11_PAIR         ?     ? 
? 
hydrog46 hydrog ?    ? C A   8  N6    ? ? ? 1_555 D U   11 O2 ? ? C A   22 D U   41 1_555 ? ? ? ? ? ? 'REVERSED HOOGSTEEN' ?     ? 
? 
hydrog47 hydrog ?    ? C A   8  N7    ? ? ? 1_555 D U   11 N3 ? ? C A   22 D U   41 1_555 ? ? ? ? ? ? 'REVERSED HOOGSTEEN' ?     ? 
? 
hydrog48 hydrog ?    ? C A   9  N6    ? ? ? 1_555 D A   10 N1 ? ? C A   23 D A   40 1_555 ? ? ? ? ? ? 'A-A MISPAIR'        ?     ? 
? 
hydrog49 hydrog ?    ? C A   10 N6    ? ? ? 1_555 D A   8  N7 ? ? C A   24 D A   38 1_555 ? ? ? ? ? ? 'A-A MISPAIR'        ?     ? 
? 
hydrog50 hydrog ?    ? C A   12 N1    ? ? ? 1_555 D G   6  N1 ? ? C A   26 D G   36 1_555 ? ? ? ? ? ? TYPE_8_PAIR          ?     ? 
? 
hydrog51 hydrog ?    ? C A   12 N6    ? ? ? 1_555 D G   6  O6 ? ? C A   26 D G   36 1_555 ? ? ? ? ? ? TYPE_8_PAIR          ?     ? 
? 
hydrog52 hydrog ?    ? C C   13 N3    ? ? ? 1_555 D G   5  N1 ? ? C C   27 D G   35 1_555 ? ? ? ? ? ? WATSON-CRICK         ?     ? 
? 
hydrog53 hydrog ?    ? C C   13 N4    ? ? ? 1_555 D G   5  O6 ? ? C C   27 D G   35 1_555 ? ? ? ? ? ? WATSON-CRICK         ?     ? 
? 
hydrog54 hydrog ?    ? C C   13 O2    ? ? ? 1_555 D G   5  N2 ? ? C C   27 D G   35 1_555 ? ? ? ? ? ? WATSON-CRICK         ?     ? 
? 
hydrog55 hydrog ?    ? C A   14 N1    ? ? ? 1_555 D U   4  N3 ? ? C A   28 D U   34 1_555 ? ? ? ? ? ? WATSON-CRICK         ?     ? 
? 
hydrog56 hydrog ?    ? C A   14 N6    ? ? ? 1_555 D U   4  O4 ? ? C A   28 D U   34 1_555 ? ? ? ? ? ? WATSON-CRICK         ?     ? 
? 
hydrog57 hydrog ?    ? C C   15 N3    ? ? ? 1_555 D G   3  N1 ? ? C C   29 D G   33 1_555 ? ? ? ? ? ? WATSON-CRICK         ?     ? 
? 
hydrog58 hydrog ?    ? C C   15 N4    ? ? ? 1_555 D G   3  O6 ? ? C C   29 D G   33 1_555 ? ? ? ? ? ? WATSON-CRICK         ?     ? 
? 
hydrog59 hydrog ?    ? C C   15 O2    ? ? ? 1_555 D G   3  N2 ? ? C C   29 D G   33 1_555 ? ? ? ? ? ? WATSON-CRICK         ?     ? 
? 
hydrog60 hydrog ?    ? C G   16 N1    ? ? ? 1_555 D C   2  N3 ? ? C G   30 D C   32 1_555 ? ? ? ? ? ? WATSON-CRICK         ?     ? 
? 
hydrog61 hydrog ?    ? C G   16 N2    ? ? ? 1_555 D C   2  O2 ? ? C G   30 D C   32 1_555 ? ? ? ? ? ? WATSON-CRICK         ?     ? 
? 
hydrog62 hydrog ?    ? C G   16 O6    ? ? ? 1_555 D C   2  N4 ? ? C G   30 D C   32 1_555 ? ? ? ? ? ? WATSON-CRICK         ?     ? 
? 
hydrog63 hydrog ?    ? C A   17 N1    ? ? ? 1_555 D U   1  N3 ? ? C A   31 D U   31 1_555 ? ? ? ? ? ? WATSON-CRICK         ?     ? 
? 
hydrog64 hydrog ?    ? C A   17 N6    ? ? ? 1_555 D U   1  O4 ? ? C A   31 D U   31 1_555 ? ? ? ? ? ? WATSON-CRICK         ?     ? 
? 
# 
loop_
_struct_conn_type.id 
_struct_conn_type.criteria 
_struct_conn_type.reference 
covale ? ? 
hydrog ? ? 
# 
_struct_site.id                   AC1 
_struct_site.pdbx_evidence_code   Software 
_struct_site.pdbx_auth_asym_id    C 
_struct_site.pdbx_auth_comp_id    NCO 
_struct_site.pdbx_auth_seq_id     11 
_struct_site.pdbx_auth_ins_code   ? 
_struct_site.pdbx_num_residues    5 
_struct_site.details              'BINDING SITE FOR RESIDUE NCO C 11' 
# 
loop_
_struct_site_gen.id 
_struct_site_gen.site_id 
_struct_site_gen.pdbx_num_res 
_struct_site_gen.label_comp_id 
_struct_site_gen.label_asym_id 
_struct_site_gen.label_seq_id 
_struct_site_gen.pdbx_auth_ins_code 
_struct_site_gen.auth_comp_id 
_struct_site_gen.auth_asym_id 
_struct_site_gen.auth_seq_id 
_struct_site_gen.label_atom_id 
_struct_site_gen.label_alt_id 
_struct_site_gen.symmetry 
_struct_site_gen.details 
1 AC1 5 G C 5  ? G C 19 . ? 1_555 ? 
2 AC1 5 A C 6  ? A C 20 . ? 1_555 ? 
3 AC1 5 G C 7  ? G C 21 . ? 1_555 ? 
4 AC1 5 A D 10 ? A D 40 . ? 1_555 ? 
5 AC1 5 U D 11 ? U D 41 . ? 1_555 ? 
# 
_atom_sites.entry_id                    2FGP 
_atom_sites.fract_transf_matrix[1][1]   -0.01045964 
_atom_sites.fract_transf_matrix[1][2]   0.00609419 
_atom_sites.fract_transf_matrix[1][3]   -0.00225531 
_atom_sites.fract_transf_matrix[2][1]   -0.00195830 
_atom_sites.fract_transf_matrix[2][2]   0.01099757 
_atom_sites.fract_transf_matrix[2][3]   0.00518201 
_atom_sites.fract_transf_matrix[3][1]   0.00336452 
_atom_sites.fract_transf_matrix[3][2]   0.00349792 
_atom_sites.fract_transf_matrix[3][3]   -0.00615203 
_atom_sites.fract_transf_vector[1]      0.430738 
_atom_sites.fract_transf_vector[2]      0.210262 
_atom_sites.fract_transf_vector[3]      0.385518 
# 
loop_
_atom_type.symbol 
C  
CO 
N  
O  
P  
# 
loop_
_atom_site.group_PDB 
_atom_site.id 
_atom_site.type_symbol 
_atom_site.label_atom_id 
_atom_site.label_alt_id 
_atom_site.label_comp_id 
_atom_site.label_asym_id 
_atom_site.label_entity_id 
_atom_site.label_seq_id 
_atom_site.pdbx_PDB_ins_code 
_atom_site.Cartn_x 
_atom_site.Cartn_y 
_atom_site.Cartn_z 
_atom_site.occupancy 
_atom_site.B_iso_or_equiv 
_atom_site.pdbx_formal_charge 
_atom_site.auth_seq_id 
_atom_site.auth_comp_id 
_atom_site.auth_asym_id 
_atom_site.auth_atom_id 
_atom_site.pdbx_PDB_model_num 
ATOM   1    O  "O5'" A U   A 1 1  ? -5.860  18.676  -6.081  0.50 88.24  ? 1  U   A "O5'" 1 
ATOM   2    O  "O5'" B U   A 1 1  ? -4.815  18.299  -7.095  0.50 94.22  ? 1  U   A "O5'" 1 
ATOM   3    C  "C5'" A U   A 1 1  ? -5.008  19.752  -6.493  0.50 89.00  ? 1  U   A "C5'" 1 
ATOM   4    C  "C5'" B U   A 1 1  ? -5.046  19.502  -6.348  0.50 96.07  ? 1  U   A "C5'" 1 
ATOM   5    C  "C4'" A U   A 1 1  ? -3.907  20.078  -5.502  0.50 89.85  ? 1  U   A "C4'" 1 
ATOM   6    C  "C4'" B U   A 1 1  ? -3.782  20.143  -5.805  0.50 96.95  ? 1  U   A "C4'" 1 
ATOM   7    O  "O4'" A U   A 1 1  ? -4.477  20.606  -4.268  0.50 87.81  ? 1  U   A "O4'" 1 
ATOM   8    O  "O4'" B U   A 1 1  ? -4.112  20.975  -4.649  0.50 97.29  ? 1  U   A "O4'" 1 
ATOM   9    C  "C3'" A U   A 1 1  ? -3.049  18.903  -5.071  0.50 89.10  ? 1  U   A "C3'" 1 
ATOM   10   C  "C3'" B U   A 1 1  ? -2.740  19.184  -5.242  0.50 96.07  ? 1  U   A "C3'" 1 
ATOM   11   O  "O3'" A U   A 1 1  ? -2.003  18.656  -6.018  0.50 92.40  ? 1  U   A "O3'" 1 
ATOM   12   O  "O3'" B U   A 1 1  ? -1.900  18.682  -6.233  0.50 96.13  ? 1  U   A "O3'" 1 
ATOM   13   C  "C2'" A U   A 1 1  ? -2.566  19.354  -3.691  0.50 86.47  ? 1  U   A "C2'" 1 
ATOM   14   C  "C2'" B U   A 1 1  ? -1.943  20.091  -4.331  0.50 94.86  ? 1  U   A "C2'" 1 
ATOM   15   O  "O2'" A U   A 1 1  ? -1.498  20.279  -3.739  0.50 87.19  ? 1  U   A "O2'" 1 
ATOM   16   O  "O2'" B U   A 1 1  ? -1.086  20.977  -5.026  0.50 95.02  ? 1  U   A "O2'" 1 
ATOM   17   C  "C1'" A U   A 1 1  ? -3.818  20.046  -3.142  0.50 82.17  ? 1  U   A "C1'" 1 
ATOM   18   C  "C1'" B U   A 1 1  ? -3.079  20.860  -3.684  0.50 92.45  ? 1  U   A "C1'" 1 
ATOM   19   N  N1    A U   A 1 1  ? -4.763  19.096  -2.546  0.50 77.05  ? 1  U   A N1    1 
ATOM   20   N  N1    B U   A 1 1  ? -3.591  20.097  -2.545  0.50 88.70  ? 1  U   A N1    1 
ATOM   21   C  C2    A U   A 1 1  ? -4.710  18.811  -1.181  0.50 76.16  ? 1  U   A C2    1 
ATOM   22   C  C2    B U   A 1 1  ? -4.560  19.114  -2.762  0.50 87.45  ? 1  U   A C2    1 
ATOM   23   O  O2    A U   A 1 1  ? -3.941  19.354  -0.397  0.50 77.24  ? 1  U   A O2    1 
ATOM   24   O  O2    B U   A 1 1  ? -5.063  18.877  -3.848  0.50 86.28  ? 1  U   A O2    1 
ATOM   25   N  N3    A U   A 1 1  ? -5.611  17.859  -0.773  0.50 73.44  ? 1  U   A N3    1 
ATOM   26   N  N3    B U   A 1 1  ? -4.927  18.419  -1.642  0.50 86.63  ? 1  U   A N3    1 
ATOM   27   C  C4    A U   A 1 1  ? -6.535  17.201  -1.568  0.50 71.67  ? 1  U   A C4    1 
ATOM   28   C  C4    B U   A 1 1  ? -4.440  18.591  -0.362  0.50 86.59  ? 1  U   A C4    1 
ATOM   29   O  O4    A U   A 1 1  ? -7.225  16.314  -1.081  0.50 71.13  ? 1  U   A O4    1 
ATOM   30   O  O4    B U   A 1 1  ? -4.867  17.877  0.549   0.50 81.59  ? 1  U   A O4    1 
ATOM   31   C  C5    A U   A 1 1  ? -6.535  17.587  -2.940  0.50 71.77  ? 1  U   A C5    1 
ATOM   32   C  C5    B U   A 1 1  ? -3.454  19.622  -0.229  0.50 86.64  ? 1  U   A C5    1 
ATOM   33   C  C6    A U   A 1 1  ? -5.677  18.492  -3.363  0.50 73.97  ? 1  U   A C6    1 
ATOM   34   C  C6    B U   A 1 1  ? -3.081  20.324  -1.298  0.50 87.86  ? 1  U   A C6    1 
ATOM   35   P  P     . C   A 1 2  ? -1.369  17.185  -6.130  1.00 97.23  ? 2  C   A P     1 
ATOM   36   O  OP1   . C   A 1 2  ? -0.012  17.284  -6.763  1.00 97.90  ? 2  C   A OP1   1 
ATOM   37   O  OP2   . C   A 1 2  ? -2.410  16.309  -6.727  1.00 93.51  ? 2  C   A OP2   1 
ATOM   38   O  "O5'" . C   A 1 2  ? -1.159  16.854  -4.586  1.00 88.80  ? 2  C   A "O5'" 1 
ATOM   39   C  "C5'" . C   A 1 2  ? -0.114  17.521  -3.955  1.00 78.34  ? 2  C   A "C5'" 1 
ATOM   40   C  "C4'" . C   A 1 2  ? 0.106   17.180  -2.491  1.00 77.61  ? 2  C   A "C4'" 1 
ATOM   41   O  "O4'" . C   A 1 2  ? -1.149  17.346  -1.735  1.00 76.81  ? 2  C   A "O4'" 1 
ATOM   42   C  "C3'" . C   A 1 2  ? 0.542   15.746  -2.188  1.00 76.42  ? 2  C   A "C3'" 1 
ATOM   43   O  "O3'" . C   A 1 2  ? 1.862   15.262  -2.407  1.00 78.04  ? 2  C   A "O3'" 1 
ATOM   44   C  "C2'" . C   A 1 2  ? -0.308  15.200  -1.057  1.00 75.07  ? 2  C   A "C2'" 1 
ATOM   45   O  "O2'" . C   A 1 2  ? 0.452   15.430  0.116   1.00 75.58  ? 2  C   A "O2'" 1 
ATOM   46   C  "C1'" . C   A 1 2  ? -1.401  16.226  -0.893  1.00 71.77  ? 2  C   A "C1'" 1 
ATOM   47   N  N1    . C   A 1 2  ? -2.682  15.534  -1.146  1.00 67.97  ? 2  C   A N1    1 
ATOM   48   C  C2    . C   A 1 2  ? -3.234  14.773  -0.079  1.00 65.88  ? 2  C   A C2    1 
ATOM   49   O  O2    . C   A 1 2  ? -2.699  14.827  1.042   1.00 69.32  ? 2  C   A O2    1 
ATOM   50   N  N3    . C   A 1 2  ? -4.328  14.009  -0.300  1.00 60.72  ? 2  C   A N3    1 
ATOM   51   C  C4    . C   A 1 2  ? -4.892  13.993  -1.507  1.00 62.26  ? 2  C   A C4    1 
ATOM   52   N  N4    . C   A 1 2  ? -5.944  13.193  -1.691  1.00 59.87  ? 2  C   A N4    1 
ATOM   53   C  C5    . C   A 1 2  ? -4.395  14.793  -2.587  1.00 65.93  ? 2  C   A C5    1 
ATOM   54   C  C6    . C   A 1 2  ? -3.299  15.549  -2.363  1.00 63.81  ? 2  C   A C6    1 
ATOM   55   P  P     . C   A 1 3  ? 2.078   13.754  -2.979  1.00 74.92  ? 3  C   A P     1 
ATOM   56   O  OP1   . C   A 1 3  ? 3.500   13.689  -3.380  1.00 73.95  ? 3  C   A OP1   1 
ATOM   57   O  OP2   . C   A 1 3  ? 1.029   13.403  -3.963  1.00 73.71  ? 3  C   A OP2   1 
ATOM   58   O  "O5'" . C   A 1 3  ? 1.869   12.835  -1.694  1.00 69.14  ? 3  C   A "O5'" 1 
ATOM   59   C  "C5'" . C   A 1 3  ? 2.201   13.387  -0.447  1.00 62.23  ? 3  C   A "C5'" 1 
ATOM   60   C  "C4'" . C   A 1 3  ? 2.293   12.372  0.662   1.00 66.14  ? 3  C   A "C4'" 1 
ATOM   61   O  "O4'" . C   A 1 3  ? 1.030   12.395  1.377   1.00 70.03  ? 3  C   A "O4'" 1 
ATOM   62   C  "C3'" . C   A 1 3  ? 2.573   10.916  0.338   1.00 68.98  ? 3  C   A "C3'" 1 
ATOM   63   O  "O3'" . C   A 1 3  ? 3.893   10.443  0.240   1.00 72.35  ? 3  C   A "O3'" 1 
ATOM   64   C  "C2'" . C   A 1 3  ? 1.524   10.076  1.045   1.00 69.81  ? 3  C   A "C2'" 1 
ATOM   65   O  "O2'" . C   A 1 3  ? 2.138   9.720   2.270   1.00 70.01  ? 3  C   A "O2'" 1 
ATOM   66   C  "C1'" . C   A 1 3  ? 0.493   11.091  1.502   1.00 68.93  ? 3  C   A "C1'" 1 
ATOM   67   N  N1    . C   A 1 3  ? -0.737  10.922  0.680   1.00 67.81  ? 3  C   A N1    1 
ATOM   68   C  C2    . C   A 1 3  ? -1.761  10.092  1.173   1.00 65.49  ? 3  C   A C2    1 
ATOM   69   O  O2    . C   A 1 3  ? -1.626  9.573   2.287   1.00 69.02  ? 3  C   A O2    1 
ATOM   70   N  N3    . C   A 1 3  ? -2.861  9.877   0.424   1.00 63.12  ? 3  C   A N3    1 
ATOM   71   C  C4    . C   A 1 3  ? -2.973  10.450  -0.775  1.00 63.75  ? 3  C   A C4    1 
ATOM   72   N  N4    . C   A 1 3  ? -4.066  10.198  -1.489  1.00 60.61  ? 3  C   A N4    1 
ATOM   73   C  C5    . C   A 1 3  ? -1.962  11.306  -1.301  1.00 63.67  ? 3  C   A C5    1 
ATOM   74   C  C6    . C   A 1 3  ? -0.872  11.518  -0.545  1.00 65.93  ? 3  C   A C6    1 
ATOM   75   P  P     . C   A 1 4  ? 4.198   9.150   -0.664  1.00 71.65  ? 4  C   A P     1 
ATOM   76   O  OP1   . C   A 1 4  ? 5.667   8.943   -0.706  1.00 78.92  ? 4  C   A OP1   1 
ATOM   77   O  OP2   . C   A 1 4  ? 3.421   9.147   -1.935  1.00 72.68  ? 4  C   A OP2   1 
ATOM   78   O  "O5'" . C   A 1 4  ? 3.573   8.001   0.212   1.00 74.38  ? 4  C   A "O5'" 1 
ATOM   79   C  "C5'" . C   A 1 4  ? 3.238   6.793   -0.377  1.00 72.04  ? 4  C   A "C5'" 1 
ATOM   80   C  "C4'" . C   A 1 4  ? 2.518   5.976   0.610   1.00 72.64  ? 4  C   A "C4'" 1 
ATOM   81   O  "O4'" . C   A 1 4  ? 1.271   6.652   0.888   1.00 72.61  ? 4  C   A "O4'" 1 
ATOM   82   C  "C3'" . C   A 1 4  ? 2.185   4.628   0.055   1.00 74.68  ? 4  C   A "C3'" 1 
ATOM   83   O  "O3'" . C   A 1 4  ? 3.185   3.652   0.241   1.00 78.94  ? 4  C   A "O3'" 1 
ATOM   84   C  "C2'" . C   A 1 4  ? 0.692   4.413   0.250   1.00 72.54  ? 4  C   A "C2'" 1 
ATOM   85   O  "O2'" . C   A 1 4  ? 0.546   3.593   1.389   1.00 79.05  ? 4  C   A "O2'" 1 
ATOM   86   C  "C1'" . C   A 1 4  ? 0.179   5.785   0.683   1.00 70.87  ? 4  C   A "C1'" 1 
ATOM   87   N  N1    . C   A 1 4  ? -0.719  6.358   -0.354  1.00 67.53  ? 4  C   A N1    1 
ATOM   88   C  C2    . C   A 1 4  ? -2.035  5.878   -0.441  1.00 66.79  ? 4  C   A C2    1 
ATOM   89   O  O2    . C   A 1 4  ? -2.415  5.022   0.367   1.00 68.39  ? 4  C   A O2    1 
ATOM   90   N  N3    . C   A 1 4  ? -2.858  6.357   -1.404  1.00 64.85  ? 4  C   A N3    1 
ATOM   91   C  C4    . C   A 1 4  ? -2.419  7.279   -2.256  1.00 61.88  ? 4  C   A C4    1 
ATOM   92   N  N4    . C   A 1 4  ? -3.266  7.714   -3.193  1.00 59.04  ? 4  C   A N4    1 
ATOM   93   C  C5    . C   A 1 4  ? -1.096  7.797   -2.188  1.00 61.56  ? 4  C   A C5    1 
ATOM   94   C  C6    . C   A 1 4  ? -0.285  7.316   -1.227  1.00 65.04  ? 4  C   A C6    1 
ATOM   95   P  P     . A   A 1 5  ? 4.211   3.341   -0.970  1.00 83.67  ? 5  A   A P     1 
ATOM   96   O  OP1   . A   A 1 5  ? 5.287   2.513   -0.359  1.00 82.38  ? 5  A   A OP1   1 
ATOM   97   O  OP2   . A   A 1 5  ? 4.557   4.565   -1.733  1.00 74.05  ? 5  A   A OP2   1 
ATOM   98   O  "O5'" . A   A 1 5  ? 3.298   2.451   -1.906  1.00 86.89  ? 5  A   A "O5'" 1 
ATOM   99   C  "C5'" . A   A 1 5  ? 2.220   1.813   -1.279  1.00 92.13  ? 5  A   A "C5'" 1 
ATOM   100  C  "C4'" . A   A 1 5  ? 1.289   1.123   -2.227  1.00 95.90  ? 5  A   A "C4'" 1 
ATOM   101  O  "O4'" . A   A 1 5  ? 0.169   2.018   -2.525  1.00 98.51  ? 5  A   A "O4'" 1 
ATOM   102  C  "C3'" . A   A 1 5  ? 1.839   0.744   -3.588  1.00 101.98 ? 5  A   A "C3'" 1 
ATOM   103  O  "O3'" . A   A 1 5  ? 2.274   -0.548  -3.876  1.00 113.98 ? 5  A   A "O3'" 1 
ATOM   104  C  "C2'" . A   A 1 5  ? 1.242   1.635   -4.651  1.00 99.05  ? 5  A   A "C2'" 1 
ATOM   105  O  "O2'" . A   A 1 5  ? 0.549   0.725   -5.502  1.00 100.86 ? 5  A   A "O2'" 1 
ATOM   106  C  "C1'" . A   A 1 5  ? 0.113   2.328   -3.911  1.00 94.91  ? 5  A   A "C1'" 1 
ATOM   107  N  N9    . A   A 1 5  ? 0.237   3.759   -4.170  1.00 89.30  ? 5  A   A N9    1 
ATOM   108  C  C8    . A   A 1 5  ? 1.239   4.620   -3.805  1.00 89.20  ? 5  A   A C8    1 
ATOM   109  N  N7    . A   A 1 5  ? 1.127   5.811   -4.343  1.00 88.63  ? 5  A   A N7    1 
ATOM   110  C  C5    . A   A 1 5  ? -0.048  5.735   -5.084  1.00 87.02  ? 5  A   A C5    1 
ATOM   111  C  C6    . A   A 1 5  ? -0.719  6.662   -5.908  1.00 85.31  ? 5  A   A C6    1 
ATOM   112  N  N6    . A   A 1 5  ? -0.272  7.897   -6.149  1.00 87.29  ? 5  A   A N6    1 
ATOM   113  N  N1    . A   A 1 5  ? -1.873  6.270   -6.494  1.00 85.48  ? 5  A   A N1    1 
ATOM   114  C  C2    . A   A 1 5  ? -2.308  5.028   -6.271  1.00 85.15  ? 5  A   A C2    1 
ATOM   115  N  N3    . A   A 1 5  ? -1.764  4.066   -5.531  1.00 85.82  ? 5  A   A N3    1 
ATOM   116  C  C4    . A   A 1 5  ? -0.624  4.487   -4.959  1.00 87.21  ? 5  A   A C4    1 
ATOM   117  P  P     . G   A 1 6  ? 3.171   -0.815  -5.176  1.00 121.75 ? 6  G   A P     1 
ATOM   118  O  OP1   . G   A 1 6  ? 4.592   -0.581  -4.755  1.00 119.13 ? 6  G   A OP1   1 
ATOM   119  O  OP2   . G   A 1 6  ? 2.627   -0.063  -6.354  1.00 124.31 ? 6  G   A OP2   1 
ATOM   120  O  "O5'" . G   A 1 6  ? 2.866   -2.369  -5.399  1.00 113.52 ? 6  G   A "O5'" 1 
ATOM   121  C  "C5'" . G   A 1 6  ? 1.502   -2.876  -5.500  1.00 96.10  ? 6  G   A "C5'" 1 
ATOM   122  C  "C4'" . G   A 1 6  ? 1.518   -4.407  -5.587  1.00 91.15  ? 6  G   A "C4'" 1 
ATOM   123  O  "O4'" . G   A 1 6  ? 1.282   -5.019  -4.270  1.00 85.31  ? 6  G   A "O4'" 1 
ATOM   124  C  "C3'" . G   A 1 6  ? 0.368   -4.927  -6.477  1.00 86.19  ? 6  G   A "C3'" 1 
ATOM   125  O  "O3'" . G   A 1 6  ? 0.766   -6.104  -7.176  1.00 90.51  ? 6  G   A "O3'" 1 
ATOM   126  C  "C2'" . G   A 1 6  ? -0.735  -5.371  -5.525  1.00 81.72  ? 6  G   A "C2'" 1 
ATOM   127  O  "O2'" . G   A 1 6  ? -1.317  -6.588  -5.916  1.00 81.35  ? 6  G   A "O2'" 1 
ATOM   128  C  "C1'" . G   A 1 6  ? 0.095   -5.771  -4.325  1.00 73.94  ? 6  G   A "C1'" 1 
ATOM   129  N  N9    . G   A 1 6  ? -0.517  -6.026  -3.033  1.00 68.42  ? 6  G   A N9    1 
ATOM   130  C  C8    . G   A 1 6  ? -0.092  -6.916  -2.072  1.00 66.63  ? 6  G   A C8    1 
ATOM   131  N  N7    . G   A 1 6  ? -0.898  -6.985  -1.048  1.00 61.32  ? 6  G   A N7    1 
ATOM   132  C  C5    . G   A 1 6  ? -1.908  -6.072  -1.341  1.00 60.79  ? 6  G   A C5    1 
ATOM   133  C  C6    . G   A 1 6  ? -3.068  -5.703  -0.602  1.00 59.21  ? 6  G   A C6    1 
ATOM   134  O  O6    . G   A 1 6  ? -3.452  -6.128  0.495   1.00 57.36  ? 6  G   A O6    1 
ATOM   135  N  N1    . G   A 1 6  ? -3.814  -4.732  -1.272  1.00 57.89  ? 6  G   A N1    1 
ATOM   136  C  C2    . G   A 1 6  ? -3.485  -4.186  -2.496  1.00 60.98  ? 6  G   A C2    1 
ATOM   137  N  N2    . G   A 1 6  ? -4.318  -3.253  -2.987  1.00 60.94  ? 6  G   A N2    1 
ATOM   138  N  N3    . G   A 1 6  ? -2.415  -4.528  -3.191  1.00 61.28  ? 6  G   A N3    1 
ATOM   139  C  C4    . G   A 1 6  ? -1.676  -5.468  -2.557  1.00 63.78  ? 6  G   A C4    1 
ATOM   140  P  P     . U   A 1 7  ? 0.970   -6.119  -8.761  1.00 92.61  ? 7  U   A P     1 
ATOM   141  O  OP1   . U   A 1 7  ? 1.446   -7.503  -8.995  1.00 93.04  ? 7  U   A OP1   1 
ATOM   142  O  OP2   . U   A 1 7  ? 1.805   -4.976  -9.176  1.00 92.32  ? 7  U   A OP2   1 
ATOM   143  O  "O5'" . U   A 1 7  ? -0.476  -5.929  -9.382  1.00 88.03  ? 7  U   A "O5'" 1 
ATOM   144  C  "C5'" . U   A 1 7  ? -1.574  -6.677  -8.911  1.00 89.00  ? 7  U   A "C5'" 1 
ATOM   145  C  "C4'" . U   A 1 7  ? -2.730  -6.557  -9.872  1.00 89.31  ? 7  U   A "C4'" 1 
ATOM   146  O  "O4'" . U   A 1 7  ? -3.671  -5.571  -9.374  1.00 92.90  ? 7  U   A "O4'" 1 
ATOM   147  C  "C3'" . U   A 1 7  ? -2.386  -6.082  -11.282 1.00 91.61  ? 7  U   A "C3'" 1 
ATOM   148  O  "O3'" . U   A 1 7  ? -1.956  -7.156  -12.130 1.00 93.00  ? 7  U   A "O3'" 1 
ATOM   149  C  "C2'" . U   A 1 7  ? -3.720  -5.516  -11.748 1.00 92.40  ? 7  U   A "C2'" 1 
ATOM   150  O  "O2'" . U   A 1 7  ? -4.596  -6.547  -12.159 1.00 92.28  ? 7  U   A "O2'" 1 
ATOM   151  C  "C1'" . U   A 1 7  ? -4.258  -4.881  -10.463 1.00 93.61  ? 7  U   A "C1'" 1 
ATOM   152  N  N1    . U   A 1 7  ? -3.949  -3.450  -10.333 1.00 95.11  ? 7  U   A N1    1 
ATOM   153  C  C2    . U   A 1 7  ? -4.877  -2.541  -10.830 1.00 96.04  ? 7  U   A C2    1 
ATOM   154  O  O2    . U   A 1 7  ? -5.944  -2.881  -11.337 1.00 96.79  ? 7  U   A O2    1 
ATOM   155  N  N3    . U   A 1 7  ? -4.516  -1.219  -10.703 1.00 95.74  ? 7  U   A N3    1 
ATOM   156  C  C4    . U   A 1 7  ? -3.358  -0.723  -10.132 1.00 94.98  ? 7  U   A C4    1 
ATOM   157  O  O4    . U   A 1 7  ? -3.173  0.498   -10.108 1.00 96.14  ? 7  U   A O4    1 
ATOM   158  C  C5    . U   A 1 7  ? -2.459  -1.725  -9.626  1.00 93.20  ? 7  U   A C5    1 
ATOM   159  C  C6    . U   A 1 7  ? -2.778  -3.019  -9.743  1.00 93.75  ? 7  U   A C6    1 
ATOM   160  P  P     . C   A 1 8  ? -1.266  -6.846  -13.566 1.00 92.26  ? 8  C   A P     1 
ATOM   161  O  OP1   . C   A 1 8  ? -1.422  -8.053  -14.406 1.00 93.40  ? 8  C   A OP1   1 
ATOM   162  O  OP2   . C   A 1 8  ? 0.088   -6.299  -13.334 1.00 92.87  ? 8  C   A OP2   1 
ATOM   163  O  "O5'" . C   A 1 8  ? -2.166  -5.712  -14.230 1.00 93.38  ? 8  C   A "O5'" 1 
ATOM   164  C  "C5'" . C   A 1 8  ? -3.337  -6.055  -14.969 1.00 95.96  ? 8  C   A "C5'" 1 
ATOM   165  C  "C4'" . C   A 1 8  ? -3.911  -4.840  -15.674 1.00 102.51 ? 8  C   A "C4'" 1 
ATOM   166  O  "O4'" . C   A 1 8  ? -4.376  -3.872  -14.692 1.00 103.95 ? 8  C   A "O4'" 1 
ATOM   167  C  "C3'" . C   A 1 8  ? -2.955  -4.051  -16.553 1.00 104.62 ? 8  C   A "C3'" 1 
ATOM   168  O  "O3'" . C   A 1 8  ? -2.817  -4.621  -17.845 1.00 109.26 ? 8  C   A "O3'" 1 
ATOM   169  C  "C2'" . C   A 1 8  ? -3.613  -2.676  -16.592 1.00 103.21 ? 8  C   A "C2'" 1 
ATOM   170  O  "O2'" . C   A 1 8  ? -4.696  -2.597  -17.496 1.00 102.10 ? 8  C   A "O2'" 1 
ATOM   171  C  "C1'" . C   A 1 8  ? -4.124  -2.552  -15.158 1.00 104.03 ? 8  C   A "C1'" 1 
ATOM   172  N  N1    . C   A 1 8  ? -3.100  -1.950  -14.287 1.00 105.37 ? 8  C   A N1    1 
ATOM   173  C  C2    . C   A 1 8  ? -3.033  -0.547  -14.167 1.00 106.40 ? 8  C   A C2    1 
ATOM   174  O  O2    . C   A 1 8  ? -3.856  0.156   -14.780 1.00 107.13 ? 8  C   A O2    1 
ATOM   175  N  N3    . C   A 1 8  ? -2.071  0.001   -13.386 1.00 105.91 ? 8  C   A N3    1 
ATOM   176  C  C4    . C   A 1 8  ? -1.206  -0.790  -12.742 1.00 104.80 ? 8  C   A C4    1 
ATOM   177  N  N4    . C   A 1 8  ? -0.270  -0.211  -11.988 1.00 103.80 ? 8  C   A N4    1 
ATOM   178  C  C5    . C   A 1 8  ? -1.259  -2.211  -12.842 1.00 104.33 ? 8  C   A C5    1 
ATOM   179  C  C6    . C   A 1 8  ? -2.212  -2.742  -13.613 1.00 103.77 ? 8  C   A C6    1 
ATOM   180  P  P     . C   A 1 9  ? -1.421  -4.488  -18.621 1.00 113.05 ? 9  C   A P     1 
ATOM   181  O  OP1   . C   A 1 9  ? -1.553  -5.180  -19.921 1.00 112.69 ? 9  C   A OP1   1 
ATOM   182  O  OP2   . C   A 1 9  ? -0.364  -4.912  -17.670 1.00 111.10 ? 9  C   A OP2   1 
ATOM   183  O  "O5'" . C   A 1 9  ? -1.280  -2.920  -18.889 1.00 115.06 ? 9  C   A "O5'" 1 
ATOM   184  C  "C5'" . C   A 1 9  ? -2.257  -2.218  -19.665 1.00 115.80 ? 9  C   A "C5'" 1 
ATOM   185  C  "C4'" . C   A 1 9  ? -1.905  -0.743  -19.781 1.00 117.61 ? 9  C   A "C4'" 1 
ATOM   186  O  "O4'" . C   A 1 9  ? -2.017  -0.111  -18.476 1.00 117.39 ? 9  C   A "O4'" 1 
ATOM   187  C  "C3'" . C   A 1 9  ? -0.492  -0.405  -20.237 1.00 119.53 ? 9  C   A "C3'" 1 
ATOM   188  O  "O3'" . C   A 1 9  ? -0.335  -0.453  -21.653 1.00 123.02 ? 9  C   A "O3'" 1 
ATOM   189  C  "C2'" . C   A 1 9  ? -0.305  1.002   -19.681 1.00 118.38 ? 9  C   A "C2'" 1 
ATOM   190  O  "O2'" . C   A 1 9  ? -0.958  1.988   -20.457 1.00 116.91 ? 9  C   A "O2'" 1 
ATOM   191  C  "C1'" . C   A 1 9  ? -1.015  0.887   -18.334 1.00 115.96 ? 9  C   A "C1'" 1 
ATOM   192  N  N1    . C   A 1 9  ? -0.103  0.486   -17.246 1.00 113.37 ? 9  C   A N1    1 
ATOM   193  C  C2    . C   A 1 9  ? 0.802   1.422   -16.745 1.00 112.29 ? 9  C   A C2    1 
ATOM   194  O  O2    . C   A 1 9  ? 0.823   2.562   -17.239 1.00 111.58 ? 9  C   A O2    1 
ATOM   195  N  N3    . C   A 1 9  ? 1.635   1.063   -15.739 1.00 111.27 ? 9  C   A N3    1 
ATOM   196  C  C4    . C   A 1 9  ? 1.584   -0.173  -15.240 1.00 110.65 ? 9  C   A C4    1 
ATOM   197  N  N4    . C   A 1 9  ? 2.418   -0.485  -14.249 1.00 110.14 ? 9  C   A N4    1 
ATOM   198  C  C5    . C   A 1 9  ? 0.676   -1.145  -15.735 1.00 110.94 ? 9  C   A C5    1 
ATOM   199  C  C6    . C   A 1 9  ? -0.141  -0.779  -16.729 1.00 112.13 ? 9  C   A C6    1 
ATOM   200  P  P     . A   A 1 10 ? 1.101   -0.837  -22.284 1.00 126.64 ? 10 A   A P     1 
ATOM   201  O  OP1   . A   A 1 10 ? 0.923   -1.022  -23.745 1.00 125.82 ? 10 A   A OP1   1 
ATOM   202  O  OP2   . A   A 1 10 ? 1.685   -1.937  -21.468 1.00 125.24 ? 10 A   A OP2   1 
ATOM   203  O  "O5'" . A   A 1 10 ? 1.994   0.463   -22.052 1.00 128.11 ? 10 A   A "O5'" 1 
ATOM   204  C  "C5'" . A   A 1 10 ? 1.699   1.684   -22.729 1.00 131.49 ? 10 A   A "C5'" 1 
ATOM   205  C  "C4'" . A   A 1 10 ? 2.732   2.737   -22.397 1.00 132.83 ? 10 A   A "C4'" 1 
ATOM   206  O  "O4'" . A   A 1 10 ? 2.581   3.159   -21.012 1.00 131.66 ? 10 A   A "O4'" 1 
ATOM   207  C  "C3'" . A   A 1 10 ? 4.174   2.276   -22.476 1.00 135.17 ? 10 A   A "C3'" 1 
ATOM   208  O  "O3'" . A   A 1 10 ? 4.686   2.268   -23.793 1.00 139.44 ? 10 A   A "O3'" 1 
ATOM   209  C  "C2'" . A   A 1 10 ? 4.882   3.273   -21.573 1.00 133.37 ? 10 A   A "C2'" 1 
ATOM   210  O  "O2'" . A   A 1 10 ? 5.114   4.516   -22.210 1.00 133.34 ? 10 A   A "O2'" 1 
ATOM   211  C  "C1'" . A   A 1 10 ? 3.856   3.431   -20.450 1.00 129.37 ? 10 A   A "C1'" 1 
ATOM   212  N  N9    . A   A 1 10 ? 4.105   2.456   -19.390 1.00 125.38 ? 10 A   A N9    1 
ATOM   213  C  C8    . A   A 1 10 ? 3.522   1.225   -19.226 1.00 124.29 ? 10 A   A C8    1 
ATOM   214  N  N7    . A   A 1 10 ? 3.976   0.555   -18.195 1.00 123.47 ? 10 A   A N7    1 
ATOM   215  C  C5    . A   A 1 10 ? 4.918   1.405   -17.633 1.00 122.28 ? 10 A   A C5    1 
ATOM   216  C  C6    . A   A 1 10 ? 5.761   1.278   -16.510 1.00 121.09 ? 10 A   A C6    1 
ATOM   217  N  N6    . A   A 1 10 ? 5.792   0.202   -15.721 1.00 119.06 ? 10 A   A N6    1 
ATOM   218  N  N1    . A   A 1 10 ? 6.584   2.310   -16.224 1.00 122.20 ? 10 A   A N1    1 
ATOM   219  C  C2    . A   A 1 10 ? 6.556   3.393   -17.019 1.00 123.09 ? 10 A   A C2    1 
ATOM   220  N  N3    . A   A 1 10 ? 5.809   3.630   -18.101 1.00 122.74 ? 10 A   A N3    1 
ATOM   221  C  C4    . A   A 1 10 ? 5.003   2.584   -18.357 1.00 123.54 ? 10 A   A C4    1 
ATOM   222  P  P     . C   A 1 11 ? 5.879   1.262   -24.156 1.00 144.09 ? 11 C   A P     1 
ATOM   223  O  OP1   . C   A 1 11 ? 6.044   1.255   -25.630 1.00 144.34 ? 11 C   A OP1   1 
ATOM   224  O  OP2   . C   A 1 11 ? 5.610   -0.011  -23.437 1.00 142.75 ? 11 C   A OP2   1 
ATOM   225  O  "O5'" . C   A 1 11 ? 7.163   1.934   -23.494 1.00 141.34 ? 11 C   A "O5'" 1 
ATOM   226  C  "C5'" . C   A 1 11 ? 7.585   3.238   -23.878 1.00 139.40 ? 11 C   A "C5'" 1 
ATOM   227  C  "C4'" . C   A 1 11 ? 8.664   3.727   -22.946 1.00 139.17 ? 11 C   A "C4'" 1 
ATOM   228  O  "O4'" . C   A 1 11 ? 8.114   3.833   -21.606 1.00 137.46 ? 11 C   A "O4'" 1 
ATOM   229  C  "C3'" . C   A 1 11 ? 9.857   2.797   -22.778 1.00 140.71 ? 11 C   A "C3'" 1 
ATOM   230  O  "O3'" . C   A 1 11 ? 10.823  2.928   -23.814 1.00 143.75 ? 11 C   A "O3'" 1 
ATOM   231  C  "C2'" . C   A 1 11 ? 10.397  3.211   -21.414 1.00 138.83 ? 11 C   A "C2'" 1 
ATOM   232  O  "O2'" . C   A 1 11 ? 11.198  4.379   -21.432 1.00 137.87 ? 11 C   A "O2'" 1 
ATOM   233  C  "C1'" . C   A 1 11 ? 9.099   3.469   -20.650 1.00 136.02 ? 11 C   A "C1'" 1 
ATOM   234  N  N1    . C   A 1 11 ? 8.657   2.240   -19.975 1.00 133.21 ? 11 C   A N1    1 
ATOM   235  C  C2    . C   A 1 11 ? 9.187   1.938   -18.714 1.00 131.49 ? 11 C   A C2    1 
ATOM   236  O  O2    . C   A 1 11 ? 9.985   2.735   -18.193 1.00 128.23 ? 11 C   A O2    1 
ATOM   237  N  N3    . C   A 1 11 ? 8.814   0.789   -18.097 1.00 131.57 ? 11 C   A N3    1 
ATOM   238  C  C4    . C   A 1 11 ? 7.945   -0.039  -18.694 1.00 132.24 ? 11 C   A C4    1 
ATOM   239  N  N4    . C   A 1 11 ? 7.612   -1.168  -18.056 1.00 131.82 ? 11 C   A N4    1 
ATOM   240  C  C5    . C   A 1 11 ? 7.379   0.253   -19.972 1.00 131.98 ? 11 C   A C5    1 
ATOM   241  C  C6    . C   A 1 11 ? 7.758   1.394   -20.569 1.00 132.21 ? 11 C   A C6    1 
ATOM   242  P  P     . C   A 1 12 ? 11.841  1.716   -24.104 1.00 145.55 ? 12 C   A P     1 
ATOM   243  O  OP1   . C   A 1 12 ? 12.718  2.088   -25.244 1.00 145.28 ? 12 C   A OP1   1 
ATOM   244  O  OP2   . C   A 1 12 ? 11.030  0.471   -24.173 1.00 144.09 ? 12 C   A OP2   1 
ATOM   245  O  "O5'" . C   A 1 12 ? 12.741  1.644   -22.791 1.00 141.43 ? 12 C   A "O5'" 1 
ATOM   246  C  "C5'" . C   A 1 12 ? 13.615  2.713   -22.450 1.00 138.70 ? 12 C   A "C5'" 1 
ATOM   247  C  "C4'" . C   A 1 12 ? 14.354  2.400   -21.171 1.00 137.79 ? 12 C   A "C4'" 1 
ATOM   248  O  "O4'" . C   A 1 12 ? 13.394  2.276   -20.083 1.00 135.68 ? 12 C   A "O4'" 1 
ATOM   249  C  "C3'" . C   A 1 12 ? 15.107  1.078   -21.142 1.00 138.09 ? 12 C   A "C3'" 1 
ATOM   250  O  "O3'" . C   A 1 12 ? 16.383  1.131   -21.768 1.00 139.96 ? 12 C   A "O3'" 1 
ATOM   251  C  "C2'" . C   A 1 12 ? 15.197  0.789   -19.648 1.00 135.88 ? 12 C   A "C2'" 1 
ATOM   252  O  "O2'" . C   A 1 12 ? 16.229  1.507   -18.989 1.00 134.19 ? 12 C   A "O2'" 1 
ATOM   253  C  "C1'" . C   A 1 12 ? 13.823  1.266   -19.174 1.00 133.24 ? 12 C   A "C1'" 1 
ATOM   254  N  N1    . C   A 1 12 ? 12.831  0.169   -19.180 1.00 129.54 ? 12 C   A N1    1 
ATOM   255  C  C2    . C   A 1 12 ? 12.837  -0.753  -18.119 1.00 127.66 ? 12 C   A C2    1 
ATOM   256  O  O2    . C   A 1 12 ? 13.668  -0.615  -17.209 1.00 125.43 ? 12 C   A O2    1 
ATOM   257  N  N3    . C   A 1 12 ? 11.938  -1.770  -18.117 1.00 126.80 ? 12 C   A N3    1 
ATOM   258  C  C4    . C   A 1 12 ? 11.060  -1.885  -19.118 1.00 127.16 ? 12 C   A C4    1 
ATOM   259  N  N4    . C   A 1 12 ? 10.190  -2.901  -19.075 1.00 126.62 ? 12 C   A N4    1 
ATOM   260  C  C5    . C   A 1 12 ? 11.033  -0.964  -20.210 1.00 127.85 ? 12 C   A C5    1 
ATOM   261  C  C6    . C   A 1 12 ? 11.925  0.040   -20.198 1.00 128.58 ? 12 C   A C6    1 
ATOM   262  P  P     . G   A 1 13 ? 17.008  -0.209  -22.404 1.00 141.46 ? 13 G   A P     1 
ATOM   263  O  OP1   . G   A 1 13 ? 18.221  0.176   -23.168 1.00 140.91 ? 13 G   A OP1   1 
ATOM   264  O  OP2   . G   A 1 13 ? 15.902  -0.936  -23.094 1.00 138.06 ? 13 G   A OP2   1 
ATOM   265  O  "O5'" . G   A 1 13 ? 17.486  -1.056  -21.140 1.00 139.15 ? 13 G   A "O5'" 1 
ATOM   266  C  "C5'" . G   A 1 13 ? 18.589  -0.618  -20.350 1.00 136.22 ? 13 G   A "C5'" 1 
ATOM   267  C  "C4'" . G   A 1 13 ? 18.870  -1.603  -19.238 1.00 136.73 ? 13 G   A "C4'" 1 
ATOM   268  O  "O4'" . G   A 1 13 ? 17.716  -1.675  -18.361 1.00 135.27 ? 13 G   A "O4'" 1 
ATOM   269  C  "C3'" . G   A 1 13 ? 19.088  -3.045  -19.672 1.00 136.57 ? 13 G   A "C3'" 1 
ATOM   270  O  "O3'" . G   A 1 13 ? 20.389  -3.301  -20.191 1.00 138.32 ? 13 G   A "O3'" 1 
ATOM   271  C  "C2'" . G   A 1 13 ? 18.738  -3.825  -18.411 1.00 135.11 ? 13 G   A "C2'" 1 
ATOM   272  O  "O2'" . G   A 1 13 ? 19.767  -3.837  -17.440 1.00 133.29 ? 13 G   A "O2'" 1 
ATOM   273  C  "C1'" . G   A 1 13 ? 17.573  -3.000  -17.874 1.00 132.99 ? 13 G   A "C1'" 1 
ATOM   274  N  N9    . G   A 1 13 ? 16.262  -3.510  -18.267 1.00 130.04 ? 13 G   A N9    1 
ATOM   275  C  C8    . G   A 1 13 ? 15.478  -3.117  -19.329 1.00 128.71 ? 13 G   A C8    1 
ATOM   276  N  N7    . G   A 1 13 ? 14.330  -3.741  -19.378 1.00 127.59 ? 13 G   A N7    1 
ATOM   277  C  C5    . G   A 1 13 ? 14.364  -4.605  -18.289 1.00 127.42 ? 13 G   A C5    1 
ATOM   278  C  C6    . G   A 1 13 ? 13.395  -5.533  -17.812 1.00 126.52 ? 13 G   A C6    1 
ATOM   279  O  O6    . G   A 1 13 ? 12.264  -5.775  -18.265 1.00 125.74 ? 13 G   A O6    1 
ATOM   280  N  N1    . G   A 1 13 ? 13.854  -6.212  -16.681 1.00 125.72 ? 13 G   A N1    1 
ATOM   281  C  C2    . G   A 1 13 ? 15.082  -6.020  -16.081 1.00 125.75 ? 13 G   A C2    1 
ATOM   282  N  N2    . G   A 1 13 ? 15.352  -6.775  -15.005 1.00 125.05 ? 13 G   A N2    1 
ATOM   283  N  N3    . G   A 1 13 ? 15.982  -5.153  -16.507 1.00 126.54 ? 13 G   A N3    1 
ATOM   284  C  C4    . G   A 1 13 ? 15.559  -4.484  -17.605 1.00 128.29 ? 13 G   A C4    1 
ATOM   285  O  "O5'" . C   B 2 1  ? 9.980   -13.354 -11.021 1.00 144.84 ? 2  C   B "O5'" 1 
ATOM   286  C  "C5'" . C   B 2 1  ? 10.019  -11.971 -10.654 1.00 141.13 ? 2  C   B "C5'" 1 
ATOM   287  C  "C4'" . C   B 2 1  ? 11.430  -11.429 -10.663 1.00 141.31 ? 2  C   B "C4'" 1 
ATOM   288  O  "O4'" . C   B 2 1  ? 11.994  -11.613 -11.988 1.00 139.26 ? 2  C   B "O4'" 1 
ATOM   289  C  "C3'" . C   B 2 1  ? 11.586  -9.939  -10.397 1.00 142.00 ? 2  C   B "C3'" 1 
ATOM   290  O  "O3'" . C   B 2 1  ? 11.592  -9.616  -9.013  1.00 144.37 ? 2  C   B "O3'" 1 
ATOM   291  C  "C2'" . C   B 2 1  ? 12.919  -9.632  -11.069 1.00 139.92 ? 2  C   B "C2'" 1 
ATOM   292  O  "O2'" . C   B 2 1  ? 14.048  -10.014 -10.305 1.00 138.73 ? 2  C   B "O2'" 1 
ATOM   293  C  "C1'" . C   B 2 1  ? 12.818  -10.506 -12.318 1.00 137.20 ? 2  C   B "C1'" 1 
ATOM   294  N  N1    . C   B 2 1  ? 12.174  -9.780  -13.424 1.00 133.75 ? 2  C   B N1    1 
ATOM   295  C  C2    . C   B 2 1  ? 12.925  -8.843  -14.143 1.00 132.27 ? 2  C   B C2    1 
ATOM   296  O  O2    . C   B 2 1  ? 14.112  -8.655  -13.823 1.00 129.79 ? 2  C   B O2    1 
ATOM   297  N  N3    . C   B 2 1  ? 12.338  -8.168  -15.164 1.00 131.66 ? 2  C   B N3    1 
ATOM   298  C  C4    . C   B 2 1  ? 11.055  -8.401  -15.472 1.00 131.90 ? 2  C   B C4    1 
ATOM   299  N  N4    . C   B 2 1  ? 10.512  -7.713  -16.487 1.00 131.17 ? 2  C   B N4    1 
ATOM   300  C  C5    . C   B 2 1  ? 10.268  -9.351  -14.752 1.00 132.01 ? 2  C   B C5    1 
ATOM   301  C  C6    . C   B 2 1  ? 10.863  -10.010 -13.746 1.00 132.57 ? 2  C   B C6    1 
ATOM   302  P  P     . G   B 2 2  ? 11.206  -8.125  -8.547  1.00 145.12 ? 3  G   B P     1 
ATOM   303  O  OP1   . G   B 2 2  ? 11.320  -8.081  -7.063  1.00 145.71 ? 3  G   B OP1   1 
ATOM   304  O  OP2   . G   B 2 2  ? 9.912   -7.767  -9.197  1.00 143.02 ? 3  G   B OP2   1 
ATOM   305  O  "O5'" . G   B 2 2  ? 12.359  -7.211  -9.169  1.00 141.62 ? 3  G   B "O5'" 1 
ATOM   306  C  "C5'" . G   B 2 2  ? 13.673  -7.212  -8.610  1.00 135.64 ? 3  G   B "C5'" 1 
ATOM   307  C  "C4'" . G   B 2 2  ? 14.550  -6.160  -9.266  1.00 132.86 ? 3  G   B "C4'" 1 
ATOM   308  O  "O4'" . G   B 2 2  ? 14.715  -6.489  -10.679 1.00 129.41 ? 3  G   B "O4'" 1 
ATOM   309  C  "C3'" . G   B 2 2  ? 14.006  -4.733  -9.303  1.00 133.01 ? 3  G   B "C3'" 1 
ATOM   310  O  "O3'" . G   B 2 2  ? 14.132  -3.985  -8.092  1.00 133.42 ? 3  G   B "O3'" 1 
ATOM   311  C  "C2'" . G   B 2 2  ? 14.779  -4.119  -10.467 1.00 130.08 ? 3  G   B "C2'" 1 
ATOM   312  O  "O2'" . G   B 2 2  ? 16.101  -3.706  -10.158 1.00 130.46 ? 3  G   B "O2'" 1 
ATOM   313  C  "C1'" . G   B 2 2  ? 14.812  -5.291  -11.444 1.00 125.99 ? 3  G   B "C1'" 1 
ATOM   314  N  N9    . G   B 2 2  ? 13.679  -5.201  -12.362 1.00 121.01 ? 3  G   B N9    1 
ATOM   315  C  C8    . G   B 2 2  ? 12.533  -5.958  -12.373 1.00 119.84 ? 3  G   B C8    1 
ATOM   316  N  N7    . G   B 2 2  ? 11.695  -5.603  -13.312 1.00 118.75 ? 3  G   B N7    1 
ATOM   317  C  C5    . G   B 2 2  ? 12.332  -4.554  -13.965 1.00 117.44 ? 3  G   B C5    1 
ATOM   318  C  C6    . G   B 2 2  ? 11.914  -3.761  -15.079 1.00 116.14 ? 3  G   B C6    1 
ATOM   319  O  O6    . G   B 2 2  ? 10.863  -3.839  -15.737 1.00 116.00 ? 3  G   B O6    1 
ATOM   320  N  N1    . G   B 2 2  ? 12.869  -2.798  -15.403 1.00 115.35 ? 3  G   B N1    1 
ATOM   321  C  C2    . G   B 2 2  ? 14.070  -2.617  -14.747 1.00 116.65 ? 3  G   B C2    1 
ATOM   322  N  N2    . G   B 2 2  ? 14.857  -1.621  -15.195 1.00 116.81 ? 3  G   B N2    1 
ATOM   323  N  N3    . G   B 2 2  ? 14.469  -3.356  -13.723 1.00 117.18 ? 3  G   B N3    1 
ATOM   324  C  C4    . G   B 2 2  ? 13.558  -4.295  -13.388 1.00 118.37 ? 3  G   B C4    1 
ATOM   325  P  P     . G   B 2 3  ? 13.145  -2.732  -7.831  1.00 133.45 ? 4  G   B P     1 
ATOM   326  O  OP1   . G   B 2 3  ? 13.490  -2.144  -6.514  1.00 133.43 ? 4  G   B OP1   1 
ATOM   327  O  OP2   . G   B 2 3  ? 11.745  -3.158  -8.101  1.00 133.21 ? 4  G   B OP2   1 
ATOM   328  O  "O5'" . G   B 2 3  ? 13.547  -1.680  -8.957  1.00 130.56 ? 4  G   B "O5'" 1 
ATOM   329  C  "C5'" . G   B 2 3  ? 14.839  -1.095  -8.963  1.00 128.90 ? 4  G   B "C5'" 1 
ATOM   330  C  "C4'" . G   B 2 3  ? 14.891  0.060   -9.929  1.00 127.91 ? 4  G   B "C4'" 1 
ATOM   331  O  "O4'" . G   B 2 3  ? 14.841  -0.443  -11.293 1.00 125.17 ? 4  G   B "O4'" 1 
ATOM   332  C  "C3'" . G   B 2 3  ? 13.713  1.020   -9.851  1.00 129.10 ? 4  G   B "C3'" 1 
ATOM   333  O  "O3'" . G   B 2 3  ? 13.866  1.988   -8.814  1.00 133.65 ? 4  G   B "O3'" 1 
ATOM   334  C  "C2'" . G   B 2 3  ? 13.737  1.661   -11.232 1.00 125.64 ? 4  G   B "C2'" 1 
ATOM   335  O  "O2'" . G   B 2 3  ? 14.722  2.668   -11.325 1.00 124.49 ? 4  G   B "O2'" 1 
ATOM   336  C  "C1'" . G   B 2 3  ? 14.125  0.472   -12.110 1.00 121.24 ? 4  G   B "C1'" 1 
ATOM   337  N  N9    . G   B 2 3  ? 12.942  -0.195  -12.638 1.00 116.49 ? 4  G   B N9    1 
ATOM   338  C  C8    . G   B 2 3  ? 12.290  -1.284  -12.111 1.00 114.55 ? 4  G   B C8    1 
ATOM   339  N  N7    . G   B 2 3  ? 11.234  -1.630  -12.797 1.00 113.13 ? 4  G   B N7    1 
ATOM   340  C  C5    . G   B 2 3  ? 11.191  -0.720  -13.847 1.00 112.44 ? 4  G   B C5    1 
ATOM   341  C  C6    . G   B 2 3  ? 10.261  -0.589  -14.927 1.00 111.88 ? 4  G   B C6    1 
ATOM   342  O  O6    . G   B 2 3  ? 9.259   -1.280  -15.180 1.00 111.17 ? 4  G   B O6    1 
ATOM   343  N  N1    . G   B 2 3  ? 10.593  0.480   -15.755 1.00 111.74 ? 4  G   B N1    1 
ATOM   344  C  C2    . G   B 2 3  ? 11.674  1.315   -15.576 1.00 111.76 ? 4  G   B C2    1 
ATOM   345  N  N2    . G   B 2 3  ? 11.815  2.299   -16.480 1.00 111.72 ? 4  G   B N2    1 
ATOM   346  N  N3    . G   B 2 3  ? 12.547  1.198   -14.584 1.00 111.49 ? 4  G   B N3    1 
ATOM   347  C  C4    . G   B 2 3  ? 12.244  0.169   -13.764 1.00 113.46 ? 4  G   B C4    1 
ATOM   348  P  P     . U   B 2 4  ? 12.568  2.750   -8.240  1.00 136.54 ? 5  U   B P     1 
ATOM   349  O  OP1   . U   B 2 4  ? 13.012  3.618   -7.114  1.00 134.96 ? 5  U   B OP1   1 
ATOM   350  O  OP2   . U   B 2 4  ? 11.531  1.708   -8.003  1.00 134.48 ? 5  U   B OP2   1 
ATOM   351  O  "O5'" . U   B 2 4  ? 12.091  3.681   -9.447  1.00 130.45 ? 5  U   B "O5'" 1 
ATOM   352  C  "C5'" . U   B 2 4  ? 12.926  4.732   -9.917  1.00 122.99 ? 5  U   B "C5'" 1 
ATOM   353  C  "C4'" . U   B 2 4  ? 12.393  5.316   -11.207 1.00 120.80 ? 5  U   B "C4'" 1 
ATOM   354  O  "O4'" . U   B 2 4  ? 12.341  4.282   -12.232 1.00 118.38 ? 5  U   B "O4'" 1 
ATOM   355  C  "C3'" . U   B 2 4  ? 10.959  5.808   -11.156 1.00 121.06 ? 5  U   B "C3'" 1 
ATOM   356  O  "O3'" . U   B 2 4  ? 10.813  7.080   -10.557 1.00 125.05 ? 5  U   B "O3'" 1 
ATOM   357  C  "C2'" . U   B 2 4  ? 10.544  5.789   -12.621 1.00 118.04 ? 5  U   B "C2'" 1 
ATOM   358  O  "O2'" . U   B 2 4  ? 10.988  6.907   -13.369 1.00 114.04 ? 5  U   B "O2'" 1 
ATOM   359  C  "C1'" . U   B 2 4  ? 11.233  4.513   -13.097 1.00 116.09 ? 5  U   B "C1'" 1 
ATOM   360  N  N1    . U   B 2 4  ? 10.304  3.378   -13.012 1.00 114.23 ? 5  U   B N1    1 
ATOM   361  C  C2    . U   B 2 4  ? 9.353   3.264   -14.021 1.00 113.45 ? 5  U   B C2    1 
ATOM   362  O  O2    . U   B 2 4  ? 9.297   4.037   -14.970 1.00 112.67 ? 5  U   B O2    1 
ATOM   363  N  N3    . U   B 2 4  ? 8.473   2.214   -13.876 1.00 112.17 ? 5  U   B N3    1 
ATOM   364  C  C4    . U   B 2 4  ? 8.447   1.285   -12.852 1.00 111.70 ? 5  U   B C4    1 
ATOM   365  O  O4    . U   B 2 4  ? 7.565   0.419   -12.842 1.00 110.16 ? 5  U   B O4    1 
ATOM   366  C  C5    . U   B 2 4  ? 9.473   1.460   -11.858 1.00 112.07 ? 5  U   B C5    1 
ATOM   367  C  C6    . U   B 2 4  ? 10.347  2.475   -11.971 1.00 112.35 ? 5  U   B C6    1 
ATOM   368  P  P     . G   B 2 5  ? 9.409   7.460   -9.882  1.00 126.41 ? 6  G   B P     1 
ATOM   369  O  OP1   . G   B 2 5  ? 9.591   8.710   -9.105  1.00 126.66 ? 6  G   B OP1   1 
ATOM   370  O  OP2   . G   B 2 5  ? 8.901   6.235   -9.208  1.00 126.12 ? 6  G   B OP2   1 
ATOM   371  O  "O5'" . G   B 2 5  ? 8.476   7.775   -11.127 1.00 120.56 ? 6  G   B "O5'" 1 
ATOM   372  C  "C5'" . G   B 2 5  ? 8.834   8.796   -12.033 1.00 117.92 ? 6  G   B "C5'" 1 
ATOM   373  C  "C4'" . G   B 2 5  ? 7.854   8.838   -13.160 1.00 118.17 ? 6  G   B "C4'" 1 
ATOM   374  O  "O4'" . G   B 2 5  ? 7.970   7.611   -13.926 1.00 118.13 ? 6  G   B "O4'" 1 
ATOM   375  C  "C3'" . G   B 2 5  ? 6.404   8.854   -12.719 1.00 117.59 ? 6  G   B "C3'" 1 
ATOM   376  O  "O3'" . G   B 2 5  ? 5.968   10.156  -12.345 1.00 118.15 ? 6  G   B "O3'" 1 
ATOM   377  C  "C2'" . G   B 2 5  ? 5.695   8.297   -13.947 1.00 116.21 ? 6  G   B "C2'" 1 
ATOM   378  O  "O2'" . G   B 2 5  ? 5.506   9.237   -14.986 1.00 114.27 ? 6  G   B "O2'" 1 
ATOM   379  C  "C1'" . G   B 2 5  ? 6.691   7.231   -14.402 1.00 114.43 ? 6  G   B "C1'" 1 
ATOM   380  N  N9    . G   B 2 5  ? 6.359   5.924   -13.849 1.00 111.64 ? 6  G   B N9    1 
ATOM   381  C  C8    . G   B 2 5  ? 6.939   5.297   -12.771 1.00 110.37 ? 6  G   B C8    1 
ATOM   382  N  N7    . G   B 2 5  ? 6.412   4.129   -12.516 1.00 109.02 ? 6  G   B N7    1 
ATOM   383  C  C5    . G   B 2 5  ? 5.429   3.976   -13.487 1.00 108.03 ? 6  G   B C5    1 
ATOM   384  C  C6    . G   B 2 5  ? 4.527   2.907   -13.724 1.00 106.18 ? 6  G   B C6    1 
ATOM   385  O  O6    . G   B 2 5  ? 4.430   1.836   -13.117 1.00 106.26 ? 6  G   B O6    1 
ATOM   386  N  N1    . G   B 2 5  ? 3.682   3.177   -14.800 1.00 104.63 ? 6  G   B N1    1 
ATOM   387  C  C2    . G   B 2 5  ? 3.708   4.325   -15.560 1.00 106.16 ? 6  G   B C2    1 
ATOM   388  N  N2    . G   B 2 5  ? 2.794   4.413   -16.548 1.00 104.53 ? 6  G   B N2    1 
ATOM   389  N  N3    . G   B 2 5  ? 4.562   5.317   -15.362 1.00 107.13 ? 6  G   B N3    1 
ATOM   390  C  C4    . G   B 2 5  ? 5.383   5.078   -14.313 1.00 109.09 ? 6  G   B C4    1 
ATOM   391  P  P     . A   B 2 6  ? 4.727   10.317  -11.337 1.00 118.90 ? 7  A   B P     1 
ATOM   392  O  OP1   . A   B 2 6  ? 4.513   11.759  -11.062 1.00 118.91 ? 7  A   B OP1   1 
ATOM   393  O  OP2   . A   B 2 6  ? 4.953   9.377   -10.204 1.00 114.92 ? 7  A   B OP2   1 
ATOM   394  O  "O5'" . A   B 2 6  ? 3.491   9.811   -12.201 1.00 113.44 ? 7  A   B "O5'" 1 
ATOM   395  C  "C5'" . A   B 2 6  ? 3.218   10.387  -13.475 1.00 107.41 ? 7  A   B "C5'" 1 
ATOM   396  C  "C4'" . A   B 2 6  ? 2.087   9.651   -14.154 1.00 107.12 ? 7  A   B "C4'" 1 
ATOM   397  O  "O4'" . A   B 2 6  ? 2.529   8.337   -14.572 1.00 105.75 ? 7  A   B "O4'" 1 
ATOM   398  C  "C3'" . A   B 2 6  ? 0.860   9.388   -13.302 1.00 105.74 ? 7  A   B "C3'" 1 
ATOM   399  O  "O3'" . A   B 2 6  ? 0.031   10.532  -13.288 1.00 108.15 ? 7  A   B "O3'" 1 
ATOM   400  C  "C2'" . A   B 2 6  ? 0.230   8.188   -14.004 1.00 103.67 ? 7  A   B "C2'" 1 
ATOM   401  O  "O2'" . A   B 2 6  ? -0.512  8.504   -15.173 1.00 99.02  ? 7  A   B "O2'" 1 
ATOM   402  C  "C1'" . A   B 2 6  ? 1.479   7.398   -14.389 1.00 102.29 ? 7  A   B "C1'" 1 
ATOM   403  N  N9    . A   B 2 6  ? 1.903   6.482   -13.330 1.00 100.74 ? 7  A   B N9    1 
ATOM   404  C  C8    . A   B 2 6  ? 2.874   6.706   -12.372 1.00 98.67  ? 7  A   B C8    1 
ATOM   405  N  N7    . A   B 2 6  ? 3.074   5.686   -11.571 1.00 97.27  ? 7  A   B N7    1 
ATOM   406  C  C5    . A   B 2 6  ? 2.175   4.728   -12.023 1.00 98.17  ? 7  A   B C5    1 
ATOM   407  C  C6    . A   B 2 6  ? 1.904   3.415   -11.602 1.00 96.82  ? 7  A   B C6    1 
ATOM   408  N  N6    . A   B 2 6  ? 2.558   2.812   -10.604 1.00 95.88  ? 7  A   B N6    1 
ATOM   409  N  N1    . A   B 2 6  ? 0.931   2.733   -12.256 1.00 96.67  ? 7  A   B N1    1 
ATOM   410  C  C2    . A   B 2 6  ? 0.289   3.334   -13.273 1.00 97.46  ? 7  A   B C2    1 
ATOM   411  N  N3    . A   B 2 6  ? 0.464   4.558   -13.773 1.00 98.09  ? 7  A   B N3    1 
ATOM   412  C  C4    . A   B 2 6  ? 1.433   5.211   -13.096 1.00 99.18  ? 7  A   B C4    1 
HETATM 413  P  P     . N6G B 2 7  ? -0.915  10.818  -12.027 1.00 108.25 ? 8  N6G B P     1 
HETATM 414  O  OP1   . N6G B 2 7  ? -2.128  11.458  -12.599 1.00 107.16 ? 8  N6G B OP1   1 
HETATM 415  O  OP2   . N6G B 2 7  ? -0.198  11.443  -10.884 1.00 104.06 ? 8  N6G B OP2   1 
HETATM 416  O  "O5'" . N6G B 2 7  ? -1.361  9.393   -11.530 1.00 109.22 ? 8  N6G B "O5'" 1 
HETATM 417  C  "C5'" . N6G B 2 7  ? -2.725  9.086   -11.457 1.00 107.08 ? 8  N6G B "C5'" 1 
HETATM 418  C  "C4'" . N6G B 2 7  ? -2.900  7.647   -11.741 1.00 106.51 ? 8  N6G B "C4'" 1 
HETATM 419  O  "O4'" . N6G B 2 7  ? -1.608  7.011   -11.603 1.00 108.47 ? 8  N6G B "O4'" 1 
HETATM 420  C  "C1'" . N6G B 2 7  ? -1.771  5.723   -11.049 1.00 105.38 ? 8  N6G B "C1'" 1 
HETATM 421  N  N9    . N6G B 2 7  ? -0.787  5.581   -9.970  1.00 102.57 ? 8  N6G B N9    1 
HETATM 422  C  C4    . N6G B 2 7  ? -0.424  4.448   -9.236  1.00 103.82 ? 8  N6G B C4    1 
HETATM 423  N  N3    . N6G B 2 7  ? -1.027  3.228   -9.263  1.00 104.89 ? 8  N6G B N3    1 
HETATM 424  C  C2    . N6G B 2 7  ? -0.388  2.335   -8.492  1.00 105.70 ? 8  N6G B C2    1 
HETATM 425  N  N2    . N6G B 2 7  ? -0.855  1.072   -8.375  1.00 106.10 ? 8  N6G B N2    1 
HETATM 426  N  N1    . N6G B 2 7  ? 0.756   2.612   -7.775  1.00 105.65 ? 8  N6G B N1    1 
HETATM 427  C  C6    . N6G B 2 7  ? 1.405   3.844   -7.742  1.00 104.75 ? 8  N6G B C6    1 
HETATM 428  N  N6    . N6G B 2 7  ? 2.472   3.970   -7.099  1.00 105.27 ? 8  N6G B N6    1 
HETATM 429  C  C5    . N6G B 2 7  ? 0.710   4.825   -8.532  1.00 103.67 ? 8  N6G B C5    1 
HETATM 430  N  N7    . N6G B 2 7  ? 0.996   6.170   -8.744  1.00 102.11 ? 8  N6G B N7    1 
HETATM 431  C  C8    . N6G B 2 7  ? 0.077   6.576   -9.575  1.00 100.70 ? 8  N6G B C8    1 
HETATM 432  C  "C2'" . N6G B 2 7  ? -3.281  5.506   -10.881 1.00 107.76 ? 8  N6G B "C2'" 1 
HETATM 433  O  "O2'" . N6G B 2 7  ? -3.703  4.970   -12.127 1.00 110.96 ? 8  N6G B "O2'" 1 
HETATM 434  C  "C3'" . N6G B 2 7  ? -3.788  6.944   -10.748 1.00 106.18 ? 8  N6G B "C3'" 1 
HETATM 435  O  "O3'" . N6G B 2 7  ? -5.156  7.156   -11.121 1.00 101.67 ? 8  N6G B "O3'" 1 
ATOM   436  P  P     . A   B 2 8  ? -6.263  7.470   -9.985  1.00 99.45  ? 9  A   B P     1 
ATOM   437  O  OP1   . A   B 2 8  ? -7.075  8.620   -10.428 1.00 93.30  ? 9  A   B OP1   1 
ATOM   438  O  OP2   . A   B 2 8  ? -5.560  7.524   -8.672  1.00 94.22  ? 9  A   B OP2   1 
ATOM   439  O  "O5'" . A   B 2 8  ? -7.225  6.198   -9.999  1.00 95.69  ? 9  A   B "O5'" 1 
ATOM   440  C  "C5'" . A   B 2 8  ? -8.015  5.884   -11.147 1.00 91.17  ? 9  A   B "C5'" 1 
ATOM   441  C  "C4'" . A   B 2 8  ? -8.456  4.431   -11.114 1.00 90.75  ? 9  A   B "C4'" 1 
ATOM   442  O  "O4'" . A   B 2 8  ? -7.303  3.558   -11.250 1.00 91.45  ? 9  A   B "O4'" 1 
ATOM   443  C  "C3'" . A   B 2 8  ? -9.139  3.963   -9.842  1.00 89.22  ? 9  A   B "C3'" 1 
ATOM   444  O  "O3'" . A   B 2 8  ? -10.518 4.276   -9.882  1.00 88.05  ? 9  A   B "O3'" 1 
ATOM   445  C  "C2'" . A   B 2 8  ? -8.892  2.459   -9.872  1.00 87.57  ? 9  A   B "C2'" 1 
ATOM   446  O  "O2'" . A   B 2 8  ? -9.789  1.734   -10.694 1.00 88.88  ? 9  A   B "O2'" 1 
ATOM   447  C  "C1'" . A   B 2 8  ? -7.481  2.400   -10.454 1.00 88.24  ? 9  A   B "C1'" 1 
ATOM   448  N  N9    . A   B 2 8  ? -6.445  2.412   -9.429  1.00 87.44  ? 9  A   B N9    1 
ATOM   449  C  C8    . A   B 2 8  ? -5.604  3.439   -9.094  1.00 87.38  ? 9  A   B C8    1 
ATOM   450  N  N7    . A   B 2 8  ? -4.749  3.136   -8.154  1.00 86.86  ? 9  A   B N7    1 
ATOM   451  C  C5    . A   B 2 8  ? -5.050  1.821   -7.845  1.00 86.36  ? 9  A   B C5    1 
ATOM   452  C  C6    . A   B 2 8  ? -4.485  0.912   -6.943  1.00 85.62  ? 9  A   B C6    1 
ATOM   453  N  N6    . A   B 2 8  ? -3.443  1.197   -6.162  1.00 83.73  ? 9  A   B N6    1 
ATOM   454  N  N1    . A   B 2 8  ? -5.026  -0.322  -6.874  1.00 84.45  ? 9  A   B N1    1 
ATOM   455  C  C2    . A   B 2 8  ? -6.059  -0.613  -7.671  1.00 85.59  ? 9  A   B C2    1 
ATOM   456  N  N3    . A   B 2 8  ? -6.670  0.152   -8.570  1.00 87.10  ? 9  A   B N3    1 
ATOM   457  C  C4    . A   B 2 8  ? -6.106  1.369   -8.610  1.00 86.56  ? 9  A   B C4    1 
ATOM   458  P  P     . A   B 2 9  ? -11.176 5.102   -8.678  1.00 93.65  ? 10 A   B P     1 
ATOM   459  O  OP1   . A   B 2 9  ? -12.510 5.511   -9.170  1.00 93.35  ? 10 A   B OP1   1 
ATOM   460  O  OP2   . A   B 2 9  ? -10.225 6.128   -8.184  1.00 88.74  ? 10 A   B OP2   1 
ATOM   461  O  "O5'" . A   B 2 9  ? -11.384 4.021   -7.531  1.00 89.33  ? 10 A   B "O5'" 1 
ATOM   462  C  "C5'" . A   B 2 9  ? -12.252 2.915   -7.727  1.00 76.57  ? 10 A   B "C5'" 1 
ATOM   463  C  "C4'" . A   B 2 9  ? -11.978 1.858   -6.692  1.00 72.67  ? 10 A   B "C4'" 1 
ATOM   464  O  "O4'" . A   B 2 9  ? -10.673 1.281   -6.928  1.00 72.36  ? 10 A   B "O4'" 1 
ATOM   465  C  "C3'" . A   B 2 9  ? -11.906 2.361   -5.269  1.00 68.56  ? 10 A   B "C3'" 1 
ATOM   466  O  "O3'" . A   B 2 9  ? -13.209 2.431   -4.730  1.00 71.88  ? 10 A   B "O3'" 1 
ATOM   467  C  "C2'" . A   B 2 9  ? -11.067 1.288   -4.599  1.00 71.51  ? 10 A   B "C2'" 1 
ATOM   468  O  "O2'" . A   B 2 9  ? -11.804 0.116   -4.353  1.00 72.10  ? 10 A   B "O2'" 1 
ATOM   469  C  "C1'" . A   B 2 9  ? -10.060 0.968   -5.696  1.00 72.70  ? 10 A   B "C1'" 1 
ATOM   470  N  N9    . A   B 2 9  ? -8.831  1.750   -5.580  1.00 76.87  ? 10 A   B N9    1 
ATOM   471  C  C8    . A   B 2 9  ? -8.474  2.893   -6.250  1.00 76.96  ? 10 A   B C8    1 
ATOM   472  N  N7    . A   B 2 9  ? -7.290  3.350   -5.923  1.00 75.63  ? 10 A   B N7    1 
ATOM   473  C  C5    . A   B 2 9  ? -6.840  2.451   -4.971  1.00 75.60  ? 10 A   B C5    1 
ATOM   474  C  C6    . A   B 2 9  ? -5.651  2.377   -4.230  1.00 75.21  ? 10 A   B C6    1 
ATOM   475  N  N6    . A   B 2 9  ? -4.651  3.251   -4.345  1.00 75.47  ? 10 A   B N6    1 
ATOM   476  N  N1    . A   B 2 9  ? -5.519  1.355   -3.360  1.00 76.16  ? 10 A   B N1    1 
ATOM   477  C  C2    . A   B 2 9  ? -6.521  0.466   -3.256  1.00 75.59  ? 10 A   B C2    1 
ATOM   478  N  N3    . A   B 2 9  ? -7.681  0.427   -3.899  1.00 76.05  ? 10 A   B N3    1 
ATOM   479  C  C4    . A   B 2 9  ? -7.780  1.460   -4.750  1.00 76.54  ? 10 A   B C4    1 
ATOM   480  P  P     . G   B 2 10 ? -13.572 3.585   -3.685  1.00 77.14  ? 11 G   B P     1 
ATOM   481  O  OP1   . G   B 2 10 ? -15.005 3.446   -3.329  1.00 73.15  ? 11 G   B OP1   1 
ATOM   482  O  OP2   . G   B 2 10 ? -13.073 4.875   -4.226  1.00 78.83  ? 11 G   B OP2   1 
ATOM   483  O  "O5'" . G   B 2 10 ? -12.720 3.187   -2.406  1.00 70.56  ? 11 G   B "O5'" 1 
ATOM   484  C  "C5'" . G   B 2 10 ? -13.004 1.988   -1.704  1.00 69.80  ? 11 G   B "C5'" 1 
ATOM   485  C  "C4'" . G   B 2 10 ? -11.888 1.668   -0.746  1.00 69.81  ? 11 G   B "C4'" 1 
ATOM   486  O  "O4'" . G   B 2 10 ? -10.678 1.434   -1.510  1.00 71.52  ? 11 G   B "O4'" 1 
ATOM   487  C  "C3'" . G   B 2 10 ? -11.504 2.765   0.229   1.00 68.99  ? 11 G   B "C3'" 1 
ATOM   488  O  "O3'" . G   B 2 10 ? -12.366 2.821   1.368   1.00 64.62  ? 11 G   B "O3'" 1 
ATOM   489  C  "C2'" . G   B 2 10 ? -10.070 2.378   0.562   1.00 68.92  ? 11 G   B "C2'" 1 
ATOM   490  O  "O2'" . G   B 2 10 ? -10.011 1.238   1.388   1.00 70.14  ? 11 G   B "O2'" 1 
ATOM   491  C  "C1'" . G   B 2 10 ? -9.561  1.938   -0.805  1.00 70.33  ? 11 G   B "C1'" 1 
ATOM   492  N  N9    . G   B 2 10 ? -9.002  3.046   -1.571  1.00 68.78  ? 11 G   B N9    1 
ATOM   493  C  C8    . G   B 2 10 ? -9.600  3.720   -2.608  1.00 68.77  ? 11 G   B C8    1 
ATOM   494  N  N7    . G   B 2 10 ? -8.843  4.654   -3.119  1.00 70.43  ? 11 G   B N7    1 
ATOM   495  C  C5    . G   B 2 10 ? -7.677  4.598   -2.370  1.00 70.14  ? 11 G   B C5    1 
ATOM   496  C  C6    . G   B 2 10 ? -6.484  5.359   -2.468  1.00 70.80  ? 11 G   B C6    1 
ATOM   497  O  O6    . G   B 2 10 ? -6.208  6.275   -3.262  1.00 71.95  ? 11 G   B O6    1 
ATOM   498  N  N1    . G   B 2 10 ? -5.551  4.959   -1.519  1.00 68.00  ? 11 G   B N1    1 
ATOM   499  C  C2    . G   B 2 10 ? -5.737  3.957   -0.597  1.00 67.11  ? 11 G   B C2    1 
ATOM   500  N  N2    . G   B 2 10 ? -4.713  3.703   0.219   1.00 65.42  ? 11 G   B N2    1 
ATOM   501  N  N3    . G   B 2 10 ? -6.843  3.250   -0.491  1.00 67.34  ? 11 G   B N3    1 
ATOM   502  C  C4    . G   B 2 10 ? -7.763  3.615   -1.404  1.00 69.00  ? 11 G   B C4    1 
ATOM   503  P  P     . G   B 2 11 ? -12.574 4.218   2.149   1.00 70.54  ? 12 G   B P     1 
ATOM   504  O  OP1   . G   B 2 11 ? -13.689 4.036   3.099   1.00 72.62  ? 12 G   B OP1   1 
ATOM   505  O  OP2   . G   B 2 11 ? -12.615 5.345   1.186   1.00 70.83  ? 12 G   B OP2   1 
ATOM   506  O  "O5'" . G   B 2 11 ? -11.249 4.358   3.015   1.00 69.39  ? 12 G   B "O5'" 1 
ATOM   507  C  "C5'" . G   B 2 11 ? -10.936 3.382   3.995   1.00 68.28  ? 12 G   B "C5'" 1 
ATOM   508  C  "C4'" . G   B 2 11 ? -9.573  3.635   4.579   1.00 69.76  ? 12 G   B "C4'" 1 
ATOM   509  O  "O4'" . G   B 2 11 ? -8.575  3.449   3.548   1.00 71.16  ? 12 G   B "O4'" 1 
ATOM   510  C  "C3'" . G   B 2 11 ? -9.311  5.040   5.081   1.00 71.35  ? 12 G   B "C3'" 1 
ATOM   511  O  "O3'" . G   B 2 11 ? -9.834  5.265   6.374   1.00 73.34  ? 12 G   B "O3'" 1 
ATOM   512  C  "C2'" . G   B 2 11 ? -7.795  5.104   5.033   1.00 70.15  ? 12 G   B "C2'" 1 
ATOM   513  O  "O2'" . G   B 2 11 ? -7.196  4.374   6.091   1.00 66.43  ? 12 G   B "O2'" 1 
ATOM   514  C  "C1'" . G   B 2 11 ? -7.530  4.379   3.723   1.00 68.70  ? 12 G   B "C1'" 1 
ATOM   515  N  N9    . G   B 2 11 ? -7.583  5.317   2.612   1.00 66.06  ? 12 G   B N9    1 
ATOM   516  C  C8    . G   B 2 11 ? -8.628  5.530   1.748   1.00 66.37  ? 12 G   B C8    1 
ATOM   517  N  N7    . G   B 2 11 ? -8.358  6.413   0.827   1.00 67.99  ? 12 G   B N7    1 
ATOM   518  C  C5    . G   B 2 11 ? -7.055  6.807   1.107   1.00 64.77  ? 12 G   B C5    1 
ATOM   519  C  C6    . G   B 2 11 ? -6.204  7.737   0.442   1.00 63.87  ? 12 G   B C6    1 
ATOM   520  O  O6    . G   B 2 11 ? -6.438  8.398   -0.581  1.00 68.20  ? 12 G   B O6    1 
ATOM   521  N  N1    . G   B 2 11 ? -4.971  7.857   1.087   1.00 58.14  ? 12 G   B N1    1 
ATOM   522  C  C2    . G   B 2 11 ? -4.602  7.171   2.221   1.00 62.03  ? 12 G   B C2    1 
ATOM   523  N  N2    . G   B 2 11 ? -3.386  7.438   2.714   1.00 56.56  ? 12 G   B N2    1 
ATOM   524  N  N3    . G   B 2 11 ? -5.376  6.289   2.831   1.00 62.09  ? 12 G   B N3    1 
ATOM   525  C  C4    . G   B 2 11 ? -6.576  6.157   2.223   1.00 63.51  ? 12 G   B C4    1 
ATOM   526  P  P     . G   B 2 12 ? -10.234 6.750   6.805   1.00 76.39  ? 13 G   B P     1 
ATOM   527  O  OP1   . G   B 2 12 ? -10.750 6.622   8.184   1.00 76.15  ? 13 G   B OP1   1 
ATOM   528  O  OP2   . G   B 2 12 ? -11.085 7.365   5.737   1.00 73.63  ? 13 G   B OP2   1 
ATOM   529  O  "O5'" . G   B 2 12 ? -8.834  7.513   6.847   1.00 74.27  ? 13 G   B "O5'" 1 
ATOM   530  C  "C5'" . G   B 2 12 ? -7.802  7.070   7.722   1.00 73.07  ? 13 G   B "C5'" 1 
ATOM   531  C  "C4'" . G   B 2 12 ? -6.547  7.892   7.541   1.00 74.34  ? 13 G   B "C4'" 1 
ATOM   532  O  "O4'" . G   B 2 12 ? -6.065  7.741   6.180   1.00 73.86  ? 13 G   B "O4'" 1 
ATOM   533  C  "C3'" . G   B 2 12 ? -6.737  9.391   7.682   1.00 72.29  ? 13 G   B "C3'" 1 
ATOM   534  O  "O3'" . G   B 2 12 ? -6.843  9.858   9.019   1.00 74.54  ? 13 G   B "O3'" 1 
ATOM   535  C  "C2'" . G   B 2 12 ? -5.556  9.944   6.903   1.00 70.75  ? 13 G   B "C2'" 1 
ATOM   536  O  "O2'" . G   B 2 12 ? -4.348  9.947   7.630   1.00 73.77  ? 13 G   B "O2'" 1 
ATOM   537  C  "C1'" . G   B 2 12 ? -5.458  8.944   5.755   1.00 69.43  ? 13 G   B "C1'" 1 
ATOM   538  N  N9    . G   B 2 12 ? -6.113  9.405   4.541   1.00 66.82  ? 13 G   B N9    1 
ATOM   539  C  C8    . G   B 2 12 ? -7.333  9.022   4.043   1.00 66.49  ? 13 G   B C8    1 
ATOM   540  N  N7    . G   B 2 12 ? -7.645  9.634   2.932   1.00 65.07  ? 13 G   B N7    1 
ATOM   541  C  C5    . G   B 2 12 ? -6.557  10.464  2.681   1.00 65.05  ? 13 G   B C5    1 
ATOM   542  C  C6    . G   B 2 12 ? -6.311  11.364  1.614   1.00 64.09  ? 13 G   B C6    1 
ATOM   543  O  O6    . G   B 2 12 ? -7.026  11.605  0.630   1.00 65.53  ? 13 G   B O6    1 
ATOM   544  N  N1    . G   B 2 12 ? -5.091  12.020  1.767   1.00 64.19  ? 13 G   B N1    1 
ATOM   545  C  C2    . G   B 2 12 ? -4.219  11.832  2.808   1.00 64.78  ? 13 G   B C2    1 
ATOM   546  N  N2    . G   B 2 12 ? -3.122  12.583  2.802   1.00 62.75  ? 13 G   B N2    1 
ATOM   547  N  N3    . G   B 2 12 ? -4.422  10.980  3.789   1.00 66.24  ? 13 G   B N3    1 
ATOM   548  C  C4    . G   B 2 12 ? -5.607  10.337  3.667   1.00 66.44  ? 13 G   B C4    1 
ATOM   549  O  "O5'" . G   C 3 1  ? 0.916   17.047  11.632  1.00 75.60  ? 15 G   C "O5'" 1 
ATOM   550  C  "C5'" . G   C 3 1  ? 1.072   17.844  10.462  1.00 76.56  ? 15 G   C "C5'" 1 
ATOM   551  C  "C4'" . G   C 3 1  ? 2.469   18.392  10.314  1.00 77.11  ? 15 G   C "C4'" 1 
ATOM   552  O  "O4'" . G   C 3 1  ? 2.822   19.094  11.532  1.00 80.03  ? 15 G   C "O4'" 1 
ATOM   553  C  "C3'" . G   C 3 1  ? 3.581   17.370  10.129  1.00 76.49  ? 15 G   C "C3'" 1 
ATOM   554  O  "O3'" . G   C 3 1  ? 3.721   17.002  8.752   1.00 75.48  ? 15 G   C "O3'" 1 
ATOM   555  C  "C2'" . G   C 3 1  ? 4.801   18.136  10.641  1.00 78.55  ? 15 G   C "C2'" 1 
ATOM   556  O  "O2'" . G   C 3 1  ? 5.326   19.060  9.706   1.00 79.83  ? 15 G   C "O2'" 1 
ATOM   557  C  "C1'" . G   C 3 1  ? 4.201   18.918  11.809  1.00 77.76  ? 15 G   C "C1'" 1 
ATOM   558  N  N9    . G   C 3 1  ? 4.337   18.252  13.102  1.00 74.70  ? 15 G   C N9    1 
ATOM   559  C  C8    . G   C 3 1  ? 3.347   17.634  13.830  1.00 74.26  ? 15 G   C C8    1 
ATOM   560  N  N7    . G   C 3 1  ? 3.774   17.122  14.952  1.00 72.49  ? 15 G   C N7    1 
ATOM   561  C  C5    . G   C 3 1  ? 5.130   17.419  14.966  1.00 74.82  ? 15 G   C C5    1 
ATOM   562  C  C6    . G   C 3 1  ? 6.130   17.121  15.937  1.00 75.91  ? 15 G   C C6    1 
ATOM   563  O  O6    . G   C 3 1  ? 6.003   16.522  17.021  1.00 77.93  ? 15 G   C O6    1 
ATOM   564  N  N1    . G   C 3 1  ? 7.380   17.603  15.544  1.00 75.23  ? 15 G   C N1    1 
ATOM   565  C  C2    . G   C 3 1  ? 7.634   18.290  14.375  1.00 74.96  ? 15 G   C C2    1 
ATOM   566  N  N2    . G   C 3 1  ? 8.901   18.666  14.168  1.00 75.59  ? 15 G   C N2    1 
ATOM   567  N  N3    . G   C 3 1  ? 6.710   18.583  13.472  1.00 75.47  ? 15 G   C N3    1 
ATOM   568  C  C4    . G   C 3 1  ? 5.491   18.119  13.828  1.00 74.49  ? 15 G   C C4    1 
ATOM   569  P  P     . G   C 3 2  ? 4.226   15.522  8.350   1.00 75.76  ? 16 G   C P     1 
ATOM   570  O  OP1   . G   C 3 2  ? 3.870   15.314  6.930   1.00 78.10  ? 16 G   C OP1   1 
ATOM   571  O  OP2   . G   C 3 2  ? 3.778   14.542  9.366   1.00 76.23  ? 16 G   C OP2   1 
ATOM   572  O  "O5'" . G   C 3 2  ? 5.809   15.618  8.416   1.00 75.99  ? 16 G   C "O5'" 1 
ATOM   573  C  "C5'" . G   C 3 2  ? 6.514   16.514  7.570   1.00 75.51  ? 16 G   C "C5'" 1 
ATOM   574  C  "C4'" . G   C 3 2  ? 7.958   16.573  7.982   1.00 77.55  ? 16 G   C "C4'" 1 
ATOM   575  O  "O4'" . G   C 3 2  ? 8.062   17.263  9.255   1.00 80.67  ? 16 G   C "O4'" 1 
ATOM   576  C  "C3'" . G   C 3 2  ? 8.595   15.225  8.246   1.00 78.66  ? 16 G   C "C3'" 1 
ATOM   577  O  "O3'" . G   C 3 2  ? 9.026   14.563  7.072   1.00 76.96  ? 16 G   C "O3'" 1 
ATOM   578  C  "C2'" . G   C 3 2  ? 9.739   15.591  9.173   1.00 78.74  ? 16 G   C "C2'" 1 
ATOM   579  O  "O2'" . G   C 3 2  ? 10.820  16.150  8.445   1.00 76.01  ? 16 G   C "O2'" 1 
ATOM   580  C  "C1'" . G   C 3 2  ? 9.067   16.649  10.050  1.00 81.36  ? 16 G   C "C1'" 1 
ATOM   581  N  N9    . G   C 3 2  ? 8.412   16.053  11.216  1.00 83.47  ? 16 G   C N9    1 
ATOM   582  C  C8    . G   C 3 2  ? 7.077   15.754  11.348  1.00 83.07  ? 16 G   C C8    1 
ATOM   583  N  N7    . G   C 3 2  ? 6.777   15.226  12.505  1.00 82.81  ? 16 G   C N7    1 
ATOM   584  C  C5    . G   C 3 2  ? 7.986   15.173  13.184  1.00 83.37  ? 16 G   C C5    1 
ATOM   585  C  C6    . G   C 3 2  ? 8.289   14.705  14.493  1.00 83.63  ? 16 G   C C6    1 
ATOM   586  O  O6    . G   C 3 2  ? 7.521   14.224  15.340  1.00 85.26  ? 16 G   C O6    1 
ATOM   587  N  N1    . G   C 3 2  ? 9.644   14.835  14.780  1.00 83.25  ? 16 G   C N1    1 
ATOM   588  C  C2    . G   C 3 2  ? 10.592  15.342  13.919  1.00 83.78  ? 16 G   C C2    1 
ATOM   589  N  N2    . G   C 3 2  ? 11.856  15.367  14.371  1.00 83.08  ? 16 G   C N2    1 
ATOM   590  N  N3    . G   C 3 2  ? 10.321  15.789  12.703  1.00 84.53  ? 16 G   C N3    1 
ATOM   591  C  C4    . G   C 3 2  ? 9.010   15.676  12.401  1.00 83.63  ? 16 G   C C4    1 
ATOM   592  P  P     . C   C 3 3  ? 9.051   12.956  7.047   1.00 77.77  ? 17 C   C P     1 
ATOM   593  O  OP1   . C   C 3 3  ? 9.447   12.508  5.690   1.00 77.15  ? 17 C   C OP1   1 
ATOM   594  O  OP2   . C   C 3 3  ? 7.784   12.458  7.655   1.00 73.31  ? 17 C   C OP2   1 
ATOM   595  O  "O5'" . C   C 3 3  ? 10.236  12.571  8.038   1.00 78.76  ? 17 C   C "O5'" 1 
ATOM   596  C  "C5'" . C   C 3 3  ? 11.594  12.715  7.642   1.00 78.80  ? 17 C   C "C5'" 1 
ATOM   597  C  "C4'" . C   C 3 3  ? 12.502  12.266  8.753   1.00 81.48  ? 17 C   C "C4'" 1 
ATOM   598  O  "O4'" . C   C 3 3  ? 12.183  13.059  9.927   1.00 85.63  ? 17 C   C "O4'" 1 
ATOM   599  C  "C3'" . C   C 3 3  ? 12.323  10.830  9.226   1.00 81.88  ? 17 C   C "C3'" 1 
ATOM   600  O  "O3'" . C   C 3 3  ? 12.992  9.856   8.424   1.00 80.67  ? 17 C   C "O3'" 1 
ATOM   601  C  "C2'" . C   C 3 3  ? 12.866  10.904  10.644  1.00 81.50  ? 17 C   C "C2'" 1 
ATOM   602  O  "O2'" . C   C 3 3  ? 14.284  10.929  10.679  1.00 81.59  ? 17 C   C "O2'" 1 
ATOM   603  C  "C1'" . C   C 3 3  ? 12.313  12.259  11.088  1.00 82.44  ? 17 C   C "C1'" 1 
ATOM   604  N  N1    . C   C 3 3  ? 10.985  12.119  11.708  1.00 81.34  ? 17 C   C N1    1 
ATOM   605  C  C2    . C   C 3 3  ? 10.919  11.802  13.060  1.00 81.13  ? 17 C   C C2    1 
ATOM   606  O  O2    . C   C 3 3  ? 11.975  11.671  13.693  1.00 84.05  ? 17 C   C O2    1 
ATOM   607  N  N3    . C   C 3 3  ? 9.715   11.648  13.647  1.00 79.41  ? 17 C   C N3    1 
ATOM   608  C  C4    . C   C 3 3  ? 8.604   11.802  12.934  1.00 77.78  ? 17 C   C C4    1 
ATOM   609  N  N4    . C   C 3 3  ? 7.444   11.642  13.562  1.00 77.26  ? 17 C   C N4    1 
ATOM   610  C  C5    . C   C 3 3  ? 8.637   12.129  11.550  1.00 79.45  ? 17 C   C C5    1 
ATOM   611  C  C6    . C   C 3 3  ? 9.841   12.280  10.981  1.00 80.45  ? 17 C   C C6    1 
ATOM   612  P  P     . A   C 3 4  ? 12.399  8.351   8.331   1.00 84.10  ? 18 A   C P     1 
ATOM   613  O  OP1   . A   C 3 4  ? 13.260  7.576   7.400   1.00 84.33  ? 18 A   C OP1   1 
ATOM   614  O  OP2   . A   C 3 4  ? 10.931  8.414   8.084   1.00 81.66  ? 18 A   C OP2   1 
ATOM   615  O  "O5'" . A   C 3 4  ? 12.597  7.760   9.800   1.00 85.42  ? 18 A   C "O5'" 1 
ATOM   616  C  "C5'" . A   C 3 4  ? 13.901  7.519   10.301  1.00 82.34  ? 18 A   C "C5'" 1 
ATOM   617  C  "C4'" . A   C 3 4  ? 13.852  7.017   11.725  1.00 83.59  ? 18 A   C "C4'" 1 
ATOM   618  O  "O4'" . A   C 3 4  ? 13.273  8.037   12.586  1.00 80.73  ? 18 A   C "O4'" 1 
ATOM   619  C  "C3'" . A   C 3 4  ? 12.953  5.815   11.962  1.00 86.04  ? 18 A   C "C3'" 1 
ATOM   620  O  "O3'" . A   C 3 4  ? 13.578  4.594   11.596  1.00 92.25  ? 18 A   C "O3'" 1 
ATOM   621  C  "C2'" . A   C 3 4  ? 12.675  5.913   13.456  1.00 83.62  ? 18 A   C "C2'" 1 
ATOM   622  O  "O2'" . A   C 3 4  ? 13.739  5.467   14.271  1.00 86.77  ? 18 A   C "O2'" 1 
ATOM   623  C  "C1'" . A   C 3 4  ? 12.546  7.419   13.630  1.00 79.53  ? 18 A   C "C1'" 1 
ATOM   624  N  N9    . A   C 3 4  ? 11.152  7.822   13.551  1.00 76.64  ? 18 A   C N9    1 
ATOM   625  C  C8    . A   C 3 4  ? 10.464  8.455   12.553  1.00 74.61  ? 18 A   C C8    1 
ATOM   626  N  N7    . A   C 3 4  ? 9.203   8.674   12.841  1.00 73.18  ? 18 A   C N7    1 
ATOM   627  C  C5    . A   C 3 4  ? 9.057   8.143   14.117  1.00 73.01  ? 18 A   C C5    1 
ATOM   628  C  C6    . A   C 3 4  ? 7.959   8.067   15.002  1.00 70.99  ? 18 A   C C6    1 
ATOM   629  N  N6    . A   C 3 4  ? 6.752   8.560   14.730  1.00 70.67  ? 18 A   C N6    1 
ATOM   630  N  N1    . A   C 3 4  ? 8.154   7.465   16.195  1.00 69.61  ? 18 A   C N1    1 
ATOM   631  C  C2    . A   C 3 4  ? 9.372   6.981   16.478  1.00 72.65  ? 18 A   C C2    1 
ATOM   632  N  N3    . A   C 3 4  ? 10.481  7.002   15.736  1.00 74.09  ? 18 A   C N3    1 
ATOM   633  C  C4    . A   C 3 4  ? 10.248  7.605   14.558  1.00 75.25  ? 18 A   C C4    1 
ATOM   634  P  P     . G   C 3 5  ? 12.674  3.302   11.275  1.00 93.88  ? 19 G   C P     1 
ATOM   635  O  OP1   . G   C 3 5  ? 13.630  2.232   10.891  1.00 93.90  ? 19 G   C OP1   1 
ATOM   636  O  OP2   . G   C 3 5  ? 11.589  3.686   10.327  1.00 97.35  ? 19 G   C OP2   1 
ATOM   637  O  "O5'" . G   C 3 5  ? 12.008  2.942   12.684  1.00 92.53  ? 19 G   C "O5'" 1 
ATOM   638  C  "C5'" . G   C 3 5  ? 12.813  2.467   13.755  1.00 84.91  ? 19 G   C "C5'" 1 
ATOM   639  C  "C4'" . G   C 3 5  ? 11.977  2.088   14.960  1.00 84.82  ? 19 G   C "C4'" 1 
ATOM   640  O  "O4'" . G   C 3 5  ? 11.384  3.282   15.532  1.00 82.08  ? 19 G   C "O4'" 1 
ATOM   641  C  "C3'" . G   C 3 5  ? 10.782  1.184   14.710  1.00 88.91  ? 19 G   C "C3'" 1 
ATOM   642  O  "O3'" . G   C 3 5  ? 11.136  -0.191  14.571  1.00 94.38  ? 19 G   C "O3'" 1 
ATOM   643  C  "C2'" . G   C 3 5  ? 9.907   1.472   15.927  1.00 87.43  ? 19 G   C "C2'" 1 
ATOM   644  O  "O2'" . G   C 3 5  ? 10.304  0.846   17.129  1.00 91.00  ? 19 G   C "O2'" 1 
ATOM   645  C  "C1'" . G   C 3 5  ? 10.127  2.966   16.096  1.00 84.05  ? 19 G   C "C1'" 1 
ATOM   646  N  N9    . G   C 3 5  ? 9.086   3.699   15.401  1.00 83.52  ? 19 G   C N9    1 
ATOM   647  C  C8    . G   C 3 5  ? 9.158   4.338   14.189  1.00 83.36  ? 19 G   C C8    1 
ATOM   648  N  N7    . G   C 3 5  ? 8.026   4.887   13.838  1.00 82.56  ? 19 G   C N7    1 
ATOM   649  C  C5    . G   C 3 5  ? 7.165   4.595   14.888  1.00 81.12  ? 19 G   C C5    1 
ATOM   650  C  C6    . G   C 3 5  ? 5.803   4.923   15.079  1.00 80.77  ? 19 G   C C6    1 
ATOM   651  O  O6    . G   C 3 5  ? 5.059   5.576   14.339  1.00 80.81  ? 19 G   C O6    1 
ATOM   652  N  N1    . G   C 3 5  ? 5.314   4.401   16.272  1.00 79.87  ? 19 G   C N1    1 
ATOM   653  C  C2    . G   C 3 5  ? 6.042   3.657   17.163  1.00 80.15  ? 19 G   C C2    1 
ATOM   654  N  N2    . G   C 3 5  ? 5.385   3.205   18.235  1.00 80.29  ? 19 G   C N2    1 
ATOM   655  N  N3    . G   C 3 5  ? 7.317   3.367   17.008  1.00 81.06  ? 19 G   C N3    1 
ATOM   656  C  C4    . G   C 3 5  ? 7.808   3.861   15.854  1.00 82.35  ? 19 G   C C4    1 
ATOM   657  P  P     . A   C 3 6  ? 10.322  -1.128  13.530  1.00 97.96  ? 20 A   C P     1 
ATOM   658  O  OP1   . A   C 3 6  ? 10.992  -2.457  13.470  1.00 96.05  ? 20 A   C OP1   1 
ATOM   659  O  OP2   . A   C 3 6  ? 10.111  -0.363  12.277  1.00 101.05 ? 20 A   C OP2   1 
ATOM   660  O  "O5'" . A   C 3 6  ? 8.895   -1.312  14.213  1.00 93.63  ? 20 A   C "O5'" 1 
ATOM   661  C  "C5'" . A   C 3 6  ? 8.805   -1.882  15.503  1.00 88.42  ? 20 A   C "C5'" 1 
ATOM   662  C  "C4'" . A   C 3 6  ? 7.448   -1.647  16.095  1.00 87.37  ? 20 A   C "C4'" 1 
ATOM   663  O  "O4'" . A   C 3 6  ? 7.239   -0.223  16.259  1.00 88.14  ? 20 A   C "O4'" 1 
ATOM   664  C  "C3'" . A   C 3 6  ? 6.289   -2.068  15.219  1.00 87.82  ? 20 A   C "C3'" 1 
ATOM   665  O  "O3'" . A   C 3 6  ? 6.063   -3.462  15.230  1.00 90.56  ? 20 A   C "O3'" 1 
ATOM   666  C  "C2'" . A   C 3 6  ? 5.148   -1.225  15.769  1.00 87.17  ? 20 A   C "C2'" 1 
ATOM   667  O  "O2'" . A   C 3 6  ? 4.566   -1.686  16.970  1.00 85.69  ? 20 A   C "O2'" 1 
ATOM   668  C  "C1'" . A   C 3 6  ? 5.876   0.083   16.035  1.00 85.84  ? 20 A   C "C1'" 1 
ATOM   669  N  N9    . A   C 3 6  ? 5.770   0.914   14.846  1.00 83.55  ? 20 A   C N9    1 
ATOM   670  C  C8    . A   C 3 6  ? 6.685   1.215   13.863  1.00 82.58  ? 20 A   C C8    1 
ATOM   671  N  N7    . A   C 3 6  ? 6.216   2.024   12.942  1.00 80.40  ? 20 A   C N7    1 
ATOM   672  C  C5    . A   C 3 6  ? 4.910   2.264   13.351  1.00 79.75  ? 20 A   C C5    1 
ATOM   673  C  C6    . A   C 3 6  ? 3.890   3.051   12.827  1.00 78.16  ? 20 A   C C6    1 
ATOM   674  N  N6    . A   C 3 6  ? 4.034   3.804   11.739  1.00 76.97  ? 20 A   C N6    1 
ATOM   675  N  N1    . A   C 3 6  ? 2.699   3.050   13.471  1.00 80.74  ? 20 A   C N1    1 
ATOM   676  C  C2    . A   C 3 6  ? 2.564   2.313   14.581  1.00 81.80  ? 20 A   C C2    1 
ATOM   677  N  N3    . A   C 3 6  ? 3.456   1.548   15.183  1.00 81.17  ? 20 A   C N3    1 
ATOM   678  C  C4    . A   C 3 6  ? 4.620   1.571   14.511  1.00 81.19  ? 20 A   C C4    1 
ATOM   679  P  P     . G   C 3 7  ? 5.648   -4.190  13.865  1.00 96.43  ? 21 G   C P     1 
ATOM   680  O  OP1   . G   C 3 7  ? 5.530   -5.650  14.115  1.00 94.97  ? 21 G   C OP1   1 
ATOM   681  O  OP2   . G   C 3 7  ? 6.574   -3.688  12.807  1.00 93.02  ? 21 G   C OP2   1 
ATOM   682  O  "O5'" . G   C 3 7  ? 4.186   -3.621  13.592  1.00 94.06  ? 21 G   C "O5'" 1 
ATOM   683  C  "C5'" . G   C 3 7  ? 3.189   -3.692  14.608  1.00 90.25  ? 21 G   C "C5'" 1 
ATOM   684  C  "C4'" . G   C 3 7  ? 1.941   -2.956  14.181  1.00 88.73  ? 21 G   C "C4'" 1 
ATOM   685  O  "O4'" . G   C 3 7  ? 2.205   -1.530  14.124  1.00 85.90  ? 21 G   C "O4'" 1 
ATOM   686  C  "C3'" . G   C 3 7  ? 1.389   -3.300  12.809  1.00 88.78  ? 21 G   C "C3'" 1 
ATOM   687  O  "O3'" . G   C 3 7  ? 0.597   -4.483  12.883  1.00 94.87  ? 21 G   C "O3'" 1 
ATOM   688  C  "C2'" . G   C 3 7  ? 0.586   -2.044  12.483  1.00 87.06  ? 21 G   C "C2'" 1 
ATOM   689  O  "O2'" . G   C 3 7  ? -0.628  -1.963  13.204  1.00 86.88  ? 21 G   C "O2'" 1 
ATOM   690  C  "C1'" . G   C 3 7  ? 1.494   -0.959  13.049  1.00 82.25  ? 21 G   C "C1'" 1 
ATOM   691  N  N9    . G   C 3 7  ? 2.466   -0.507  12.069  1.00 77.27  ? 21 G   C N9    1 
ATOM   692  C  C8    . G   C 3 7  ? 3.725   -1.017  11.842  1.00 75.90  ? 21 G   C C8    1 
ATOM   693  N  N7    . G   C 3 7  ? 4.375   -0.379  10.904  1.00 74.80  ? 21 G   C N7    1 
ATOM   694  C  C5    . G   C 3 7  ? 3.485   0.606   10.485  1.00 74.11  ? 21 G   C C5    1 
ATOM   695  C  C6    . G   C 3 7  ? 3.626   1.616   9.491   1.00 73.22  ? 21 G   C C6    1 
ATOM   696  O  O6    . G   C 3 7  ? 4.603   1.848   8.759   1.00 75.26  ? 21 G   C O6    1 
ATOM   697  N  N1    . G   C 3 7  ? 2.469   2.401   9.389   1.00 69.60  ? 21 G   C N1    1 
ATOM   698  C  C2    . G   C 3 7  ? 1.323   2.230   10.141  1.00 70.53  ? 21 G   C C2    1 
ATOM   699  N  N2    . G   C 3 7  ? 0.305   3.073   9.879   1.00 66.10  ? 21 G   C N2    1 
ATOM   700  N  N3    . G   C 3 7  ? 1.186   1.297   11.075  1.00 69.96  ? 21 G   C N3    1 
ATOM   701  C  C4    . G   C 3 7  ? 2.298   0.528   11.192  1.00 73.40  ? 21 G   C C4    1 
ATOM   702  P  P     . A   C 3 8  ? 0.655   -5.568  11.697  1.00 95.97  ? 22 A   C P     1 
ATOM   703  O  OP1   . A   C 3 8  ? 0.413   -6.884  12.324  1.00 98.05  ? 22 A   C OP1   1 
ATOM   704  O  OP2   . A   C 3 8  ? 1.879   -5.360  10.882  1.00 90.56  ? 22 A   C OP2   1 
ATOM   705  O  "O5'" . A   C 3 8  ? -0.611  -5.197  10.805  1.00 94.24  ? 22 A   C "O5'" 1 
ATOM   706  C  "C5'" . A   C 3 8  ? -1.783  -6.011  10.812  1.00 88.87  ? 22 A   C "C5'" 1 
ATOM   707  C  "C4'" . A   C 3 8  ? -2.942  -5.291  11.481  1.00 88.09  ? 22 A   C "C4'" 1 
ATOM   708  O  "O4'" . A   C 3 8  ? -2.562  -3.934  11.846  1.00 85.54  ? 22 A   C "O4'" 1 
ATOM   709  C  "C3'" . A   C 3 8  ? -4.154  -5.088  10.587  1.00 88.07  ? 22 A   C "C3'" 1 
ATOM   710  O  "O3'" . A   C 3 8  ? -4.960  -6.253  10.500  1.00 89.58  ? 22 A   C "O3'" 1 
ATOM   711  C  "C2'" . A   C 3 8  ? -4.865  -3.905  11.237  1.00 83.82  ? 22 A   C "C2'" 1 
ATOM   712  O  "O2'" . A   C 3 8  ? -5.685  -4.238  12.340  1.00 84.87  ? 22 A   C "O2'" 1 
ATOM   713  C  "C1'" . A   C 3 8  ? -3.678  -3.060  11.696  1.00 80.26  ? 22 A   C "C1'" 1 
ATOM   714  N  N9    . A   C 3 8  ? -3.337  -2.014  10.734  1.00 76.02  ? 22 A   C N9    1 
ATOM   715  C  C8    . A   C 3 8  ? -2.176  -1.880  10.013  1.00 74.89  ? 22 A   C C8    1 
ATOM   716  N  N7    . A   C 3 8  ? -2.159  -0.835  9.223   1.00 72.12  ? 22 A   C N7    1 
ATOM   717  C  C5    . A   C 3 8  ? -3.394  -0.238  9.436   1.00 70.86  ? 22 A   C C5    1 
ATOM   718  C  C6    . A   C 3 8  ? -3.990  0.910   8.895   1.00 68.23  ? 22 A   C C6    1 
ATOM   719  N  N6    . A   C 3 8  ? -3.388  1.692   7.995   1.00 65.37  ? 22 A   C N6    1 
ATOM   720  N  N1    . A   C 3 8  ? -5.237  1.233   9.314   1.00 66.46  ? 22 A   C N1    1 
ATOM   721  C  C2    . A   C 3 8  ? -5.827  0.448   10.222  1.00 67.83  ? 22 A   C C2    1 
ATOM   722  N  N3    . A   C 3 8  ? -5.366  -0.659  10.809  1.00 70.41  ? 22 A   C N3    1 
ATOM   723  C  C4    . A   C 3 8  ? -4.130  -0.953  10.365  1.00 72.40  ? 22 A   C C4    1 
ATOM   724  P  P     . A   C 3 9  ? -5.565  -6.686  9.075   1.00 87.92  ? 23 A   C P     1 
ATOM   725  O  OP1   . A   C 3 9  ? -6.185  -8.026  9.201   1.00 92.42  ? 23 A   C OP1   1 
ATOM   726  O  OP2   . A   C 3 9  ? -4.526  -6.454  8.040   1.00 86.79  ? 23 A   C OP2   1 
ATOM   727  O  "O5'" . A   C 3 9  ? -6.735  -5.642  8.842   1.00 84.28  ? 23 A   C "O5'" 1 
ATOM   728  C  "C5'" . A   C 3 9  ? -7.741  -5.461  9.824   1.00 81.54  ? 23 A   C "C5'" 1 
ATOM   729  C  "C4'" . A   C 3 9  ? -8.503  -4.198  9.542   1.00 81.79  ? 23 A   C "C4'" 1 
ATOM   730  O  "O4'" . A   C 3 9  ? -7.603  -3.066  9.679   1.00 80.41  ? 23 A   C "O4'" 1 
ATOM   731  C  "C3'" . A   C 3 9  ? -9.015  -4.080  8.117   1.00 83.61  ? 23 A   C "C3'" 1 
ATOM   732  O  "O3'" . A   C 3 9  ? -10.236 -4.775  7.929   1.00 87.41  ? 23 A   C "O3'" 1 
ATOM   733  C  "C2'" . A   C 3 9  ? -9.162  -2.572  7.951   1.00 81.33  ? 23 A   C "C2'" 1 
ATOM   734  O  "O2'" . A   C 3 9  ? -10.347 -2.045  8.518   1.00 82.15  ? 23 A   C "O2'" 1 
ATOM   735  C  "C1'" . A   C 3 9  ? -7.942  -2.067  8.725   1.00 78.15  ? 23 A   C "C1'" 1 
ATOM   736  N  N9    . A   C 3 9  ? -6.792  -1.847  7.843   1.00 69.76  ? 23 A   C N9    1 
ATOM   737  C  C8    . A   C 3 9  ? -5.647  -2.600  7.742   1.00 66.10  ? 23 A   C C8    1 
ATOM   738  N  N7    . A   C 3 9  ? -4.814  -2.175  6.822   1.00 63.47  ? 23 A   C N7    1 
ATOM   739  C  C5    . A   C 3 9  ? -5.448  -1.064  6.286   1.00 61.16  ? 23 A   C C5    1 
ATOM   740  C  C6    . A   C 3 9  ? -5.085  -0.179  5.262   1.00 57.99  ? 23 A   C C6    1 
ATOM   741  N  N6    . A   C 3 9  ? -3.954  -0.298  4.555   1.00 49.88  ? 23 A   C N6    1 
ATOM   742  N  N1    . A   C 3 9  ? -5.934  0.837   4.977   1.00 58.04  ? 23 A   C N1    1 
ATOM   743  C  C2    . A   C 3 9  ? -7.075  0.938   5.677   1.00 61.48  ? 23 A   C C2    1 
ATOM   744  N  N3    . A   C 3 9  ? -7.534  0.156   6.654   1.00 63.05  ? 23 A   C N3    1 
ATOM   745  C  C4    . A   C 3 9  ? -6.661  -0.837  6.916   1.00 63.60  ? 23 A   C C4    1 
ATOM   746  P  P     . A   C 3 10 ? -10.577 -5.391  6.489   1.00 91.48  ? 24 A   C P     1 
ATOM   747  O  OP1   . A   C 3 10 ? -11.888 -6.076  6.601   1.00 92.35  ? 24 A   C OP1   1 
ATOM   748  O  OP2   . A   C 3 10 ? -9.389  -6.139  5.988   1.00 84.44  ? 24 A   C OP2   1 
ATOM   749  O  "O5'" . A   C 3 10 ? -10.772 -4.107  5.568   1.00 87.21  ? 24 A   C "O5'" 1 
ATOM   750  C  "C5'" . A   C 3 10 ? -11.866 -3.213  5.773   1.00 80.55  ? 24 A   C "C5'" 1 
ATOM   751  C  "C4'" . A   C 3 10 ? -11.794 -2.072  4.785   1.00 76.78  ? 24 A   C "C4'" 1 
ATOM   752  O  "O4'" . A   C 3 10 ? -10.600 -1.295  5.044   1.00 76.06  ? 24 A   C "O4'" 1 
ATOM   753  C  "C3'" . A   C 3 10 ? -11.670 -2.475  3.328   1.00 76.49  ? 24 A   C "C3'" 1 
ATOM   754  O  "O3'" . A   C 3 10 ? -12.935 -2.761  2.763   1.00 76.15  ? 24 A   C "O3'" 1 
ATOM   755  C  "C2'" . A   C 3 10 ? -11.018 -1.248  2.716   1.00 73.92  ? 24 A   C "C2'" 1 
ATOM   756  O  "O2'" . A   C 3 10 ? -11.941 -0.192  2.543   1.00 75.06  ? 24 A   C "O2'" 1 
ATOM   757  C  "C1'" . A   C 3 10 ? -10.036 -0.868  3.821   1.00 71.28  ? 24 A   C "C1'" 1 
ATOM   758  N  N9    . A   C 3 10 ? -8.771  -1.572  3.660   1.00 68.17  ? 24 A   C N9    1 
ATOM   759  C  C8    . A   C 3 10 ? -8.330  -2.677  4.343   1.00 66.51  ? 24 A   C C8    1 
ATOM   760  N  N7    . A   C 3 10 ? -7.130  -3.072  3.992   1.00 64.97  ? 24 A   C N7    1 
ATOM   761  C  C5    . A   C 3 10 ? -6.760  -2.167  3.009   1.00 64.27  ? 24 A   C C5    1 
ATOM   762  C  C6    . A   C 3 10 ? -5.591  -2.032  2.238   1.00 63.83  ? 24 A   C C6    1 
ATOM   763  N  N6    . A   C 3 10 ? -4.525  -2.833  2.347   1.00 64.08  ? 24 A   C N6    1 
ATOM   764  N  N1    . A   C 3 10 ? -5.551  -1.026  1.341   1.00 64.19  ? 24 A   C N1    1 
ATOM   765  C  C2    . A   C 3 10 ? -6.613  -0.211  1.239   1.00 65.42  ? 24 A   C C2    1 
ATOM   766  N  N3    . A   C 3 10 ? -7.758  -0.234  1.909   1.00 65.02  ? 24 A   C N3    1 
ATOM   767  C  C4    . A   C 3 10 ? -7.767  -1.246  2.788   1.00 65.47  ? 24 A   C C4    1 
ATOM   768  P  P     . C   C 3 11 ? -13.066 -3.949  1.698   1.00 77.95  ? 25 C   C P     1 
ATOM   769  O  OP1   . C   C 3 11 ? -14.492 -4.007  1.308   1.00 75.75  ? 25 C   C OP1   1 
ATOM   770  O  OP2   . C   C 3 11 ? -12.403 -5.155  2.275   1.00 75.74  ? 25 C   C OP2   1 
ATOM   771  O  "O5'" . C   C 3 11 ? -12.215 -3.441  0.450   1.00 72.51  ? 25 C   C "O5'" 1 
ATOM   772  C  "C5'" . C   C 3 11 ? -12.622 -2.288  -0.276  1.00 68.00  ? 25 C   C "C5'" 1 
ATOM   773  C  "C4'" . C   C 3 11 ? -11.548 -1.869  -1.245  1.00 66.95  ? 25 C   C "C4'" 1 
ATOM   774  O  "O4'" . C   C 3 11 ? -10.343 -1.588  -0.498  1.00 67.03  ? 25 C   C "O4'" 1 
ATOM   775  C  "C3'" . C   C 3 11 ? -11.114 -2.918  -2.254  1.00 68.39  ? 25 C   C "C3'" 1 
ATOM   776  O  "O3'" . C   C 3 11 ? -11.967 -2.943  -3.389  1.00 73.55  ? 25 C   C "O3'" 1 
ATOM   777  C  "C2'" . C   C 3 11 ? -9.713  -2.449  -2.611  1.00 64.68  ? 25 C   C "C2'" 1 
ATOM   778  O  "O2'" . C   C 3 11 ? -9.721  -1.346  -3.492  1.00 64.87  ? 25 C   C "O2'" 1 
ATOM   779  C  "C1'" . C   C 3 11 ? -9.213  -1.974  -1.253  1.00 61.53  ? 25 C   C "C1'" 1 
ATOM   780  N  N1    . C   C 3 11 ? -8.495  -3.023  -0.518  1.00 58.24  ? 25 C   C N1    1 
ATOM   781  C  C2    . C   C 3 11 ? -7.161  -3.258  -0.846  1.00 58.29  ? 25 C   C C2    1 
ATOM   782  O  O2    . C   C 3 11 ? -6.657  -2.617  -1.767  1.00 60.35  ? 25 C   C O2    1 
ATOM   783  N  N3    . C   C 3 11 ? -6.457  -4.180  -0.163  1.00 56.02  ? 25 C   C N3    1 
ATOM   784  C  C4    . C   C 3 11 ? -7.042  -4.874  0.810   1.00 57.59  ? 25 C   C C4    1 
ATOM   785  N  N4    . C   C 3 11 ? -6.294  -5.772  1.469   1.00 58.57  ? 25 C   C N4    1 
ATOM   786  C  C5    . C   C 3 11 ? -8.417  -4.678  1.153   1.00 56.17  ? 25 C   C C5    1 
ATOM   787  C  C6    . C   C 3 11 ? -9.100  -3.748  0.467   1.00 55.49  ? 25 C   C C6    1 
ATOM   788  P  P     . A   C 3 12 ? -12.072 -4.275  -4.280  1.00 75.49  ? 26 A   C P     1 
ATOM   789  O  OP1   . A   C 3 12 ? -13.144 -4.034  -5.277  1.00 73.26  ? 26 A   C OP1   1 
ATOM   790  O  OP2   . A   C 3 12 ? -12.151 -5.450  -3.377  1.00 74.25  ? 26 A   C OP2   1 
ATOM   791  O  "O5'" . A   C 3 12 ? -10.673 -4.353  -5.033  1.00 70.89  ? 26 A   C "O5'" 1 
ATOM   792  C  "C5'" . A   C 3 12 ? -10.286 -3.359  -5.977  1.00 68.02  ? 26 A   C "C5'" 1 
ATOM   793  C  "C4'" . A   C 3 12 ? -8.872  -3.613  -6.426  1.00 66.99  ? 26 A   C "C4'" 1 
ATOM   794  O  "O4'" . A   C 3 12 ? -8.007  -3.507  -5.275  1.00 64.32  ? 26 A   C "O4'" 1 
ATOM   795  C  "C3'" . A   C 3 12 ? -8.617  -5.020  -6.923  1.00 68.33  ? 26 A   C "C3'" 1 
ATOM   796  O  "O3'" . A   C 3 12 ? -8.976  -5.189  -8.273  1.00 72.52  ? 26 A   C "O3'" 1 
ATOM   797  C  "C2'" . A   C 3 12 ? -7.128  -5.183  -6.695  1.00 65.24  ? 26 A   C "C2'" 1 
ATOM   798  O  "O2'" . A   C 3 12 ? -6.355  -4.517  -7.662  1.00 64.63  ? 26 A   C "O2'" 1 
ATOM   799  C  "C1'" . A   C 3 12 ? -6.973  -4.467  -5.363  1.00 63.83  ? 26 A   C "C1'" 1 
ATOM   800  N  N9    . A   C 3 12 ? -7.126  -5.388  -4.246  1.00 63.03  ? 26 A   C N9    1 
ATOM   801  C  C8    . A   C 3 12 ? -8.187  -5.541  -3.382  1.00 63.65  ? 26 A   C C8    1 
ATOM   802  N  N7    . A   C 3 12 ? -7.962  -6.398  -2.418  1.00 60.79  ? 26 A   C N7    1 
ATOM   803  C  C5    . A   C 3 12 ? -6.676  -6.847  -2.677  1.00 59.51  ? 26 A   C C5    1 
ATOM   804  C  C6    . A   C 3 12 ? -5.847  -7.729  -2.004  1.00 59.61  ? 26 A   C C6    1 
ATOM   805  N  N6    . A   C 3 12 ? -6.185  -8.317  -0.860  1.00 60.36  ? 26 A   C N6    1 
ATOM   806  N  N1    . A   C 3 12 ? -4.632  -7.980  -2.537  1.00 59.26  ? 26 A   C N1    1 
ATOM   807  C  C2    . A   C 3 12 ? -4.284  -7.355  -3.671  1.00 59.60  ? 26 A   C C2    1 
ATOM   808  N  N3    . A   C 3 12 ? -4.972  -6.482  -4.386  1.00 58.40  ? 26 A   C N3    1 
ATOM   809  C  C4    . A   C 3 12 ? -6.171  -6.266  -3.823  1.00 60.00  ? 26 A   C C4    1 
ATOM   810  P  P     . C   C 3 13 ? -9.554  -6.602  -8.747  1.00 73.16  ? 27 C   C P     1 
ATOM   811  O  OP1   . C   C 3 13 ? -9.945  -6.404  -10.155 1.00 67.06  ? 27 C   C OP1   1 
ATOM   812  O  OP2   . C   C 3 13 ? -10.561 -7.071  -7.750  1.00 69.92  ? 27 C   C OP2   1 
ATOM   813  O  "O5'" . C   C 3 13 ? -8.285  -7.559  -8.696  1.00 62.95  ? 27 C   C "O5'" 1 
ATOM   814  C  "C5'" . C   C 3 13 ? -7.201  -7.332  -9.581  1.00 63.72  ? 27 C   C "C5'" 1 
ATOM   815  C  "C4'" . C   C 3 13 ? -6.003  -8.153  -9.181  1.00 65.51  ? 27 C   C "C4'" 1 
ATOM   816  O  "O4'" . C   C 3 13 ? -5.661  -7.839  -7.806  1.00 71.13  ? 27 C   C "O4'" 1 
ATOM   817  C  "C3'" . C   C 3 13 ? -6.217  -9.652  -9.141  1.00 69.86  ? 27 C   C "C3'" 1 
ATOM   818  O  "O3'" . C   C 3 13 ? -6.136  -10.248 -10.423 1.00 75.96  ? 27 C   C "O3'" 1 
ATOM   819  C  "C2'" . C   C 3 13 ? -5.115  -10.107 -8.196  1.00 67.06  ? 27 C   C "C2'" 1 
ATOM   820  O  "O2'" . C   C 3 13 ? -3.834  -10.077 -8.801  1.00 64.61  ? 27 C   C "O2'" 1 
ATOM   821  C  "C1'" . C   C 3 13 ? -5.156  -8.997  -7.158  1.00 62.36  ? 27 C   C "C1'" 1 
ATOM   822  N  N1    . C   C 3 13 ? -6.031  -9.323  -6.030  1.00 60.84  ? 27 C   C N1    1 
ATOM   823  C  C2    . C   C 3 13 ? -5.510  -10.089 -4.981  1.00 59.17  ? 27 C   C C2    1 
ATOM   824  O  O2    . C   C 3 13 ? -4.335  -10.488 -5.056  1.00 55.34  ? 27 C   C O2    1 
ATOM   825  N  N3    . C   C 3 13 ? -6.293  -10.377 -3.915  1.00 57.76  ? 27 C   C N3    1 
ATOM   826  C  C4    . C   C 3 13 ? -7.552  -9.935  -3.876  1.00 58.90  ? 27 C   C C4    1 
ATOM   827  N  N4    . C   C 3 13 ? -8.288  -10.228 -2.794  1.00 61.05  ? 27 C   C N4    1 
ATOM   828  C  C5    . C   C 3 13 ? -8.116  -9.167  -4.943  1.00 59.89  ? 27 C   C C5    1 
ATOM   829  C  C6    . C   C 3 13 ? -7.327  -8.888  -5.991  1.00 60.18  ? 27 C   C C6    1 
ATOM   830  P  P     . A   C 3 14 ? -7.062  -11.514 -10.757 1.00 77.53  ? 28 A   C P     1 
ATOM   831  O  OP1   . A   C 3 14 ? -6.878  -11.808 -12.196 1.00 78.27  ? 28 A   C OP1   1 
ATOM   832  O  OP2   . A   C 3 14 ? -8.424  -11.242 -10.234 1.00 70.59  ? 28 A   C OP2   1 
ATOM   833  O  "O5'" . A   C 3 14 ? -6.386  -12.683 -9.915  1.00 71.32  ? 28 A   C "O5'" 1 
ATOM   834  C  "C5'" . A   C 3 14 ? -5.060  -13.072 -10.221 1.00 68.60  ? 28 A   C "C5'" 1 
ATOM   835  C  "C4'" . A   C 3 14 ? -4.530  -14.065 -9.218  1.00 72.36  ? 28 A   C "C4'" 1 
ATOM   836  O  "O4'" . A   C 3 14 ? -4.448  -13.442 -7.915  1.00 73.83  ? 28 A   C "O4'" 1 
ATOM   837  C  "C3'" . A   C 3 14 ? -5.371  -15.300 -8.974  1.00 74.37  ? 28 A   C "C3'" 1 
ATOM   838  O  "O3'" . A   C 3 14 ? -5.174  -16.273 -9.979  1.00 77.34  ? 28 A   C "O3'" 1 
ATOM   839  C  "C2'" . A   C 3 14 ? -4.891  -15.744 -7.599  1.00 71.25  ? 28 A   C "C2'" 1 
ATOM   840  O  "O2'" . A   C 3 14 ? -3.630  -16.392 -7.607  1.00 69.28  ? 28 A   C "O2'" 1 
ATOM   841  C  "C1'" . A   C 3 14 ? -4.733  -14.396 -6.910  1.00 68.40  ? 28 A   C "C1'" 1 
ATOM   842  N  N9    . A   C 3 14 ? -5.961  -13.994 -6.242  1.00 63.92  ? 28 A   C N9    1 
ATOM   843  C  C8    . A   C 3 14 ? -6.963  -13.179 -6.700  1.00 64.22  ? 28 A   C C8    1 
ATOM   844  N  N7    . A   C 3 14 ? -7.924  -12.987 -5.831  1.00 63.18  ? 28 A   C N7    1 
ATOM   845  C  C5    . A   C 3 14 ? -7.529  -13.738 -4.729  1.00 60.48  ? 28 A   C C5    1 
ATOM   846  C  C6    . A   C 3 14 ? -8.107  -13.946 -3.460  1.00 59.26  ? 28 A   C C6    1 
ATOM   847  N  N6    . A   C 3 14 ? -9.256  -13.393 -3.063  1.00 54.23  ? 28 A   C N6    1 
ATOM   848  N  N1    . A   C 3 14 ? -7.447  -14.751 -2.593  1.00 60.20  ? 28 A   C N1    1 
ATOM   849  C  C2    . A   C 3 14 ? -6.289  -15.301 -2.981  1.00 60.41  ? 28 A   C C2    1 
ATOM   850  N  N3    . A   C 3 14 ? -5.647  -15.179 -4.142  1.00 62.99  ? 28 A   C N3    1 
ATOM   851  C  C4    . A   C 3 14 ? -6.328  -14.370 -4.978  1.00 61.59  ? 28 A   C C4    1 
ATOM   852  P  P     . C   C 3 15 ? -6.399  -17.207 -10.417 1.00 81.24  ? 29 C   C P     1 
ATOM   853  O  OP1   . C   C 3 15 ? -5.871  -17.992 -11.555 1.00 82.07  ? 29 C   C OP1   1 
ATOM   854  O  OP2   . C   C 3 15 ? -7.615  -16.372 -10.610 1.00 71.06  ? 29 C   C OP2   1 
ATOM   855  O  "O5'" . C   C 3 15 ? -6.588  -18.174 -9.155  1.00 75.91  ? 29 C   C "O5'" 1 
ATOM   856  C  "C5'" . C   C 3 15 ? -5.616  -19.185 -8.890  1.00 70.20  ? 29 C   C "C5'" 1 
ATOM   857  C  "C4'" . C   C 3 15 ? -5.793  -19.808 -7.514  1.00 72.01  ? 29 C   C "C4'" 1 
ATOM   858  O  "O4'" . C   C 3 15 ? -5.670  -18.778 -6.498  1.00 76.24  ? 29 C   C "O4'" 1 
ATOM   859  C  "C3'" . C   C 3 15 ? -7.117  -20.489 -7.192  1.00 72.11  ? 29 C   C "C3'" 1 
ATOM   860  O  "O3'" . C   C 3 15 ? -7.190  -21.818 -7.681  1.00 72.55  ? 29 C   C "O3'" 1 
ATOM   861  C  "C2'" . C   C 3 15 ? -7.136  -20.446 -5.669  1.00 71.62  ? 29 C   C "C2'" 1 
ATOM   862  O  "O2'" . C   C 3 15 ? -6.365  -21.443 -5.022  1.00 70.43  ? 29 C   C "O2'" 1 
ATOM   863  C  "C1'" . C   C 3 15 ? -6.530  -19.074 -5.410  1.00 71.39  ? 29 C   C "C1'" 1 
ATOM   864  N  N1    . C   C 3 15 ? -7.614  -18.098 -5.391  1.00 68.12  ? 29 C   C N1    1 
ATOM   865  C  C2    . C   C 3 15 ? -8.266  -17.887 -4.194  1.00 67.75  ? 29 C   C C2    1 
ATOM   866  O  O2    . C   C 3 15 ? -7.851  -18.483 -3.184  1.00 67.02  ? 29 C   C O2    1 
ATOM   867  N  N3    . C   C 3 15 ? -9.324  -17.047 -4.153  1.00 64.57  ? 29 C   C N3    1 
ATOM   868  C  C4    . C   C 3 15 ? -9.719  -16.426 -5.265  1.00 62.52  ? 29 C   C C4    1 
ATOM   869  N  N4    . C   C 3 15 ? -10.786 -15.627 -5.191  1.00 61.94  ? 29 C   C N4    1 
ATOM   870  C  C5    . C   C 3 15 ? -9.043  -16.600 -6.504  1.00 63.43  ? 29 C   C C5    1 
ATOM   871  C  C6    . C   C 3 15 ? -8.003  -17.436 -6.522  1.00 64.94  ? 29 C   C C6    1 
ATOM   872  P  P     . G   C 3 16 ? -8.615  -22.446 -8.056  1.00 79.47  ? 30 G   C P     1 
ATOM   873  O  OP1   . G   C 3 16 ? -8.341  -23.766 -8.648  1.00 80.14  ? 30 G   C OP1   1 
ATOM   874  O  OP2   . G   C 3 16 ? -9.405  -21.445 -8.821  1.00 71.15  ? 30 G   C OP2   1 
ATOM   875  O  "O5'" . G   C 3 16 ? -9.284  -22.700 -6.638  1.00 74.88  ? 30 G   C "O5'" 1 
ATOM   876  C  "C5'" . G   C 3 16 ? -8.661  -23.580 -5.715  1.00 75.65  ? 30 G   C "C5'" 1 
ATOM   877  C  "C4'" . G   C 3 16 ? -9.412  -23.611 -4.399  1.00 78.87  ? 30 G   C "C4'" 1 
ATOM   878  O  "O4'" . G   C 3 16 ? -9.244  -22.337 -3.718  1.00 79.61  ? 30 G   C "O4'" 1 
ATOM   879  C  "C3'" . G   C 3 16 ? -10.921 -23.804 -4.445  1.00 79.28  ? 30 G   C "C3'" 1 
ATOM   880  O  "O3'" . G   C 3 16 ? -11.331 -25.152 -4.641  1.00 80.94  ? 30 G   C "O3'" 1 
ATOM   881  C  "C2'" . G   C 3 16 ? -11.330 -23.236 -3.095  1.00 78.30  ? 30 G   C "C2'" 1 
ATOM   882  O  "O2'" . G   C 3 16 ? -10.924 -24.091 -2.043  1.00 76.15  ? 30 G   C "O2'" 1 
ATOM   883  C  "C1'" . G   C 3 16 ? -10.433 -22.008 -3.020  1.00 77.22  ? 30 G   C "C1'" 1 
ATOM   884  N  N9    . G   C 3 16 ? -11.076 -20.871 -3.675  1.00 74.14  ? 30 G   C N9    1 
ATOM   885  C  C8    . G   C 3 16 ? -10.796 -20.333 -4.908  1.00 73.87  ? 30 G   C C8    1 
ATOM   886  N  N7    . G   C 3 16 ? -11.562 -19.321 -5.214  1.00 71.51  ? 30 G   C N7    1 
ATOM   887  C  C5    . G   C 3 16 ? -12.392 -19.180 -4.113  1.00 70.99  ? 30 G   C C5    1 
ATOM   888  C  C6    . G   C 3 16 ? -13.418 -18.251 -3.862  1.00 70.17  ? 30 G   C C6    1 
ATOM   889  O  O6    . G   C 3 16 ? -13.791 -17.316 -4.571  1.00 69.01  ? 30 G   C O6    1 
ATOM   890  N  N1    . G   C 3 16 ? -14.031 -18.486 -2.633  1.00 69.17  ? 30 G   C N1    1 
ATOM   891  C  C2    . G   C 3 16 ? -13.680 -19.486 -1.751  1.00 70.27  ? 30 G   C C2    1 
ATOM   892  N  N2    . G   C 3 16 ? -14.399 -19.585 -0.619  1.00 69.34  ? 30 G   C N2    1 
ATOM   893  N  N3    . G   C 3 16 ? -12.699 -20.336 -1.966  1.00 72.17  ? 30 G   C N3    1 
ATOM   894  C  C4    . G   C 3 16 ? -12.108 -20.133 -3.160  1.00 72.49  ? 30 G   C C4    1 
ATOM   895  P  P     . A   C 3 17 ? -12.596 -25.465 -5.586  1.00 80.04  ? 31 A   C P     1 
ATOM   896  O  OP1   . A   C 3 17 ? -12.563 -26.935 -5.762  1.00 82.56  ? 31 A   C OP1   1 
ATOM   897  O  OP2   . A   C 3 17 ? -12.595 -24.575 -6.773  1.00 74.19  ? 31 A   C OP2   1 
ATOM   898  O  "O5'" . A   C 3 17 ? -13.863 -25.025 -4.724  1.00 79.87  ? 31 A   C "O5'" 1 
ATOM   899  C  "C5'" . A   C 3 17 ? -14.052 -25.526 -3.402  1.00 79.32  ? 31 A   C "C5'" 1 
ATOM   900  C  "C4'" . A   C 3 17 ? -15.148 -24.766 -2.680  1.00 79.96  ? 31 A   C "C4'" 1 
ATOM   901  O  "O4'" . A   C 3 17 ? -14.748 -23.381 -2.530  1.00 79.68  ? 31 A   C "O4'" 1 
ATOM   902  C  "C3'" . A   C 3 17 ? -16.485 -24.680 -3.401  1.00 80.31  ? 31 A   C "C3'" 1 
ATOM   903  O  "O3'" . A   C 3 17 ? -17.315 -25.837 -3.282  1.00 82.98  ? 31 A   C "O3'" 1 
ATOM   904  C  "C2'" . A   C 3 17 ? -17.113 -23.447 -2.775  1.00 82.10  ? 31 A   C "C2'" 1 
ATOM   905  O  "O2'" . A   C 3 17 ? -17.698 -23.704 -1.518  1.00 86.72  ? 31 A   C "O2'" 1 
ATOM   906  C  "C1'" . A   C 3 17 ? -15.890 -22.550 -2.592  1.00 79.50  ? 31 A   C "C1'" 1 
ATOM   907  N  N9    . A   C 3 17 ? -15.732 -21.586 -3.675  1.00 75.44  ? 31 A   C N9    1 
ATOM   908  C  C8    . A   C 3 17 ? -14.966 -21.653 -4.812  1.00 75.12  ? 31 A   C C8    1 
ATOM   909  N  N7    . A   C 3 17 ? -15.103 -20.610 -5.599  1.00 73.81  ? 31 A   C N7    1 
ATOM   910  C  C5    . A   C 3 17 ? -16.015 -19.805 -4.925  1.00 73.37  ? 31 A   C C5    1 
ATOM   911  C  C6    . A   C 3 17 ? -16.598 -18.568 -5.232  1.00 72.18  ? 31 A   C C6    1 
ATOM   912  N  N6    . A   C 3 17 ? -16.351 -17.892 -6.348  1.00 71.79  ? 31 A   C N6    1 
ATOM   913  N  N1    . A   C 3 17 ? -17.461 -18.042 -4.345  1.00 71.41  ? 31 A   C N1    1 
ATOM   914  C  C2    . A   C 3 17 ? -17.723 -18.720 -3.230  1.00 72.49  ? 31 A   C C2    1 
ATOM   915  N  N3    . A   C 3 17 ? -17.249 -19.890 -2.831  1.00 73.33  ? 31 A   C N3    1 
ATOM   916  C  C4    . A   C 3 17 ? -16.393 -20.387 -3.735  1.00 74.36  ? 31 A   C C4    1 
ATOM   917  O  "O5'" . U   D 4 1  ? -19.950 -9.947  -3.811  1.00 81.56  ? 31 U   D "O5'" 1 
ATOM   918  C  "C5'" . U   D 4 1  ? -21.193 -9.769  -3.145  1.00 79.82  ? 31 U   D "C5'" 1 
ATOM   919  C  "C4'" . U   D 4 1  ? -21.487 -10.995 -2.327  1.00 80.00  ? 31 U   D "C4'" 1 
ATOM   920  O  "O4'" . U   D 4 1  ? -21.824 -12.085 -3.219  1.00 80.63  ? 31 U   D "O4'" 1 
ATOM   921  C  "C3'" . U   D 4 1  ? -20.325 -11.518 -1.502  1.00 75.69  ? 31 U   D "C3'" 1 
ATOM   922  O  "O3'" . U   D 4 1  ? -20.268 -10.876 -0.241  1.00 72.00  ? 31 U   D "O3'" 1 
ATOM   923  C  "C2'" . U   D 4 1  ? -20.704 -12.978 -1.334  1.00 78.35  ? 31 U   D "C2'" 1 
ATOM   924  O  "O2'" . U   D 4 1  ? -21.711 -13.123 -0.355  1.00 80.94  ? 31 U   D "O2'" 1 
ATOM   925  C  "C1'" . U   D 4 1  ? -21.296 -13.297 -2.708  1.00 79.73  ? 31 U   D "C1'" 1 
ATOM   926  N  N1    . U   D 4 1  ? -20.285 -13.784 -3.658  1.00 80.15  ? 31 U   D N1    1 
ATOM   927  C  C2    . U   D 4 1  ? -19.698 -15.024 -3.429  1.00 79.85  ? 31 U   D C2    1 
ATOM   928  O  O2    . U   D 4 1  ? -20.012 -15.754 -2.496  1.00 79.01  ? 31 U   D O2    1 
ATOM   929  N  N3    . U   D 4 1  ? -18.729 -15.378 -4.338  1.00 79.31  ? 31 U   D N3    1 
ATOM   930  C  C4    . U   D 4 1  ? -18.309 -14.649 -5.432  1.00 79.24  ? 31 U   D C4    1 
ATOM   931  O  O4    . U   D 4 1  ? -17.379 -15.066 -6.115  1.00 78.57  ? 31 U   D O4    1 
ATOM   932  C  C5    . U   D 4 1  ? -18.983 -13.408 -5.613  1.00 79.75  ? 31 U   D C5    1 
ATOM   933  C  C6    . U   D 4 1  ? -19.921 -13.026 -4.742  1.00 79.06  ? 31 U   D C6    1 
ATOM   934  P  P     . C   D 4 2  ? -18.852 -10.639 0.466   1.00 77.39  ? 32 C   D P     1 
ATOM   935  O  OP1   . C   D 4 2  ? -19.078 -9.687  1.569   1.00 75.82  ? 32 C   D OP1   1 
ATOM   936  O  OP2   . C   D 4 2  ? -17.856 -10.335 -0.593  1.00 73.46  ? 32 C   D OP2   1 
ATOM   937  O  "O5'" . C   D 4 2  ? -18.478 -12.035 1.126   1.00 72.01  ? 32 C   D "O5'" 1 
ATOM   938  C  "C5'" . C   D 4 2  ? -19.341 -12.626 2.088   1.00 71.72  ? 32 C   D "C5'" 1 
ATOM   939  C  "C4'" . C   D 4 2  ? -18.968 -14.071 2.324   1.00 70.86  ? 32 C   D "C4'" 1 
ATOM   940  O  "O4'" . C   D 4 2  ? -19.215 -14.847 1.119   1.00 72.56  ? 32 C   D "O4'" 1 
ATOM   941  C  "C3'" . C   D 4 2  ? -17.506 -14.322 2.637   1.00 70.02  ? 32 C   D "C3'" 1 
ATOM   942  O  "O3'" . C   D 4 2  ? -17.223 -14.117 4.011   1.00 68.79  ? 32 C   D "O3'" 1 
ATOM   943  C  "C2'" . C   D 4 2  ? -17.345 -15.782 2.234   1.00 70.22  ? 32 C   D "C2'" 1 
ATOM   944  O  "O2'" . C   D 4 2  ? -17.891 -16.659 3.197   1.00 70.25  ? 32 C   D "O2'" 1 
ATOM   945  C  "C1'" . C   D 4 2  ? -18.211 -15.844 0.976   1.00 72.62  ? 32 C   D "C1'" 1 
ATOM   946  N  N1    . C   D 4 2  ? -17.431 -15.559 -0.245  1.00 71.42  ? 32 C   D N1    1 
ATOM   947  C  C2    . C   D 4 2  ? -16.433 -16.450 -0.635  1.00 71.77  ? 32 C   D C2    1 
ATOM   948  O  O2    . C   D 4 2  ? -16.247 -17.465 0.034   1.00 74.86  ? 32 C   D O2    1 
ATOM   949  N  N3    . C   D 4 2  ? -15.695 -16.182 -1.732  1.00 72.46  ? 32 C   D N3    1 
ATOM   950  C  C4    . C   D 4 2  ? -15.928 -15.077 -2.435  1.00 73.02  ? 32 C   D C4    1 
ATOM   951  N  N4    . C   D 4 2  ? -15.171 -14.843 -3.506  1.00 73.47  ? 32 C   D N4    1 
ATOM   952  C  C5    . C   D 4 2  ? -16.947 -14.158 -2.073  1.00 73.13  ? 32 C   D C5    1 
ATOM   953  C  C6    . C   D 4 2  ? -17.669 -14.436 -0.980  1.00 71.41  ? 32 C   D C6    1 
ATOM   954  P  P     . G   D 4 3  ? -15.785 -13.564 4.448   1.00 72.79  ? 33 G   D P     1 
ATOM   955  O  OP1   . G   D 4 3  ? -15.887 -13.141 5.856   1.00 70.99  ? 33 G   D OP1   1 
ATOM   956  O  OP2   . G   D 4 3  ? -15.339 -12.601 3.402   1.00 71.72  ? 33 G   D OP2   1 
ATOM   957  O  "O5'" . G   D 4 3  ? -14.820 -14.824 4.405   1.00 73.00  ? 33 G   D "O5'" 1 
ATOM   958  C  "C5'" . G   D 4 3  ? -15.034 -15.947 5.252   1.00 71.83  ? 33 G   D "C5'" 1 
ATOM   959  C  "C4'" . G   D 4 3  ? -14.160 -17.080 4.802   1.00 71.69  ? 33 G   D "C4'" 1 
ATOM   960  O  "O4'" . G   D 4 3  ? -14.472 -17.374 3.421   1.00 70.27  ? 33 G   D "O4'" 1 
ATOM   961  C  "C3'" . G   D 4 3  ? -12.684 -16.741 4.795   1.00 72.11  ? 33 G   D "C3'" 1 
ATOM   962  O  "O3'" . G   D 4 3  ? -12.148 -17.040 6.077   1.00 73.14  ? 33 G   D "O3'" 1 
ATOM   963  C  "C2'" . G   D 4 3  ? -12.134 -17.681 3.731   1.00 69.19  ? 33 G   D "C2'" 1 
ATOM   964  O  "O2'" . G   D 4 3  ? -11.878 -18.978 4.211   1.00 69.91  ? 33 G   D "O2'" 1 
ATOM   965  C  "C1'" . G   D 4 3  ? -13.291 -17.726 2.734   1.00 70.94  ? 33 G   D "C1'" 1 
ATOM   966  N  N9    . G   D 4 3  ? -13.164 -16.842 1.584   1.00 72.10  ? 33 G   D N9    1 
ATOM   967  C  C8    . G   D 4 3  ? -13.910 -15.720 1.316   1.00 72.66  ? 33 G   D C8    1 
ATOM   968  N  N7    . G   D 4 3  ? -13.597 -15.153 0.182   1.00 72.73  ? 33 G   D N7    1 
ATOM   969  C  C5    . G   D 4 3  ? -12.573 -15.944 -0.320  1.00 71.86  ? 33 G   D C5    1 
ATOM   970  C  C6    . G   D 4 3  ? -11.831 -15.830 -1.522  1.00 72.52  ? 33 G   D C6    1 
ATOM   971  O  O6    . G   D 4 3  ? -11.929 -14.975 -2.405  1.00 73.02  ? 33 G   D O6    1 
ATOM   972  N  N1    . G   D 4 3  ? -10.891 -16.852 -1.640  1.00 71.40  ? 33 G   D N1    1 
ATOM   973  C  C2    . G   D 4 3  ? -10.689 -17.853 -0.713  1.00 72.72  ? 33 G   D C2    1 
ATOM   974  N  N2    . G   D 4 3  ? -9.732  -18.749 -0.993  1.00 74.18  ? 33 G   D N2    1 
ATOM   975  N  N3    . G   D 4 3  ? -11.373 -17.965 0.412   1.00 70.97  ? 33 G   D N3    1 
ATOM   976  C  C4    . G   D 4 3  ? -12.291 -16.987 0.541   1.00 71.16  ? 33 G   D C4    1 
ATOM   977  P  P     . U   D 4 4  ? -10.804 -16.321 6.562   1.00 76.47  ? 34 U   D P     1 
ATOM   978  O  OP1   . U   D 4 4  ? -10.466 -16.804 7.925   1.00 76.72  ? 34 U   D OP1   1 
ATOM   979  O  OP2   . U   D 4 4  ? -10.994 -14.872 6.319   1.00 76.97  ? 34 U   D OP2   1 
ATOM   980  O  "O5'" . U   D 4 4  ? -9.685  -16.875 5.577   1.00 77.92  ? 34 U   D "O5'" 1 
ATOM   981  C  "C5'" . U   D 4 4  ? -9.142  -18.167 5.793   1.00 77.35  ? 34 U   D "C5'" 1 
ATOM   982  C  "C4'" . U   D 4 4  ? -8.187  -18.549 4.693   1.00 75.78  ? 34 U   D "C4'" 1 
ATOM   983  O  "O4'" . U   D 4 4  ? -8.881  -18.517 3.420   1.00 77.85  ? 34 U   D "O4'" 1 
ATOM   984  C  "C3'" . U   D 4 4  ? -7.024  -17.603 4.483   1.00 75.51  ? 34 U   D "C3'" 1 
ATOM   985  O  "O3'" . U   D 4 4  ? -5.976  -17.864 5.396   1.00 77.76  ? 34 U   D "O3'" 1 
ATOM   986  C  "C2'" . U   D 4 4  ? -6.627  -17.901 3.046   1.00 74.96  ? 34 U   D "C2'" 1 
ATOM   987  O  "O2'" . U   D 4 4  ? -5.902  -19.093 2.865   1.00 76.20  ? 34 U   D "O2'" 1 
ATOM   988  C  "C1'" . U   D 4 4  ? -7.985  -18.118 2.405   1.00 75.01  ? 34 U   D "C1'" 1 
ATOM   989  N  N1    . U   D 4 4  ? -8.446  -16.870 1.806   1.00 74.72  ? 34 U   D N1    1 
ATOM   990  C  C2    . U   D 4 4  ? -7.847  -16.518 0.627   1.00 73.83  ? 34 U   D C2    1 
ATOM   991  O  O2    . U   D 4 4  ? -6.971  -17.195 0.111   1.00 75.09  ? 34 U   D O2    1 
ATOM   992  N  N3    . U   D 4 4  ? -8.301  -15.350 0.074   1.00 72.63  ? 34 U   D N3    1 
ATOM   993  C  C4    . U   D 4 4  ? -9.274  -14.521 0.579   1.00 72.53  ? 34 U   D C4    1 
ATOM   994  O  O4    . U   D 4 4  ? -9.636  -13.544 -0.083  1.00 74.14  ? 34 U   D O4    1 
ATOM   995  C  C5    . U   D 4 4  ? -9.836  -14.954 1.826   1.00 73.58  ? 34 U   D C5    1 
ATOM   996  C  C6    . U   D 4 4  ? -9.411  -16.093 2.380   1.00 75.35  ? 34 U   D C6    1 
ATOM   997  P  P     . G   D 4 5  ? -4.937  -16.697 5.760   1.00 82.16  ? 35 G   D P     1 
ATOM   998  O  OP1   . G   D 4 5  ? -4.096  -17.175 6.888   1.00 81.86  ? 35 G   D OP1   1 
ATOM   999  O  OP2   . G   D 4 5  ? -5.724  -15.443 5.914   1.00 77.57  ? 35 G   D OP2   1 
ATOM   1000 O  "O5'" . G   D 4 5  ? -4.025  -16.561 4.452   1.00 81.49  ? 35 G   D "O5'" 1 
ATOM   1001 C  "C5'" . G   D 4 5  ? -3.314  -17.684 3.936   1.00 75.72  ? 35 G   D "C5'" 1 
ATOM   1002 C  "C4'" . G   D 4 5  ? -2.670  -17.363 2.601   1.00 73.86  ? 35 G   D "C4'" 1 
ATOM   1003 O  "O4'" . G   D 4 5  ? -3.696  -17.092 1.615   1.00 73.36  ? 35 G   D "O4'" 1 
ATOM   1004 C  "C3'" . G   D 4 5  ? -1.755  -16.149 2.558   1.00 76.81  ? 35 G   D "C3'" 1 
ATOM   1005 O  "O3'" . G   D 4 5  ? -0.442  -16.518 3.002   1.00 81.05  ? 35 G   D "O3'" 1 
ATOM   1006 C  "C2'" . G   D 4 5  ? -1.799  -15.773 1.073   1.00 75.31  ? 35 G   D "C2'" 1 
ATOM   1007 O  "O2'" . G   D 4 5  ? -0.981  -16.565 0.233   1.00 72.84  ? 35 G   D "O2'" 1 
ATOM   1008 C  "C1'" . G   D 4 5  ? -3.247  -16.094 0.718   1.00 72.93  ? 35 G   D "C1'" 1 
ATOM   1009 N  N9    . G   D 4 5  ? -4.178  -14.974 0.766   1.00 72.27  ? 35 G   D N9    1 
ATOM   1010 C  C8    . G   D 4 5  ? -5.023  -14.638 1.795   1.00 72.11  ? 35 G   D C8    1 
ATOM   1011 N  N7    . G   D 4 5  ? -5.803  -13.631 1.509   1.00 71.10  ? 35 G   D N7    1 
ATOM   1012 C  C5    . G   D 4 5  ? -5.441  -13.275 0.218   1.00 68.41  ? 35 G   D C5    1 
ATOM   1013 C  C6    . G   D 4 5  ? -5.957  -12.271 -0.632  1.00 67.75  ? 35 G   D C6    1 
ATOM   1014 O  O6    . G   D 4 5  ? -6.906  -11.501 -0.428  1.00 66.99  ? 35 G   D O6    1 
ATOM   1015 N  N1    . G   D 4 5  ? -5.266  -12.219 -1.837  1.00 64.13  ? 35 G   D N1    1 
ATOM   1016 C  C2    . G   D 4 5  ? -4.227  -13.038 -2.183  1.00 65.88  ? 35 G   D C2    1 
ATOM   1017 N  N2    . G   D 4 5  ? -3.651  -12.791 -3.367  1.00 68.16  ? 35 G   D N2    1 
ATOM   1018 N  N3    . G   D 4 5  ? -3.773  -14.015 -1.421  1.00 66.46  ? 35 G   D N3    1 
ATOM   1019 C  C4    . G   D 4 5  ? -4.417  -14.071 -0.240  1.00 68.96  ? 35 G   D C4    1 
ATOM   1020 P  P     . G   D 4 6  ? 0.482   -15.464 3.808   1.00 81.16  ? 36 G   D P     1 
ATOM   1021 O  OP1   . G   D 4 6  ? 1.471   -16.254 4.583   1.00 80.43  ? 36 G   D OP1   1 
ATOM   1022 O  OP2   . G   D 4 6  ? -0.386  -14.490 4.520   1.00 82.56  ? 36 G   D OP2   1 
ATOM   1023 O  "O5'" . G   D 4 6  ? 1.271   -14.721 2.643   1.00 77.25  ? 36 G   D "O5'" 1 
ATOM   1024 C  "C5'" . G   D 4 6  ? 1.762   -15.467 1.537   1.00 74.83  ? 36 G   D "C5'" 1 
ATOM   1025 C  "C4'" . G   D 4 6  ? 2.027   -14.563 0.357   1.00 78.66  ? 36 G   D "C4'" 1 
ATOM   1026 O  "O4'" . G   D 4 6  ? 0.815   -13.884 -0.045  1.00 81.83  ? 36 G   D "O4'" 1 
ATOM   1027 C  "C3'" . G   D 4 6  ? 3.025   -13.469 0.711   1.00 78.56  ? 36 G   D "C3'" 1 
ATOM   1028 O  "O3'" . G   D 4 6  ? 3.871   -13.316 -0.432  1.00 81.15  ? 36 G   D "O3'" 1 
ATOM   1029 C  "C2'" . G   D 4 6  ? 2.167   -12.256 1.077   1.00 77.40  ? 36 G   D "C2'" 1 
ATOM   1030 O  "O2'" . G   D 4 6  ? 2.729   -11.009 0.749   1.00 76.74  ? 36 G   D "O2'" 1 
ATOM   1031 C  "C1'" . G   D 4 6  ? 0.936   -12.511 0.210   1.00 74.25  ? 36 G   D "C1'" 1 
ATOM   1032 N  N9    . G   D 4 6  ? -0.364  -11.975 0.559   1.00 67.49  ? 36 G   D N9    1 
ATOM   1033 C  C8    . G   D 4 6  ? -1.017  -12.031 1.759   1.00 68.63  ? 36 G   D C8    1 
ATOM   1034 N  N7    . G   D 4 6  ? -2.170  -11.425 1.738   1.00 68.15  ? 36 G   D N7    1 
ATOM   1035 C  C5    . G   D 4 6  ? -2.277  -10.944 0.441   1.00 65.50  ? 36 G   D C5    1 
ATOM   1036 C  C6    . G   D 4 6  ? -3.293  -10.174 -0.171  1.00 65.20  ? 36 G   D C6    1 
ATOM   1037 O  O6    . G   D 4 6  ? -4.331  -9.721  0.340   1.00 65.03  ? 36 G   D O6    1 
ATOM   1038 N  N1    . G   D 4 6  ? -3.000  -9.918  -1.511  1.00 66.54  ? 36 G   D N1    1 
ATOM   1039 C  C2    . G   D 4 6  ? -1.862  -10.328 -2.166  1.00 69.50  ? 36 G   D C2    1 
ATOM   1040 N  N2    . G   D 4 6  ? -1.755  -9.981  -3.458  1.00 69.55  ? 36 G   D N2    1 
ATOM   1041 N  N3    . G   D 4 6  ? -0.900  -11.024 -1.593  1.00 66.98  ? 36 G   D N3    1 
ATOM   1042 C  C4    . G   D 4 6  ? -1.174  -11.293 -0.299  1.00 65.70  ? 36 G   D C4    1 
ATOM   1043 P  P     . U   D 4 7  ? 5.399   -12.903 -0.270  1.00 86.24  ? 37 U   D P     1 
ATOM   1044 O  OP1   . U   D 4 7  ? 6.134   -13.495 -1.412  1.00 79.61  ? 37 U   D OP1   1 
ATOM   1045 O  OP2   . U   D 4 7  ? 5.780   -13.247 1.118   1.00 80.75  ? 37 U   D OP2   1 
ATOM   1046 O  "O5'" . U   D 4 7  ? 5.390   -11.323 -0.465  1.00 91.76  ? 37 U   D "O5'" 1 
ATOM   1047 C  "C5'" . U   D 4 7  ? 6.583   -10.637 -0.825  1.00 89.15  ? 37 U   D "C5'" 1 
ATOM   1048 C  "C4'" . U   D 4 7  ? 6.279   -9.411  -1.660  1.00 86.85  ? 37 U   D "C4'" 1 
ATOM   1049 O  "O4'" . U   D 4 7  ? 5.550   -9.803  -2.855  1.00 89.12  ? 37 U   D "O4'" 1 
ATOM   1050 C  "C3'" . U   D 4 7  ? 5.369   -8.429  -0.920  1.00 87.15  ? 37 U   D "C3'" 1 
ATOM   1051 O  "O3'" . U   D 4 7  ? 5.846   -7.086  -0.978  1.00 85.26  ? 37 U   D "O3'" 1 
ATOM   1052 C  "C2'" . U   D 4 7  ? 3.954   -8.678  -1.444  1.00 88.35  ? 37 U   D "C2'" 1 
ATOM   1053 O  "O2'" . U   D 4 7  ? 3.205   -7.493  -1.646  1.00 90.69  ? 37 U   D "O2'" 1 
ATOM   1054 C  "C1'" . U   D 4 7  ? 4.247   -9.268  -2.821  1.00 89.54  ? 37 U   D "C1'" 1 
ATOM   1055 N  N1    . U   D 4 7  ? 3.280   -10.218 -3.375  1.00 93.20  ? 37 U   D N1    1 
ATOM   1056 C  C2    . U   D 4 7  ? 2.460   -9.723  -4.365  1.00 94.62  ? 37 U   D C2    1 
ATOM   1057 O  O2    . U   D 4 7  ? 2.593   -8.598  -4.826  1.00 94.29  ? 37 U   D O2    1 
ATOM   1058 N  N3    . U   D 4 7  ? 1.492   -10.589 -4.806  1.00 96.67  ? 37 U   D N3    1 
ATOM   1059 C  C4    . U   D 4 7  ? 1.278   -11.887 -4.378  1.00 96.78  ? 37 U   D C4    1 
ATOM   1060 O  O4    . U   D 4 7  ? 0.293   -12.518 -4.807  1.00 99.66  ? 37 U   D O4    1 
ATOM   1061 C  C5    . U   D 4 7  ? 2.211   -12.344 -3.380  1.00 94.89  ? 37 U   D C5    1 
ATOM   1062 C  C6    . U   D 4 7  ? 3.157   -11.511 -2.925  1.00 93.24  ? 37 U   D C6    1 
ATOM   1063 P  P     . A   D 4 8  ? 6.128   -6.269  0.363   1.00 82.15  ? 38 A   D P     1 
ATOM   1064 O  OP1   . A   D 4 8  ? 6.077   -4.840  -0.028  1.00 85.60  ? 38 A   D OP1   1 
ATOM   1065 O  OP2   . A   D 4 8  ? 7.347   -6.820  0.990   1.00 81.75  ? 38 A   D OP2   1 
ATOM   1066 O  "O5'" . A   D 4 8  ? 4.883   -6.598  1.310   1.00 83.34  ? 38 A   D "O5'" 1 
ATOM   1067 C  "C5'" . A   D 4 8  ? 3.749   -5.732  1.352   1.00 74.19  ? 38 A   D "C5'" 1 
ATOM   1068 C  "C4'" . A   D 4 8  ? 2.815   -6.109  2.484   1.00 72.36  ? 38 A   D "C4'" 1 
ATOM   1069 O  "O4'" . A   D 4 8  ? 1.838   -5.064  2.633   1.00 69.55  ? 38 A   D "O4'" 1 
ATOM   1070 C  "C3'" . A   D 4 8  ? 2.031   -7.384  2.205   1.00 73.17  ? 38 A   D "C3'" 1 
ATOM   1071 O  "O3'" . A   D 4 8  ? 1.753   -8.100  3.406   1.00 76.64  ? 38 A   D "O3'" 1 
ATOM   1072 C  "C2'" . A   D 4 8  ? 0.706   -6.919  1.619   1.00 72.71  ? 38 A   D "C2'" 1 
ATOM   1073 O  "O2'" . A   D 4 8  ? -0.380  -7.695  2.075   1.00 76.46  ? 38 A   D "O2'" 1 
ATOM   1074 C  "C1'" . A   D 4 8  ? 0.571   -5.531  2.248   1.00 67.77  ? 38 A   D "C1'" 1 
ATOM   1075 N  N9    . A   D 4 8  ? -0.113  -4.489  1.492   1.00 62.82  ? 38 A   D N9    1 
ATOM   1076 C  C8    . A   D 4 8  ? -1.306  -3.856  1.777   1.00 59.75  ? 38 A   D C8    1 
ATOM   1077 N  N7    . A   D 4 8  ? -1.679  -2.995  0.864   1.00 55.81  ? 38 A   D N7    1 
ATOM   1078 C  C5    . A   D 4 8  ? -0.661  -3.055  -0.079  1.00 59.90  ? 38 A   D C5    1 
ATOM   1079 C  C6    . A   D 4 8  ? -0.467  -2.403  -1.307  1.00 62.61  ? 38 A   D C6    1 
ATOM   1080 N  N6    . A   D 4 8  ? -1.327  -1.516  -1.832  1.00 64.39  ? 38 A   D N6    1 
ATOM   1081 N  N1    . A   D 4 8  ? 0.659   -2.700  -2.000  1.00 63.68  ? 38 A   D N1    1 
ATOM   1082 C  C2    . A   D 4 8  ? 1.526   -3.594  -1.485  1.00 66.49  ? 38 A   D C2    1 
ATOM   1083 N  N3    . A   D 4 8  ? 1.451   -4.273  -0.348  1.00 65.65  ? 38 A   D N3    1 
ATOM   1084 C  C4    . A   D 4 8  ? 0.317   -3.958  0.309   1.00 61.55  ? 38 A   D C4    1 
ATOM   1085 P  P     . C   D 4 9  ? 2.880   -8.957  4.138   1.00 80.27  ? 39 C   D P     1 
ATOM   1086 O  OP1   . C   D 4 9  ? 3.377   -9.977  3.178   1.00 82.44  ? 39 C   D OP1   1 
ATOM   1087 O  OP2   . C   D 4 9  ? 2.251   -9.393  5.407   1.00 78.69  ? 39 C   D OP2   1 
ATOM   1088 O  "O5'" . C   D 4 9  ? 4.034   -7.910  4.492   1.00 84.42  ? 39 C   D "O5'" 1 
ATOM   1089 C  "C5'" . C   D 4 9  ? 4.185   -7.401  5.828   1.00 85.19  ? 39 C   D "C5'" 1 
ATOM   1090 C  "C4'" . C   D 4 9  ? 5.645   -7.103  6.141   1.00 85.85  ? 39 C   D "C4'" 1 
ATOM   1091 O  "O4'" . C   D 4 9  ? 6.428   -8.310  5.942   1.00 86.42  ? 39 C   D "O4'" 1 
ATOM   1092 C  "C3'" . C   D 4 9  ? 6.213   -6.064  5.172   1.00 87.11  ? 39 C   D "C3'" 1 
ATOM   1093 O  "O3'" . C   D 4 9  ? 7.129   -5.162  5.805   1.00 85.27  ? 39 C   D "O3'" 1 
ATOM   1094 C  "C2'" . C   D 4 9  ? 6.917   -6.874  4.088   1.00 87.68  ? 39 C   D "C2'" 1 
ATOM   1095 O  "O2'" . C   D 4 9  ? 8.108   -6.267  3.651   1.00 93.41  ? 39 C   D "O2'" 1 
ATOM   1096 C  "C1'" . C   D 4 9  ? 7.308   -8.128  4.864   1.00 89.01  ? 39 C   D "C1'" 1 
ATOM   1097 N  N1    . C   D 4 9  ? 7.529   -9.388  4.150   1.00 92.42  ? 39 C   D N1    1 
ATOM   1098 C  C2    . C   D 4 9  ? 8.808   -9.960  4.213   1.00 93.49  ? 39 C   D C2    1 
ATOM   1099 O  O2    . C   D 4 9  ? 9.678   -9.413  4.907   1.00 92.25  ? 39 C   D O2    1 
ATOM   1100 N  N3    . C   D 4 9  ? 9.065   -11.090 3.527   1.00 95.33  ? 39 C   D N3    1 
ATOM   1101 C  C4    . C   D 4 9  ? 8.101   -11.662 2.806   1.00 96.74  ? 39 C   D C4    1 
ATOM   1102 N  N4    . C   D 4 9  ? 8.405   -12.777 2.134   1.00 98.87  ? 39 C   D N4    1 
ATOM   1103 C  C5    . C   D 4 9  ? 6.780   -11.115 2.740   1.00 96.05  ? 39 C   D C5    1 
ATOM   1104 C  C6    . C   D 4 9  ? 6.542   -9.986  3.424   1.00 94.72  ? 39 C   D C6    1 
ATOM   1105 P  P     . A   D 4 10 ? 6.636   -3.775  6.439   1.00 90.56  ? 40 A   D P     1 
ATOM   1106 O  OP1   . A   D 4 10 ? 7.873   -3.023  6.741   1.00 86.75  ? 40 A   D OP1   1 
ATOM   1107 O  OP2   . A   D 4 10 ? 5.657   -4.040  7.531   1.00 88.38  ? 40 A   D OP2   1 
ATOM   1108 O  "O5'" . A   D 4 10 ? 5.916   -3.029  5.235   1.00 88.60  ? 40 A   D "O5'" 1 
ATOM   1109 C  "C5'" . A   D 4 10 ? 6.600   -2.768  4.013   1.00 84.29  ? 40 A   D "C5'" 1 
ATOM   1110 C  "C4'" . A   D 4 10 ? 5.659   -2.092  3.049   1.00 81.40  ? 40 A   D "C4'" 1 
ATOM   1111 O  "O4'" . A   D 4 10 ? 4.505   -2.948  2.862   1.00 85.04  ? 40 A   D "O4'" 1 
ATOM   1112 C  "C3'" . A   D 4 10 ? 5.074   -0.774  3.522   1.00 80.10  ? 40 A   D "C3'" 1 
ATOM   1113 O  "O3'" . A   D 4 10 ? 5.946   0.290   3.181   1.00 79.27  ? 40 A   D "O3'" 1 
ATOM   1114 C  "C2'" . A   D 4 10 ? 3.768   -0.700  2.738   1.00 77.75  ? 40 A   D "C2'" 1 
ATOM   1115 O  "O2'" . A   D 4 10 ? 3.937   -0.286  1.398   1.00 75.88  ? 40 A   D "O2'" 1 
ATOM   1116 C  "C1'" . A   D 4 10 ? 3.332   -2.163  2.751   1.00 77.67  ? 40 A   D "C1'" 1 
ATOM   1117 N  N9    . A   D 4 10 ? 2.455   -2.530  3.862   1.00 72.31  ? 40 A   D N9    1 
ATOM   1118 C  C8    . A   D 4 10 ? 2.762   -3.347  4.926   1.00 68.79  ? 40 A   D C8    1 
ATOM   1119 N  N7    . A   D 4 10 ? 1.760   -3.546  5.747   1.00 67.22  ? 40 A   D N7    1 
ATOM   1120 C  C5    . A   D 4 10 ? 0.725   -2.799  5.198   1.00 64.38  ? 40 A   D C5    1 
ATOM   1121 C  C6    . A   D 4 10 ? -0.609  -2.588  5.600   1.00 62.59  ? 40 A   D C6    1 
ATOM   1122 N  N6    . A   D 4 10 ? -1.138  -3.109  6.701   1.00 63.38  ? 40 A   D N6    1 
ATOM   1123 N  N1    . A   D 4 10 ? -1.383  -1.801  4.828   1.00 63.91  ? 40 A   D N1    1 
ATOM   1124 C  C2    . A   D 4 10 ? -0.840  -1.245  3.736   1.00 64.44  ? 40 A   D C2    1 
ATOM   1125 N  N3    . A   D 4 10 ? 0.404   -1.351  3.259   1.00 64.22  ? 40 A   D N3    1 
ATOM   1126 C  C4    . A   D 4 10 ? 1.143   -2.158  4.043   1.00 66.94  ? 40 A   D C4    1 
ATOM   1127 P  P     . U   D 4 11 ? 6.193   1.483   4.224   1.00 78.23  ? 41 U   D P     1 
ATOM   1128 O  OP1   . U   D 4 11 ? 7.066   2.447   3.508   1.00 79.11  ? 41 U   D OP1   1 
ATOM   1129 O  OP2   . U   D 4 11 ? 6.631   0.904   5.522   1.00 73.56  ? 41 U   D OP2   1 
ATOM   1130 O  "O5'" . U   D 4 11 ? 4.761   2.157   4.423   1.00 69.85  ? 41 U   D "O5'" 1 
ATOM   1131 C  "C5'" . U   D 4 11 ? 4.098   2.725   3.306   1.00 67.74  ? 41 U   D "C5'" 1 
ATOM   1132 C  "C4'" . U   D 4 11 ? 2.729   3.275   3.666   1.00 69.08  ? 41 U   D "C4'" 1 
ATOM   1133 O  "O4'" . U   D 4 11 ? 1.898   2.240   4.258   1.00 71.96  ? 41 U   D "O4'" 1 
ATOM   1134 C  "C3'" . U   D 4 11 ? 2.776   4.400   4.690   1.00 69.32  ? 41 U   D "C3'" 1 
ATOM   1135 O  "O3'" . U   D 4 11 ? 2.127   5.571   4.164   1.00 69.55  ? 41 U   D "O3'" 1 
ATOM   1136 C  "C2'" . U   D 4 11 ? 2.425   3.753   6.040   1.00 68.36  ? 41 U   D "C2'" 1 
ATOM   1137 O  "O2'" . U   D 4 11 ? 1.611   4.504   6.906   1.00 72.78  ? 41 U   D "O2'" 1 
ATOM   1138 C  "C1'" . U   D 4 11 ? 1.588   2.560   5.590   1.00 69.39  ? 41 U   D "C1'" 1 
ATOM   1139 N  N1    . U   D 4 11 ? 1.499   1.342   6.404   1.00 67.74  ? 41 U   D N1    1 
ATOM   1140 C  C2    . U   D 4 11 ? 0.281   1.100   7.031   1.00 68.07  ? 41 U   D C2    1 
ATOM   1141 O  O2    . U   D 4 11 ? -0.678  1.843   6.922   1.00 68.74  ? 41 U   D O2    1 
ATOM   1142 N  N3    . U   D 4 11 ? 0.232   -0.040  7.794   1.00 68.22  ? 41 U   D N3    1 
ATOM   1143 C  C4    . U   D 4 11 ? 1.257   -0.944  8.003   1.00 69.46  ? 41 U   D C4    1 
ATOM   1144 O  O4    . U   D 4 11 ? 1.079   -1.894  8.774   1.00 71.12  ? 41 U   D O4    1 
ATOM   1145 C  C5    . U   D 4 11 ? 2.483   -0.630  7.314   1.00 71.16  ? 41 U   D C5    1 
ATOM   1146 C  C6    . U   D 4 11 ? 2.556   0.477   6.554   1.00 69.94  ? 41 U   D C6    1 
ATOM   1147 P  P     . U   D 4 12 ? 1.943   6.890   5.053   1.00 71.67  ? 42 U   D P     1 
ATOM   1148 O  OP1   . U   D 4 12 ? 2.083   8.055   4.159   1.00 74.48  ? 42 U   D OP1   1 
ATOM   1149 O  OP2   . U   D 4 12 ? 2.793   6.787   6.261   1.00 70.57  ? 42 U   D OP2   1 
ATOM   1150 O  "O5'" . U   D 4 12 ? 0.420   6.833   5.484   1.00 69.83  ? 42 U   D "O5'" 1 
ATOM   1151 C  "C5'" . U   D 4 12 ? -0.305  8.018   5.739   1.00 68.28  ? 42 U   D "C5'" 1 
ATOM   1152 C  "C4'" . U   D 4 12 ? -1.527  7.677   6.525   1.00 75.80  ? 42 U   D "C4'" 1 
ATOM   1153 O  "O4'" . U   D 4 12 ? -2.404  6.884   5.692   1.00 77.71  ? 42 U   D "O4'" 1 
ATOM   1154 C  "C3'" . U   D 4 12 ? -1.106  6.773   7.683   1.00 77.13  ? 42 U   D "C3'" 1 
ATOM   1155 O  "O3'" . U   D 4 12 ? -1.874  7.049   8.836   1.00 80.77  ? 42 U   D "O3'" 1 
ATOM   1156 C  "C2'" . U   D 4 12 ? -1.367  5.351   7.211   1.00 77.89  ? 42 U   D "C2'" 1 
ATOM   1157 O  "O2'" . U   D 4 12 ? -1.892  4.549   8.238   1.00 77.70  ? 42 U   D "O2'" 1 
ATOM   1158 C  "C1'" . U   D 4 12 ? -2.493  5.581   6.212   1.00 77.52  ? 42 U   D "C1'" 1 
ATOM   1159 N  N1    . U   D 4 12 ? -2.652  4.611   5.134   1.00 75.41  ? 42 U   D N1    1 
ATOM   1160 C  C2    . U   D 4 12 ? -3.789  3.844   5.170   1.00 73.54  ? 42 U   D C2    1 
ATOM   1161 O  O2    . U   D 4 12 ? -4.638  3.973   6.037   1.00 71.03  ? 42 U   D O2    1 
ATOM   1162 N  N3    . U   D 4 12 ? -3.903  2.927   4.160   1.00 74.76  ? 42 U   D N3    1 
ATOM   1163 C  C4    . U   D 4 12 ? -3.006  2.711   3.141   1.00 75.04  ? 42 U   D C4    1 
ATOM   1164 O  O4    . U   D 4 12 ? -3.219  1.815   2.327   1.00 73.52  ? 42 U   D O4    1 
ATOM   1165 C  C5    . U   D 4 12 ? -1.855  3.559   3.173   1.00 74.95  ? 42 U   D C5    1 
ATOM   1166 C  C6    . U   D 4 12 ? -1.724  4.459   4.147   1.00 74.27  ? 42 U   D C6    1 
ATOM   1167 P  P     . A   D 4 13 ? -1.203  7.648   10.148  1.00 80.80  ? 43 A   D P     1 
ATOM   1168 O  OP1   . A   D 4 13 ? -0.722  9.008   9.798   1.00 78.29  ? 43 A   D OP1   1 
ATOM   1169 O  OP2   . A   D 4 13 ? -0.254  6.653   10.720  1.00 77.19  ? 43 A   D OP2   1 
ATOM   1170 O  "O5'" . A   D 4 13 ? -2.482  7.781   11.090  1.00 75.41  ? 43 A   D "O5'" 1 
ATOM   1171 C  "C5'" . A   D 4 13 ? -3.661  8.428   10.612  1.00 77.17  ? 43 A   D "C5'" 1 
ATOM   1172 C  "C4'" . A   D 4 13 ? -4.884  7.587   10.893  1.00 77.91  ? 43 A   D "C4'" 1 
ATOM   1173 O  "O4'" . A   D 4 13 ? -4.783  6.331   10.179  1.00 81.31  ? 43 A   D "O4'" 1 
ATOM   1174 C  "C3'" . A   D 4 13 ? -5.070  7.180   12.341  1.00 81.84  ? 43 A   D "C3'" 1 
ATOM   1175 O  "O3'" . A   D 4 13 ? -5.720  8.218   13.066  1.00 84.68  ? 43 A   D "O3'" 1 
ATOM   1176 C  "C2'" . A   D 4 13 ? -5.929  5.926   12.216  1.00 80.10  ? 43 A   D "C2'" 1 
ATOM   1177 O  "O2'" . A   D 4 13 ? -7.300  6.206   12.002  1.00 80.00  ? 43 A   D "O2'" 1 
ATOM   1178 C  "C1'" . A   D 4 13 ? -5.344  5.287   10.957  1.00 79.17  ? 43 A   D "C1'" 1 
ATOM   1179 N  N9    . A   D 4 13 ? -4.293  4.299   11.205  1.00 78.23  ? 43 A   D N9    1 
ATOM   1180 C  C8    . A   D 4 13 ? -3.054  4.283   10.618  1.00 77.21  ? 43 A   D C8    1 
ATOM   1181 N  N7    . A   D 4 13 ? -2.300  3.274   10.986  1.00 76.96  ? 43 A   D N7    1 
ATOM   1182 C  C5    . A   D 4 13 ? -3.090  2.581   11.889  1.00 76.39  ? 43 A   D C5    1 
ATOM   1183 C  C6    . A   D 4 13 ? -2.857  1.417   12.644  1.00 76.37  ? 43 A   D C6    1 
ATOM   1184 N  N6    . A   D 4 13 ? -1.712  0.725   12.605  1.00 75.11  ? 43 A   D N6    1 
ATOM   1185 N  N1    . A   D 4 13 ? -3.848  0.986   13.449  1.00 77.27  ? 43 A   D N1    1 
ATOM   1186 C  C2    . A   D 4 13 ? -4.991  1.689   13.490  1.00 78.58  ? 43 A   D C2    1 
ATOM   1187 N  N3    . A   D 4 13 ? -5.328  2.800   12.832  1.00 77.39  ? 43 A   D N3    1 
ATOM   1188 C  C4    . A   D 4 13 ? -4.323  3.200   12.037  1.00 77.71  ? 43 A   D C4    1 
ATOM   1189 P  P     . C   D 4 14 ? -5.068  8.772   14.429  1.00 83.36  ? 44 C   D P     1 
ATOM   1190 O  OP1   . C   D 4 14 ? -6.129  9.597   15.061  1.00 84.80  ? 44 C   D OP1   1 
ATOM   1191 O  OP2   . C   D 4 14 ? -3.738  9.381   14.133  1.00 74.10  ? 44 C   D OP2   1 
ATOM   1192 O  "O5'" . C   D 4 14 ? -4.818  7.459   15.306  1.00 82.23  ? 44 C   D "O5'" 1 
ATOM   1193 C  "C5'" . C   D 4 14 ? -5.891  6.786   15.979  1.00 81.70  ? 44 C   D "C5'" 1 
ATOM   1194 C  "C4'" . C   D 4 14 ? -5.358  5.610   16.778  1.00 86.42  ? 44 C   D "C4'" 1 
ATOM   1195 O  "O4'" . C   D 4 14 ? -4.944  4.543   15.879  1.00 86.56  ? 44 C   D "O4'" 1 
ATOM   1196 C  "C3'" . C   D 4 14 ? -4.114  5.899   17.600  1.00 89.91  ? 44 C   D "C3'" 1 
ATOM   1197 O  "O3'" . C   D 4 14 ? -4.413  6.533   18.839  1.00 92.90  ? 44 C   D "O3'" 1 
ATOM   1198 C  "C2'" . C   D 4 14 ? -3.490  4.515   17.760  1.00 87.69  ? 44 C   D "C2'" 1 
ATOM   1199 O  "O2'" . C   D 4 14 ? -4.054  3.744   18.805  1.00 89.63  ? 44 C   D "O2'" 1 
ATOM   1200 C  "C1'" . C   D 4 14 ? -3.785  3.893   16.392  1.00 84.60  ? 44 C   D "C1'" 1 
ATOM   1201 N  N1    . C   D 4 14 ? -2.690  4.118   15.435  1.00 83.47  ? 44 C   D N1    1 
ATOM   1202 C  C2    . C   D 4 14 ? -1.589  3.223   15.394  1.00 84.85  ? 44 C   D C2    1 
ATOM   1203 O  O2    . C   D 4 14 ? -1.551  2.253   16.179  1.00 86.50  ? 44 C   D O2    1 
ATOM   1204 N  N3    . C   D 4 14 ? -0.594  3.449   14.499  1.00 83.36  ? 44 C   D N3    1 
ATOM   1205 C  C4    . C   D 4 14 ? -0.659  4.508   13.678  1.00 81.16  ? 44 C   D C4    1 
ATOM   1206 N  N4    . C   D 4 14 ? 0.342   4.700   12.812  1.00 80.24  ? 44 C   D N4    1 
ATOM   1207 C  C5    . C   D 4 14 ? -1.754  5.422   13.707  1.00 80.89  ? 44 C   D C5    1 
ATOM   1208 C  C6    . C   D 4 14 ? -2.735  5.191   14.588  1.00 81.84  ? 44 C   D C6    1 
ATOM   1209 P  P     . C   D 4 15 ? -3.387  7.620   19.440  1.00 97.36  ? 45 C   D P     1 
ATOM   1210 O  OP1   . C   D 4 15 ? -4.091  8.271   20.569  1.00 96.78  ? 45 C   D OP1   1 
ATOM   1211 O  OP2   . C   D 4 15 ? -2.851  8.462   18.334  1.00 92.71  ? 45 C   D OP2   1 
ATOM   1212 O  "O5'" . C   D 4 15 ? -2.186  6.733   20.003  1.00 94.22  ? 45 C   D "O5'" 1 
ATOM   1213 C  "C5'" . C   D 4 15 ? -2.421  5.733   20.989  1.00 94.27  ? 45 C   D "C5'" 1 
ATOM   1214 C  "C4'" . C   D 4 15 ? -1.172  4.917   21.225  1.00 95.95  ? 45 C   D "C4'" 1 
ATOM   1215 O  "O4'" . C   D 4 15 ? -0.863  4.140   20.034  1.00 95.88  ? 45 C   D "O4'" 1 
ATOM   1216 C  "C3'" . C   D 4 15 ? 0.089   5.729   21.469  1.00 99.95  ? 45 C   D "C3'" 1 
ATOM   1217 O  "O3'" . C   D 4 15 ? 0.199   6.161   22.821  1.00 104.94 ? 45 C   D "O3'" 1 
ATOM   1218 C  "C2'" . C   D 4 15 ? 1.195   4.757   21.070  1.00 97.82  ? 45 C   D "C2'" 1 
ATOM   1219 O  "O2'" . C   D 4 15 ? 1.566   3.842   22.084  1.00 96.42  ? 45 C   D "O2'" 1 
ATOM   1220 C  "C1'" . C   D 4 15 ? 0.549   4.034   19.885  1.00 95.46  ? 45 C   D "C1'" 1 
ATOM   1221 N  N1    . C   D 4 15 ? 0.938   4.624   18.594  1.00 92.79  ? 45 C   D N1    1 
ATOM   1222 C  C2    . C   D 4 15 ? 2.145   4.211   17.999  1.00 91.03  ? 45 C   D C2    1 
ATOM   1223 O  O2    . C   D 4 15 ? 2.830   3.339   18.567  1.00 88.90  ? 45 C   D O2    1 
ATOM   1224 N  N3    . C   D 4 15 ? 2.526   4.769   16.824  1.00 87.76  ? 45 C   D N3    1 
ATOM   1225 C  C4    . C   D 4 15 ? 1.753   5.692   16.242  1.00 86.90  ? 45 C   D C4    1 
ATOM   1226 N  N4    . C   D 4 15 ? 2.167   6.219   15.087  1.00 84.87  ? 45 C   D N4    1 
ATOM   1227 C  C5    . C   D 4 15 ? 0.519   6.119   16.819  1.00 87.84  ? 45 C   D C5    1 
ATOM   1228 C  C6    . C   D 4 15 ? 0.152   5.563   17.983  1.00 90.14  ? 45 C   D C6    1 
ATOM   1229 P  P     . U   D 4 16 ? 1.101   7.449   23.174  1.00 108.08 ? 46 U   D P     1 
ATOM   1230 O  OP1   . U   D 4 16 ? 0.982   7.658   24.642  1.00 106.93 ? 46 U   D OP1   1 
ATOM   1231 O  OP2   . U   D 4 16 ? 0.731   8.557   22.248  1.00 103.23 ? 46 U   D OP2   1 
ATOM   1232 O  "O5'" . U   D 4 16 ? 2.593   6.973   22.848  1.00 103.71 ? 46 U   D "O5'" 1 
ATOM   1233 C  "C5'" . U   D 4 16 ? 3.233   6.016   23.689  1.00 102.46 ? 46 U   D "C5'" 1 
ATOM   1234 C  "C4'" . U   D 4 16 ? 4.682   5.786   23.289  1.00 103.01 ? 46 U   D "C4'" 1 
ATOM   1235 O  "O4'" . U   D 4 16 ? 4.725   5.149   21.980  1.00 104.35 ? 46 U   D "O4'" 1 
ATOM   1236 C  "C3'" . U   D 4 16 ? 5.595   7.000   23.140  1.00 102.75 ? 46 U   D "C3'" 1 
ATOM   1237 O  "O3'" . U   D 4 16 ? 6.116   7.497   24.375  1.00 103.54 ? 46 U   D "O3'" 1 
ATOM   1238 C  "C2'" . U   D 4 16 ? 6.690   6.458   22.227  1.00 102.73 ? 46 U   D "C2'" 1 
ATOM   1239 O  "O2'" . U   D 4 16 ? 7.641   5.648   22.898  1.00 100.36 ? 46 U   D "O2'" 1 
ATOM   1240 C  "C1'" . U   D 4 16 ? 5.877   5.586   21.273  1.00 101.32 ? 46 U   D "C1'" 1 
ATOM   1241 N  N1    . U   D 4 16 ? 5.453   6.337   20.084  1.00 99.13  ? 46 U   D N1    1 
ATOM   1242 C  C2    . U   D 4 16 ? 6.333   6.388   19.022  1.00 98.05  ? 46 U   D C2    1 
ATOM   1243 O  O2    . U   D 4 16 ? 7.413   5.820   19.028  1.00 98.92  ? 46 U   D O2    1 
ATOM   1244 N  N3    . U   D 4 16 ? 5.904   7.129   17.950  1.00 96.46  ? 46 U   D N3    1 
ATOM   1245 C  C4    . U   D 4 16 ? 4.712   7.808   17.837  1.00 95.92  ? 46 U   D C4    1 
ATOM   1246 O  O4    . U   D 4 16 ? 4.494   8.481   16.828  1.00 93.42  ? 46 U   D O4    1 
ATOM   1247 C  C5    . U   D 4 16 ? 3.849   7.693   18.974  1.00 96.40  ? 46 U   D C5    1 
ATOM   1248 C  C6    . U   D 4 16 ? 4.240   6.978   20.031  1.00 97.43  ? 46 U   D C6    1 
ATOM   1249 P  P     . G   D 4 17 ? 6.589   9.040   24.483  1.00 103.68 ? 47 G   D P     1 
ATOM   1250 O  OP1   . G   D 4 17 ? 6.824   9.354   25.916  1.00 105.76 ? 47 G   D OP1   1 
ATOM   1251 O  OP2   . G   D 4 17 ? 5.642   9.877   23.699  1.00 98.33  ? 47 G   D OP2   1 
ATOM   1252 O  "O5'" . G   D 4 17 ? 8.005   9.070   23.750  1.00 94.42  ? 47 G   D "O5'" 1 
ATOM   1253 C  "C5'" . G   D 4 17 ? 9.099   8.325   24.267  1.00 88.81  ? 47 G   D "C5'" 1 
ATOM   1254 C  "C4'" . G   D 4 17 ? 10.277  8.390   23.327  1.00 91.14  ? 47 G   D "C4'" 1 
ATOM   1255 O  "O4'" . G   D 4 17 ? 9.906   7.774   22.063  1.00 95.74  ? 47 G   D "O4'" 1 
ATOM   1256 C  "C3'" . G   D 4 17 ? 10.750  9.779   22.931  1.00 90.81  ? 47 G   D "C3'" 1 
ATOM   1257 O  "O3'" . G   D 4 17 ? 11.583  10.384  23.911  1.00 90.15  ? 47 G   D "O3'" 1 
ATOM   1258 C  "C2'" . G   D 4 17 ? 11.460  9.509   21.608  1.00 92.37  ? 47 G   D "C2'" 1 
ATOM   1259 O  "O2'" . G   D 4 17 ? 12.760  8.963   21.744  1.00 88.50  ? 47 G   D "O2'" 1 
ATOM   1260 C  "C1'" . G   D 4 17 ? 10.532  8.464   20.988  1.00 93.85  ? 47 G   D "C1'" 1 
ATOM   1261 N  N9    . G   D 4 17 ? 9.501   9.091   20.157  1.00 92.64  ? 47 G   D N9    1 
ATOM   1262 C  C8    . G   D 4 17 ? 8.176   9.315   20.465  1.00 91.63  ? 47 G   D C8    1 
ATOM   1263 N  N7    . G   D 4 17 ? 7.524   9.931   19.516  1.00 89.61  ? 47 G   D N7    1 
ATOM   1264 C  C5    . G   D 4 17 ? 8.473   10.114  18.520  1.00 89.70  ? 47 G   D C5    1 
ATOM   1265 C  C6    . G   D 4 17 ? 8.361   10.728  17.253  1.00 89.75  ? 47 G   D C6    1 
ATOM   1266 O  O6    . G   D 4 17 ? 7.364   11.248  16.729  1.00 89.10  ? 47 G   D O6    1 
ATOM   1267 N  N1    . G   D 4 17 ? 9.574   10.706  16.570  1.00 88.13  ? 47 G   D N1    1 
ATOM   1268 C  C2    . G   D 4 17 ? 10.745  10.165  17.049  1.00 88.17  ? 47 G   D C2    1 
ATOM   1269 N  N2    . G   D 4 17 ? 11.820  10.252  16.254  1.00 88.34  ? 47 G   D N2    1 
ATOM   1270 N  N3    . G   D 4 17 ? 10.856  9.585   18.224  1.00 88.84  ? 47 G   D N3    1 
ATOM   1271 C  C4    . G   D 4 17 ? 9.693   9.596   18.901  1.00 89.82  ? 47 G   D C4    1 
ATOM   1272 P  P     . C   D 4 18 ? 11.573  11.989  24.085  1.00 94.54  ? 48 C   D P     1 
ATOM   1273 O  OP1   . C   D 4 18 ? 12.365  12.301  25.298  1.00 98.62  ? 48 C   D OP1   1 
ATOM   1274 O  OP2   . C   D 4 18 ? 10.169  12.489  23.984  1.00 90.71  ? 48 C   D OP2   1 
ATOM   1275 O  "O5'" . C   D 4 18 ? 12.412  12.500  22.826  1.00 93.41  ? 48 C   D "O5'" 1 
ATOM   1276 C  "C5'" . C   D 4 18 ? 13.741  12.020  22.592  1.00 89.02  ? 48 C   D "C5'" 1 
ATOM   1277 C  "C4'" . C   D 4 18 ? 14.296  12.549  21.279  1.00 90.82  ? 48 C   D "C4'" 1 
ATOM   1278 O  "O4'" . C   D 4 18 ? 13.643  11.888  20.154  1.00 94.71  ? 48 C   D "O4'" 1 
ATOM   1279 C  "C3'" . C   D 4 18 ? 14.093  14.030  21.002  1.00 93.12  ? 48 C   D "C3'" 1 
ATOM   1280 O  "O3'" . C   D 4 18 ? 15.005  14.868  21.692  1.00 94.17  ? 48 C   D "O3'" 1 
ATOM   1281 C  "C2'" . C   D 4 18 ? 14.211  14.092  19.482  1.00 91.78  ? 48 C   D "C2'" 1 
ATOM   1282 O  "O2'" . C   D 4 18 ? 15.544  14.040  19.011  1.00 92.00  ? 48 C   D "O2'" 1 
ATOM   1283 C  "C1'" . C   D 4 18 ? 13.478  12.812  19.079  1.00 91.28  ? 48 C   D "C1'" 1 
ATOM   1284 N  N1    . C   D 4 18 ? 12.036  13.090  18.899  1.00 86.54  ? 48 C   D N1    1 
ATOM   1285 C  C2    . C   D 4 18 ? 11.623  13.759  17.747  1.00 85.23  ? 48 C   D C2    1 
ATOM   1286 O  O2    . C   D 4 18 ? 12.465  14.023  16.873  1.00 84.12  ? 48 C   D O2    1 
ATOM   1287 N  N3    . C   D 4 18 ? 10.315  14.095  17.612  1.00 83.61  ? 48 C   D N3    1 
ATOM   1288 C  C4    . C   D 4 18 ? 9.437   13.764  18.561  1.00 82.65  ? 48 C   D C4    1 
ATOM   1289 N  N4    . C   D 4 18 ? 8.163   14.130  18.397  1.00 81.69  ? 48 C   D N4    1 
ATOM   1290 C  C5    . C   D 4 18 ? 9.825   13.048  19.724  1.00 82.93  ? 48 C   D C5    1 
ATOM   1291 C  C6    . C   D 4 18 ? 11.121  12.732  19.851  1.00 83.57  ? 48 C   D C6    1 
ATOM   1292 P  P     . C   D 4 19 ? 14.483  16.265  22.294  1.00 96.58  ? 49 C   D P     1 
ATOM   1293 O  OP1   . C   D 4 19 ? 15.504  16.751  23.255  1.00 98.92  ? 49 C   D OP1   1 
ATOM   1294 O  OP2   . C   D 4 19 ? 13.069  16.098  22.738  1.00 94.96  ? 49 C   D OP2   1 
ATOM   1295 O  "O5'" . C   D 4 19 ? 14.463  17.237  21.033  1.00 94.58  ? 49 C   D "O5'" 1 
ATOM   1296 C  "C5'" . C   D 4 19 ? 15.579  17.307  20.149  1.00 90.67  ? 49 C   D "C5'" 1 
ATOM   1297 C  "C4'" . C   D 4 19 ? 15.179  17.974  18.854  1.00 90.29  ? 49 C   D "C4'" 1 
ATOM   1298 O  "O4'" . C   D 4 19 ? 14.280  17.099  18.124  1.00 89.93  ? 49 C   D "O4'" 1 
ATOM   1299 C  "C3'" . C   D 4 19 ? 14.398  19.271  18.991  1.00 89.01  ? 49 C   D "C3'" 1 
ATOM   1300 O  "O3'" . C   D 4 19 ? 15.108  20.446  19.377  1.00 90.29  ? 49 C   D "O3'" 1 
ATOM   1301 C  "C2'" . C   D 4 19 ? 13.678  19.342  17.655  1.00 88.33  ? 49 C   D "C2'" 1 
ATOM   1302 O  "O2'" . C   D 4 19 ? 14.552  19.709  16.608  1.00 86.03  ? 49 C   D "O2'" 1 
ATOM   1303 C  "C1'" . C   D 4 19 ? 13.304  17.877  17.449  1.00 89.18  ? 49 C   D "C1'" 1 
ATOM   1304 N  N1    . C   D 4 19 ? 11.975  17.555  18.001  1.00 89.72  ? 49 C   D N1    1 
ATOM   1305 C  C2    . C   D 4 19 ? 10.840  17.853  17.240  1.00 90.18  ? 49 C   D C2    1 
ATOM   1306 O  O2    . C   D 4 19 ? 10.984  18.400  16.139  1.00 89.98  ? 49 C   D O2    1 
ATOM   1307 N  N3    . C   D 4 19 ? 9.618   17.541  17.722  1.00 89.49  ? 49 C   D N3    1 
ATOM   1308 C  C4    . C   D 4 19 ? 9.501   16.960  18.913  1.00 88.94  ? 49 C   D C4    1 
ATOM   1309 N  N4    . C   D 4 19 ? 8.275   16.658  19.338  1.00 87.34  ? 49 C   D N4    1 
ATOM   1310 C  C5    . C   D 4 19 ? 10.633  16.660  19.718  1.00 89.90  ? 49 C   D C5    1 
ATOM   1311 C  C6    . C   D 4 19 ? 11.841  16.972  19.229  1.00 89.98  ? 49 C   D C6    1 
HETATM 1312 CO CO    . NCO E 5 .  ? 8.305   -0.124  8.934   1.00 55.45  ? 11 NCO C CO    1 
HETATM 1313 N  N1    . NCO E 5 .  ? 9.096   -0.029  7.072   1.00 55.34  ? 11 NCO C N1    1 
HETATM 1314 N  N2    . NCO E 5 .  ? 8.760   -2.070  8.913   1.00 55.68  ? 11 NCO C N2    1 
HETATM 1315 N  N3    . NCO E 5 .  ? 9.980   0.478   9.772   1.00 59.50  ? 11 NCO C N3    1 
HETATM 1316 N  N4    . NCO E 5 .  ? 6.547   -0.679  8.264   1.00 59.09  ? 11 NCO C N4    1 
HETATM 1317 N  N5    . NCO E 5 .  ? 7.478   -0.274  10.703  1.00 59.10  ? 11 NCO C N5    1 
HETATM 1318 N  N6    . NCO E 5 .  ? 7.869   1.845   8.851   1.00 61.34  ? 11 NCO C N6    1 
HETATM 1319 O  O     . HOH F 6 .  ? -8.867  19.391  -7.361  1.00 66.15  ? 14 HOH A O     1 
HETATM 1320 O  O     . HOH F 6 .  ? -7.007  13.214  -5.068  1.00 57.35  ? 15 HOH A O     1 
HETATM 1321 O  O     . HOH G 6 .  ? -8.982  9.628   -1.914  1.00 69.18  ? 14 HOH B O     1 
HETATM 1322 O  O     . HOH H 6 .  ? 1.648   -0.078  17.489  1.00 67.16  ? 5  HOH C O     1 
HETATM 1323 O  O     . HOH H 6 .  ? -10.194 -7.379  -0.394  1.00 77.18  ? 6  HOH C O     1 
HETATM 1324 O  O     . HOH I 6 .  ? 1.872   10.745  8.191   1.00 58.70  ? 4  HOH D O     1 
HETATM 1325 O  O     . HOH I 6 .  ? -4.728  11.827  17.060  1.00 73.88  ? 7  HOH D O     1 
# 
loop_
_pdbx_poly_seq_scheme.asym_id 
_pdbx_poly_seq_scheme.entity_id 
_pdbx_poly_seq_scheme.seq_id 
_pdbx_poly_seq_scheme.mon_id 
_pdbx_poly_seq_scheme.ndb_seq_num 
_pdbx_poly_seq_scheme.pdb_seq_num 
_pdbx_poly_seq_scheme.auth_seq_num 
_pdbx_poly_seq_scheme.pdb_mon_id 
_pdbx_poly_seq_scheme.auth_mon_id 
_pdbx_poly_seq_scheme.pdb_strand_id 
_pdbx_poly_seq_scheme.pdb_ins_code 
_pdbx_poly_seq_scheme.hetero 
A 1 1  U   1  1  1  U   U   A . n 
A 1 2  C   2  2  2  C   C   A . n 
A 1 3  C   3  3  3  C   C   A . n 
A 1 4  C   4  4  4  C   C   A . n 
A 1 5  A   5  5  5  A   A   A . n 
A 1 6  G   6  6  6  G   G   A . n 
A 1 7  U   7  7  7  U   U   A . n 
A 1 8  C   8  8  8  C   C   A . n 
A 1 9  C   9  9  9  C   C   A . n 
A 1 10 A   10 10 10 A   A   A . n 
A 1 11 C   11 11 11 C   C   A . n 
A 1 12 C   12 12 12 C   C   A . n 
A 1 13 G   13 13 13 G   G   A . n 
B 2 1  C   1  2  2  C   C   B . n 
B 2 2  G   2  3  3  G   G   B . n 
B 2 3  G   3  4  4  G   G   B . n 
B 2 4  U   4  5  5  U   U   B . n 
B 2 5  G   5  6  6  G   G   B . n 
B 2 6  A   6  7  7  A   A   B . n 
B 2 7  N6G 7  8  8  N6G N6G B . n 
B 2 8  A   8  9  9  A   A   B . n 
B 2 9  A   9  10 10 A   A   B . n 
B 2 10 G   10 11 11 G   G   B . n 
B 2 11 G   11 12 12 G   G   B . n 
B 2 12 G   12 13 13 G   G   B . n 
C 3 1  G   1  15 15 G   G   C . n 
C 3 2  G   2  16 16 G   G   C . n 
C 3 3  C   3  17 17 C   C   C . n 
C 3 4  A   4  18 18 A   A   C . n 
C 3 5  G   5  19 19 G   G   C . n 
C 3 6  A   6  20 20 A   A   C . n 
C 3 7  G   7  21 21 G   G   C . n 
C 3 8  A   8  22 22 A   A   C . n 
C 3 9  A   9  23 23 A   A   C . n 
C 3 10 A   10 24 24 A   A   C . n 
C 3 11 C   11 25 25 C   C   C . n 
C 3 12 A   12 26 26 A   A   C . n 
C 3 13 C   13 27 27 C   C   C . n 
C 3 14 A   14 28 28 A   A   C . n 
C 3 15 C   15 29 29 C   C   C . n 
C 3 16 G   16 30 30 G   G   C . n 
C 3 17 A   17 31 31 A   A   C . n 
D 4 1  U   1  31 31 U   U   D . n 
D 4 2  C   2  32 32 C   C   D . n 
D 4 3  G   3  33 33 G   G   D . n 
D 4 4  U   4  34 34 U   U   D . n 
D 4 5  G   5  35 35 G   G   D . n 
D 4 6  G   6  36 36 G   G   D . n 
D 4 7  U   7  37 37 U   U   D . n 
D 4 8  A   8  38 38 A   A   D . n 
D 4 9  C   9  39 39 C   C   D . n 
D 4 10 A   10 40 40 A   A   D . n 
D 4 11 U   11 41 41 U   U   D . n 
D 4 12 U   12 42 42 U   U   D . n 
D 4 13 A   13 43 43 A   A   D . n 
D 4 14 C   14 44 44 C   C   D . n 
D 4 15 C   15 45 45 C   C   D . n 
D 4 16 U   16 46 46 U   U   D . n 
D 4 17 G   17 47 47 G   G   D . n 
D 4 18 C   18 48 48 C   C   D . n 
D 4 19 C   19 49 49 C   C   D . n 
# 
loop_
_pdbx_nonpoly_scheme.asym_id 
_pdbx_nonpoly_scheme.entity_id 
_pdbx_nonpoly_scheme.mon_id 
_pdbx_nonpoly_scheme.ndb_seq_num 
_pdbx_nonpoly_scheme.pdb_seq_num 
_pdbx_nonpoly_scheme.auth_seq_num 
_pdbx_nonpoly_scheme.pdb_mon_id 
_pdbx_nonpoly_scheme.auth_mon_id 
_pdbx_nonpoly_scheme.pdb_strand_id 
_pdbx_nonpoly_scheme.pdb_ins_code 
E 5 NCO 1 11 11 NCO NCO C . 
F 6 HOH 1 14 1  HOH HOH A . 
F 6 HOH 2 15 3  HOH HOH A . 
G 6 HOH 1 14 2  HOH HOH B . 
H 6 HOH 1 5  5  HOH HOH C . 
H 6 HOH 2 6  6  HOH HOH C . 
I 6 HOH 1 4  4  HOH HOH D . 
I 6 HOH 2 7  7  HOH HOH D . 
# 
_pdbx_struct_mod_residue.id               1 
_pdbx_struct_mod_residue.label_asym_id    B 
_pdbx_struct_mod_residue.label_comp_id    N6G 
_pdbx_struct_mod_residue.label_seq_id     7 
_pdbx_struct_mod_residue.auth_asym_id     B 
_pdbx_struct_mod_residue.auth_comp_id     N6G 
_pdbx_struct_mod_residue.auth_seq_id      8 
_pdbx_struct_mod_residue.PDB_ins_code     ? 
_pdbx_struct_mod_residue.parent_comp_id   G 
_pdbx_struct_mod_residue.details          ? 
# 
_pdbx_struct_assembly.id                   1 
_pdbx_struct_assembly.details              author_defined_assembly 
_pdbx_struct_assembly.method_details       ? 
_pdbx_struct_assembly.oligomeric_details   tetrameric 
_pdbx_struct_assembly.oligomeric_count     4 
# 
_pdbx_struct_assembly_gen.assembly_id       1 
_pdbx_struct_assembly_gen.oper_expression   1 
_pdbx_struct_assembly_gen.asym_id_list      A,B,C,D,E,F,G,H,I 
# 
_pdbx_struct_oper_list.id                   1 
_pdbx_struct_oper_list.type                 'identity operation' 
_pdbx_struct_oper_list.name                 1_555 
_pdbx_struct_oper_list.symmetry_operation   x,y,z 
_pdbx_struct_oper_list.matrix[1][1]         1.0000000000 
_pdbx_struct_oper_list.matrix[1][2]         0.0000000000 
_pdbx_struct_oper_list.matrix[1][3]         0.0000000000 
_pdbx_struct_oper_list.vector[1]            0.0000000000 
_pdbx_struct_oper_list.matrix[2][1]         0.0000000000 
_pdbx_struct_oper_list.matrix[2][2]         1.0000000000 
_pdbx_struct_oper_list.matrix[2][3]         0.0000000000 
_pdbx_struct_oper_list.vector[2]            0.0000000000 
_pdbx_struct_oper_list.matrix[3][1]         0.0000000000 
_pdbx_struct_oper_list.matrix[3][2]         0.0000000000 
_pdbx_struct_oper_list.matrix[3][3]         1.0000000000 
_pdbx_struct_oper_list.vector[3]            0.0000000000 
# 
loop_
_pdbx_audit_revision_history.ordinal 
_pdbx_audit_revision_history.data_content_type 
_pdbx_audit_revision_history.major_revision 
_pdbx_audit_revision_history.minor_revision 
_pdbx_audit_revision_history.revision_date 
1 'Structure model' 1 0 2006-02-14 
2 'Structure model' 1 1 2008-05-01 
3 'Structure model' 1 2 2011-07-13 
4 'Structure model' 1 3 2018-01-24 
5 'Structure model' 1 4 2023-08-30 
# 
_pdbx_audit_revision_details.ordinal             1 
_pdbx_audit_revision_details.revision_ordinal    1 
_pdbx_audit_revision_details.data_content_type   'Structure model' 
_pdbx_audit_revision_details.provider            repository 
_pdbx_audit_revision_details.type                'Initial release' 
_pdbx_audit_revision_details.description         ? 
_pdbx_audit_revision_details.details             ? 
# 
loop_
_pdbx_audit_revision_group.ordinal 
_pdbx_audit_revision_group.revision_ordinal 
_pdbx_audit_revision_group.data_content_type 
_pdbx_audit_revision_group.group 
1 2 'Structure model' 'Version format compliance' 
2 3 'Structure model' 'Version format compliance' 
3 4 'Structure model' 'Database references'       
4 5 'Structure model' 'Data collection'           
5 5 'Structure model' 'Database references'       
6 5 'Structure model' 'Derived calculations'      
7 5 'Structure model' 'Refinement description'    
# 
loop_
_pdbx_audit_revision_category.ordinal 
_pdbx_audit_revision_category.revision_ordinal 
_pdbx_audit_revision_category.data_content_type 
_pdbx_audit_revision_category.category 
1 4 'Structure model' citation_author               
2 5 'Structure model' chem_comp_atom                
3 5 'Structure model' chem_comp_bond                
4 5 'Structure model' database_2                    
5 5 'Structure model' pdbx_initial_refinement_model 
6 5 'Structure model' struct_conn                   
7 5 'Structure model' struct_site                   
# 
loop_
_pdbx_audit_revision_item.ordinal 
_pdbx_audit_revision_item.revision_ordinal 
_pdbx_audit_revision_item.data_content_type 
_pdbx_audit_revision_item.item 
1 4 'Structure model' '_citation_author.name'               
2 5 'Structure model' '_database_2.pdbx_DOI'                
3 5 'Structure model' '_database_2.pdbx_database_accession' 
4 5 'Structure model' '_struct_conn.pdbx_leaving_atom_flag' 
5 5 'Structure model' '_struct_site.pdbx_auth_asym_id'      
6 5 'Structure model' '_struct_site.pdbx_auth_comp_id'      
7 5 'Structure model' '_struct_site.pdbx_auth_seq_id'       
# 
loop_
_software.name 
_software.classification 
_software.version 
_software.citation_id 
_software.pdbx_ordinal 
CRYSTAL      'data collection' CLEAR          ? 1 
CRYSTAL      'data reduction'  CLEAR          ? 2 
CNS          refinement        V1.1           ? 3 
CrystalClear 'data reduction'  '(MSC/RIGAKU)' ? 4 
CrystalClear 'data scaling'    '(MSC/RIGAKU)' ? 5 
CNS          phasing           1.1            ? 6 
# 
loop_
_pdbx_validate_rmsd_angle.id 
_pdbx_validate_rmsd_angle.PDB_model_num 
_pdbx_validate_rmsd_angle.auth_atom_id_1 
_pdbx_validate_rmsd_angle.auth_asym_id_1 
_pdbx_validate_rmsd_angle.auth_comp_id_1 
_pdbx_validate_rmsd_angle.auth_seq_id_1 
_pdbx_validate_rmsd_angle.PDB_ins_code_1 
_pdbx_validate_rmsd_angle.label_alt_id_1 
_pdbx_validate_rmsd_angle.auth_atom_id_2 
_pdbx_validate_rmsd_angle.auth_asym_id_2 
_pdbx_validate_rmsd_angle.auth_comp_id_2 
_pdbx_validate_rmsd_angle.auth_seq_id_2 
_pdbx_validate_rmsd_angle.PDB_ins_code_2 
_pdbx_validate_rmsd_angle.label_alt_id_2 
_pdbx_validate_rmsd_angle.auth_atom_id_3 
_pdbx_validate_rmsd_angle.auth_asym_id_3 
_pdbx_validate_rmsd_angle.auth_comp_id_3 
_pdbx_validate_rmsd_angle.auth_seq_id_3 
_pdbx_validate_rmsd_angle.PDB_ins_code_3 
_pdbx_validate_rmsd_angle.label_alt_id_3 
_pdbx_validate_rmsd_angle.angle_value 
_pdbx_validate_rmsd_angle.angle_target_value 
_pdbx_validate_rmsd_angle.angle_deviation 
_pdbx_validate_rmsd_angle.angle_standard_deviation 
_pdbx_validate_rmsd_angle.linker_flag 
1 1 "C4'" A C 2  ? ? "C3'" A C 2  ? ? "C2'" A C 2  ? ? 109.01 102.60 6.41  1.00 N 
2 1 "O4'" A C 2  ? ? "C1'" A C 2  ? ? N1    A C 2  ? ? 114.86 108.50 6.36  0.70 N 
3 1 "C2'" A C 4  ? ? "C3'" A C 4  ? ? "O3'" A C 4  ? ? 125.57 113.70 11.87 1.60 N 
4 1 "C4'" A A 5  ? ? "C3'" A A 5  ? ? "C2'" A A 5  ? ? 109.92 102.60 7.32  1.00 N 
5 1 "O4'" A G 6  ? ? "C1'" A G 6  ? ? N9    A G 6  ? ? 114.53 108.50 6.03  0.70 N 
6 1 "C2'" D U 41 ? ? "C3'" D U 41 ? ? "O3'" D U 41 ? ? 124.08 113.70 10.38 1.60 N 
# 
_pdbx_validate_planes.id              1 
_pdbx_validate_planes.PDB_model_num   1 
_pdbx_validate_planes.auth_comp_id    A 
_pdbx_validate_planes.auth_asym_id    A 
_pdbx_validate_planes.auth_seq_id     5 
_pdbx_validate_planes.PDB_ins_code    ? 
_pdbx_validate_planes.label_alt_id    ? 
_pdbx_validate_planes.rmsd            0.056 
_pdbx_validate_planes.type            'SIDE CHAIN' 
# 
loop_
_chem_comp_atom.comp_id 
_chem_comp_atom.atom_id 
_chem_comp_atom.type_symbol 
_chem_comp_atom.pdbx_aromatic_flag 
_chem_comp_atom.pdbx_stereo_config 
_chem_comp_atom.pdbx_ordinal 
A   OP3    O  N N 1   
A   P      P  N N 2   
A   OP1    O  N N 3   
A   OP2    O  N N 4   
A   "O5'"  O  N N 5   
A   "C5'"  C  N N 6   
A   "C4'"  C  N R 7   
A   "O4'"  O  N N 8   
A   "C3'"  C  N S 9   
A   "O3'"  O  N N 10  
A   "C2'"  C  N R 11  
A   "O2'"  O  N N 12  
A   "C1'"  C  N R 13  
A   N9     N  Y N 14  
A   C8     C  Y N 15  
A   N7     N  Y N 16  
A   C5     C  Y N 17  
A   C6     C  Y N 18  
A   N6     N  N N 19  
A   N1     N  Y N 20  
A   C2     C  Y N 21  
A   N3     N  Y N 22  
A   C4     C  Y N 23  
A   HOP3   H  N N 24  
A   HOP2   H  N N 25  
A   "H5'"  H  N N 26  
A   "H5''" H  N N 27  
A   "H4'"  H  N N 28  
A   "H3'"  H  N N 29  
A   "HO3'" H  N N 30  
A   "H2'"  H  N N 31  
A   "HO2'" H  N N 32  
A   "H1'"  H  N N 33  
A   H8     H  N N 34  
A   H61    H  N N 35  
A   H62    H  N N 36  
A   H2     H  N N 37  
C   OP3    O  N N 38  
C   P      P  N N 39  
C   OP1    O  N N 40  
C   OP2    O  N N 41  
C   "O5'"  O  N N 42  
C   "C5'"  C  N N 43  
C   "C4'"  C  N R 44  
C   "O4'"  O  N N 45  
C   "C3'"  C  N S 46  
C   "O3'"  O  N N 47  
C   "C2'"  C  N R 48  
C   "O2'"  O  N N 49  
C   "C1'"  C  N R 50  
C   N1     N  N N 51  
C   C2     C  N N 52  
C   O2     O  N N 53  
C   N3     N  N N 54  
C   C4     C  N N 55  
C   N4     N  N N 56  
C   C5     C  N N 57  
C   C6     C  N N 58  
C   HOP3   H  N N 59  
C   HOP2   H  N N 60  
C   "H5'"  H  N N 61  
C   "H5''" H  N N 62  
C   "H4'"  H  N N 63  
C   "H3'"  H  N N 64  
C   "HO3'" H  N N 65  
C   "H2'"  H  N N 66  
C   "HO2'" H  N N 67  
C   "H1'"  H  N N 68  
C   H41    H  N N 69  
C   H42    H  N N 70  
C   H5     H  N N 71  
C   H6     H  N N 72  
G   OP3    O  N N 73  
G   P      P  N N 74  
G   OP1    O  N N 75  
G   OP2    O  N N 76  
G   "O5'"  O  N N 77  
G   "C5'"  C  N N 78  
G   "C4'"  C  N R 79  
G   "O4'"  O  N N 80  
G   "C3'"  C  N S 81  
G   "O3'"  O  N N 82  
G   "C2'"  C  N R 83  
G   "O2'"  O  N N 84  
G   "C1'"  C  N R 85  
G   N9     N  Y N 86  
G   C8     C  Y N 87  
G   N7     N  Y N 88  
G   C5     C  Y N 89  
G   C6     C  N N 90  
G   O6     O  N N 91  
G   N1     N  N N 92  
G   C2     C  N N 93  
G   N2     N  N N 94  
G   N3     N  N N 95  
G   C4     C  Y N 96  
G   HOP3   H  N N 97  
G   HOP2   H  N N 98  
G   "H5'"  H  N N 99  
G   "H5''" H  N N 100 
G   "H4'"  H  N N 101 
G   "H3'"  H  N N 102 
G   "HO3'" H  N N 103 
G   "H2'"  H  N N 104 
G   "HO2'" H  N N 105 
G   "H1'"  H  N N 106 
G   H8     H  N N 107 
G   H1     H  N N 108 
G   H21    H  N N 109 
G   H22    H  N N 110 
HOH O      O  N N 111 
HOH H1     H  N N 112 
HOH H2     H  N N 113 
N6G P      P  N N 114 
N6G OP1    O  N N 115 
N6G OP2    O  N N 116 
N6G "O5'"  O  N N 117 
N6G "C5'"  C  N N 118 
N6G "C4'"  C  N R 119 
N6G "O4'"  O  N N 120 
N6G "C1'"  C  N R 121 
N6G N9     N  Y N 122 
N6G C4     C  Y N 123 
N6G N3     N  Y N 124 
N6G C2     C  Y N 125 
N6G N2     N  N N 126 
N6G N1     N  Y N 127 
N6G C6     C  Y N 128 
N6G N6     N  N N 129 
N6G C5     C  Y N 130 
N6G N7     N  Y N 131 
N6G C8     C  Y N 132 
N6G "C2'"  C  N R 133 
N6G "O2'"  O  N N 134 
N6G "C3'"  C  N S 135 
N6G "O3'"  O  N N 136 
N6G OP3    O  N N 137 
N6G HOP2   H  N N 138 
N6G "H5'"  H  N N 139 
N6G "H5''" H  N N 140 
N6G "H4'"  H  N N 141 
N6G "H1'"  H  N N 142 
N6G HN21   H  N N 143 
N6G HN22   H  N N 144 
N6G HN61   H  N N 145 
N6G HN62   H  N N 146 
N6G H8     H  N N 147 
N6G "H2'"  H  N N 148 
N6G "HO2'" H  N N 149 
N6G "H3'"  H  N N 150 
N6G "HO3'" H  N N 151 
N6G HOP3   H  N N 152 
NCO CO     CO N N 153 
NCO N1     N  N N 154 
NCO N2     N  N N 155 
NCO N3     N  N N 156 
NCO N4     N  N N 157 
NCO N5     N  N N 158 
NCO N6     N  N N 159 
NCO HN11   H  N N 160 
NCO HN12   H  N N 161 
NCO HN13   H  N N 162 
NCO HN21   H  N N 163 
NCO HN22   H  N N 164 
NCO HN23   H  N N 165 
NCO HN31   H  N N 166 
NCO HN32   H  N N 167 
NCO HN33   H  N N 168 
NCO HN41   H  N N 169 
NCO HN42   H  N N 170 
NCO HN43   H  N N 171 
NCO HN51   H  N N 172 
NCO HN52   H  N N 173 
NCO HN53   H  N N 174 
NCO HN61   H  N N 175 
NCO HN62   H  N N 176 
NCO HN63   H  N N 177 
U   OP3    O  N N 178 
U   P      P  N N 179 
U   OP1    O  N N 180 
U   OP2    O  N N 181 
U   "O5'"  O  N N 182 
U   "C5'"  C  N N 183 
U   "C4'"  C  N R 184 
U   "O4'"  O  N N 185 
U   "C3'"  C  N S 186 
U   "O3'"  O  N N 187 
U   "C2'"  C  N R 188 
U   "O2'"  O  N N 189 
U   "C1'"  C  N R 190 
U   N1     N  N N 191 
U   C2     C  N N 192 
U   O2     O  N N 193 
U   N3     N  N N 194 
U   C4     C  N N 195 
U   O4     O  N N 196 
U   C5     C  N N 197 
U   C6     C  N N 198 
U   HOP3   H  N N 199 
U   HOP2   H  N N 200 
U   "H5'"  H  N N 201 
U   "H5''" H  N N 202 
U   "H4'"  H  N N 203 
U   "H3'"  H  N N 204 
U   "HO3'" H  N N 205 
U   "H2'"  H  N N 206 
U   "HO2'" H  N N 207 
U   "H1'"  H  N N 208 
U   H3     H  N N 209 
U   H5     H  N N 210 
U   H6     H  N N 211 
# 
loop_
_chem_comp_bond.comp_id 
_chem_comp_bond.atom_id_1 
_chem_comp_bond.atom_id_2 
_chem_comp_bond.value_order 
_chem_comp_bond.pdbx_aromatic_flag 
_chem_comp_bond.pdbx_stereo_config 
_chem_comp_bond.pdbx_ordinal 
A   OP3   P      sing N N 1   
A   OP3   HOP3   sing N N 2   
A   P     OP1    doub N N 3   
A   P     OP2    sing N N 4   
A   P     "O5'"  sing N N 5   
A   OP2   HOP2   sing N N 6   
A   "O5'" "C5'"  sing N N 7   
A   "C5'" "C4'"  sing N N 8   
A   "C5'" "H5'"  sing N N 9   
A   "C5'" "H5''" sing N N 10  
A   "C4'" "O4'"  sing N N 11  
A   "C4'" "C3'"  sing N N 12  
A   "C4'" "H4'"  sing N N 13  
A   "O4'" "C1'"  sing N N 14  
A   "C3'" "O3'"  sing N N 15  
A   "C3'" "C2'"  sing N N 16  
A   "C3'" "H3'"  sing N N 17  
A   "O3'" "HO3'" sing N N 18  
A   "C2'" "O2'"  sing N N 19  
A   "C2'" "C1'"  sing N N 20  
A   "C2'" "H2'"  sing N N 21  
A   "O2'" "HO2'" sing N N 22  
A   "C1'" N9     sing N N 23  
A   "C1'" "H1'"  sing N N 24  
A   N9    C8     sing Y N 25  
A   N9    C4     sing Y N 26  
A   C8    N7     doub Y N 27  
A   C8    H8     sing N N 28  
A   N7    C5     sing Y N 29  
A   C5    C6     sing Y N 30  
A   C5    C4     doub Y N 31  
A   C6    N6     sing N N 32  
A   C6    N1     doub Y N 33  
A   N6    H61    sing N N 34  
A   N6    H62    sing N N 35  
A   N1    C2     sing Y N 36  
A   C2    N3     doub Y N 37  
A   C2    H2     sing N N 38  
A   N3    C4     sing Y N 39  
C   OP3   P      sing N N 40  
C   OP3   HOP3   sing N N 41  
C   P     OP1    doub N N 42  
C   P     OP2    sing N N 43  
C   P     "O5'"  sing N N 44  
C   OP2   HOP2   sing N N 45  
C   "O5'" "C5'"  sing N N 46  
C   "C5'" "C4'"  sing N N 47  
C   "C5'" "H5'"  sing N N 48  
C   "C5'" "H5''" sing N N 49  
C   "C4'" "O4'"  sing N N 50  
C   "C4'" "C3'"  sing N N 51  
C   "C4'" "H4'"  sing N N 52  
C   "O4'" "C1'"  sing N N 53  
C   "C3'" "O3'"  sing N N 54  
C   "C3'" "C2'"  sing N N 55  
C   "C3'" "H3'"  sing N N 56  
C   "O3'" "HO3'" sing N N 57  
C   "C2'" "O2'"  sing N N 58  
C   "C2'" "C1'"  sing N N 59  
C   "C2'" "H2'"  sing N N 60  
C   "O2'" "HO2'" sing N N 61  
C   "C1'" N1     sing N N 62  
C   "C1'" "H1'"  sing N N 63  
C   N1    C2     sing N N 64  
C   N1    C6     sing N N 65  
C   C2    O2     doub N N 66  
C   C2    N3     sing N N 67  
C   N3    C4     doub N N 68  
C   C4    N4     sing N N 69  
C   C4    C5     sing N N 70  
C   N4    H41    sing N N 71  
C   N4    H42    sing N N 72  
C   C5    C6     doub N N 73  
C   C5    H5     sing N N 74  
C   C6    H6     sing N N 75  
G   OP3   P      sing N N 76  
G   OP3   HOP3   sing N N 77  
G   P     OP1    doub N N 78  
G   P     OP2    sing N N 79  
G   P     "O5'"  sing N N 80  
G   OP2   HOP2   sing N N 81  
G   "O5'" "C5'"  sing N N 82  
G   "C5'" "C4'"  sing N N 83  
G   "C5'" "H5'"  sing N N 84  
G   "C5'" "H5''" sing N N 85  
G   "C4'" "O4'"  sing N N 86  
G   "C4'" "C3'"  sing N N 87  
G   "C4'" "H4'"  sing N N 88  
G   "O4'" "C1'"  sing N N 89  
G   "C3'" "O3'"  sing N N 90  
G   "C3'" "C2'"  sing N N 91  
G   "C3'" "H3'"  sing N N 92  
G   "O3'" "HO3'" sing N N 93  
G   "C2'" "O2'"  sing N N 94  
G   "C2'" "C1'"  sing N N 95  
G   "C2'" "H2'"  sing N N 96  
G   "O2'" "HO2'" sing N N 97  
G   "C1'" N9     sing N N 98  
G   "C1'" "H1'"  sing N N 99  
G   N9    C8     sing Y N 100 
G   N9    C4     sing Y N 101 
G   C8    N7     doub Y N 102 
G   C8    H8     sing N N 103 
G   N7    C5     sing Y N 104 
G   C5    C6     sing N N 105 
G   C5    C4     doub Y N 106 
G   C6    O6     doub N N 107 
G   C6    N1     sing N N 108 
G   N1    C2     sing N N 109 
G   N1    H1     sing N N 110 
G   C2    N2     sing N N 111 
G   C2    N3     doub N N 112 
G   N2    H21    sing N N 113 
G   N2    H22    sing N N 114 
G   N3    C4     sing N N 115 
HOH O     H1     sing N N 116 
HOH O     H2     sing N N 117 
N6G P     OP1    doub N N 118 
N6G P     OP2    sing N N 119 
N6G P     "O5'"  sing N N 120 
N6G P     OP3    sing N N 121 
N6G OP2   HOP2   sing N N 122 
N6G "O5'" "C5'"  sing N N 123 
N6G "C5'" "C4'"  sing N N 124 
N6G "C5'" "H5'"  sing N N 125 
N6G "C5'" "H5''" sing N N 126 
N6G "C4'" "O4'"  sing N N 127 
N6G "C4'" "C3'"  sing N N 128 
N6G "C4'" "H4'"  sing N N 129 
N6G "O4'" "C1'"  sing N N 130 
N6G "C1'" N9     sing N N 131 
N6G "C1'" "C2'"  sing N N 132 
N6G "C1'" "H1'"  sing N N 133 
N6G N9    C4     sing Y N 134 
N6G N9    C8     sing Y N 135 
N6G C4    N3     sing Y N 136 
N6G C4    C5     doub Y N 137 
N6G N3    C2     doub Y N 138 
N6G C2    N2     sing N N 139 
N6G C2    N1     sing Y N 140 
N6G N2    HN21   sing N N 141 
N6G N2    HN22   sing N N 142 
N6G N1    C6     doub Y N 143 
N6G C6    N6     sing N N 144 
N6G C6    C5     sing Y N 145 
N6G N6    HN61   sing N N 146 
N6G N6    HN62   sing N N 147 
N6G C5    N7     sing Y N 148 
N6G N7    C8     doub Y N 149 
N6G C8    H8     sing N N 150 
N6G "C2'" "O2'"  sing N N 151 
N6G "C2'" "C3'"  sing N N 152 
N6G "C2'" "H2'"  sing N N 153 
N6G "O2'" "HO2'" sing N N 154 
N6G "C3'" "O3'"  sing N N 155 
N6G "C3'" "H3'"  sing N N 156 
N6G "O3'" "HO3'" sing N N 157 
N6G OP3   HOP3   sing N N 158 
NCO CO    N1     sing N N 159 
NCO CO    N2     sing N N 160 
NCO CO    N3     sing N N 161 
NCO CO    N4     sing N N 162 
NCO CO    N5     sing N N 163 
NCO CO    N6     sing N N 164 
NCO N1    HN11   sing N N 165 
NCO N1    HN12   sing N N 166 
NCO N1    HN13   sing N N 167 
NCO N2    HN21   sing N N 168 
NCO N2    HN22   sing N N 169 
NCO N2    HN23   sing N N 170 
NCO N3    HN31   sing N N 171 
NCO N3    HN32   sing N N 172 
NCO N3    HN33   sing N N 173 
NCO N4    HN41   sing N N 174 
NCO N4    HN42   sing N N 175 
NCO N4    HN43   sing N N 176 
NCO N5    HN51   sing N N 177 
NCO N5    HN52   sing N N 178 
NCO N5    HN53   sing N N 179 
NCO N6    HN61   sing N N 180 
NCO N6    HN62   sing N N 181 
NCO N6    HN63   sing N N 182 
U   OP3   P      sing N N 183 
U   OP3   HOP3   sing N N 184 
U   P     OP1    doub N N 185 
U   P     OP2    sing N N 186 
U   P     "O5'"  sing N N 187 
U   OP2   HOP2   sing N N 188 
U   "O5'" "C5'"  sing N N 189 
U   "C5'" "C4'"  sing N N 190 
U   "C5'" "H5'"  sing N N 191 
U   "C5'" "H5''" sing N N 192 
U   "C4'" "O4'"  sing N N 193 
U   "C4'" "C3'"  sing N N 194 
U   "C4'" "H4'"  sing N N 195 
U   "O4'" "C1'"  sing N N 196 
U   "C3'" "O3'"  sing N N 197 
U   "C3'" "C2'"  sing N N 198 
U   "C3'" "H3'"  sing N N 199 
U   "O3'" "HO3'" sing N N 200 
U   "C2'" "O2'"  sing N N 201 
U   "C2'" "C1'"  sing N N 202 
U   "C2'" "H2'"  sing N N 203 
U   "O2'" "HO2'" sing N N 204 
U   "C1'" N1     sing N N 205 
U   "C1'" "H1'"  sing N N 206 
U   N1    C2     sing N N 207 
U   N1    C6     sing N N 208 
U   C2    O2     doub N N 209 
U   C2    N3     sing N N 210 
U   N3    C4     sing N N 211 
U   N3    H3     sing N N 212 
U   C4    O4     doub N N 213 
U   C4    C5     sing N N 214 
U   C5    C6     doub N N 215 
U   C5    H5     sing N N 216 
U   C6    H6     sing N N 217 
# 
loop_
_ndb_struct_conf_na.entry_id 
_ndb_struct_conf_na.feature 
2FGP 'double helix'         
2FGP 'a-form double helix'  
2FGP 'bulge loop'           
2FGP 'mismatched base pair' 
2FGP 'internal loop'        
# 
loop_
_ndb_struct_na_base_pair.model_number 
_ndb_struct_na_base_pair.i_label_asym_id 
_ndb_struct_na_base_pair.i_label_comp_id 
_ndb_struct_na_base_pair.i_label_seq_id 
_ndb_struct_na_base_pair.i_symmetry 
_ndb_struct_na_base_pair.j_label_asym_id 
_ndb_struct_na_base_pair.j_label_comp_id 
_ndb_struct_na_base_pair.j_label_seq_id 
_ndb_struct_na_base_pair.j_symmetry 
_ndb_struct_na_base_pair.shear 
_ndb_struct_na_base_pair.stretch 
_ndb_struct_na_base_pair.stagger 
_ndb_struct_na_base_pair.buckle 
_ndb_struct_na_base_pair.propeller 
_ndb_struct_na_base_pair.opening 
_ndb_struct_na_base_pair.pair_number 
_ndb_struct_na_base_pair.pair_name 
_ndb_struct_na_base_pair.i_auth_asym_id 
_ndb_struct_na_base_pair.i_auth_seq_id 
_ndb_struct_na_base_pair.i_PDB_ins_code 
_ndb_struct_na_base_pair.j_auth_asym_id 
_ndb_struct_na_base_pair.j_auth_seq_id 
_ndb_struct_na_base_pair.j_PDB_ins_code 
_ndb_struct_na_base_pair.hbond_type_28 
_ndb_struct_na_base_pair.hbond_type_12 
1 A C 2  1_555 B G   12 1_555 0.159  -0.036 -0.230 7.072   -14.417 1.325    1  A_C2:G13_B  A 2  ? B 13 ? 19 1  
1 A C 3  1_555 B G   11 1_555 -0.180 0.027  -0.245 0.755   -10.577 3.381    2  A_C3:G12_B  A 3  ? B 12 ? 19 1  
1 A C 4  1_555 B G   10 1_555 0.304  0.070  -0.147 4.426   -2.489  6.607    3  A_C4:G11_B  A 4  ? B 11 ? 19 1  
1 A A 5  1_555 B A   8  1_555 6.791  -4.033 -0.479 6.661   -6.111  -25.913  4  A_A5:A9_B   A 5  ? B 9  ? ?  ?  
1 A U 7  1_555 B N6G 7  1_555 -7.701 -3.528 0.061  16.061  0.363   -12.156  5  A_U7:N6G8_B A 7  ? B 8  ? ?  ?  
1 A C 8  1_555 B A   6  1_555 -2.573 0.609  -0.930 20.825  -12.780 4.313    6  A_C8:A7_B   A 8  ? B 7  ? ?  ?  
1 A C 9  1_555 B G   5  1_555 0.182  0.118  0.009  4.004   -7.324  4.278    7  A_C9:G6_B   A 9  ? B 6  ? 19 1  
1 A A 10 1_555 B U   4  1_555 -0.363 0.098  0.159  3.200   -11.645 6.851    8  A_A10:U5_B  A 10 ? B 5  ? 20 1  
1 A C 11 1_555 B G   3  1_555 0.668  -0.036 -0.152 8.060   -12.570 9.209    9  A_C11:G4_B  A 11 ? B 4  ? 19 1  
1 A C 12 1_555 B G   2  1_555 1.279  -0.203 0.545  2.069   -14.704 10.302   10 A_C12:G3_B  A 12 ? B 3  ? ?  1  
1 A G 13 1_555 B C   1  1_555 0.032  -0.019 0.110  -1.885  -7.428  6.305    11 A_G13:C2_B  A 13 ? B 2  ? 19 1  
1 C G 1  1_555 D C   19 1_555 -0.305 0.038  0.779  5.257   -6.359  2.021    12 C_G15:C49_D C 15 ? D 49 ? 19 1  
1 C G 2  1_555 D C   18 1_555 -0.313 -0.107 0.873  13.987  -14.379 -1.948   13 C_G16:C48_D C 16 ? D 48 ? 19 1  
1 C C 3  1_555 D G   17 1_555 0.106  0.081  0.070  8.488   -16.597 1.843    14 C_C17:G47_D C 17 ? D 47 ? 19 1  
1 C A 4  1_555 D U   16 1_555 -0.361 -0.102 -0.344 -5.533  -8.892  4.606    15 C_A18:U46_D C 18 ? D 46 ? 20 1  
1 C G 5  1_555 D C   15 1_555 -0.321 -0.143 -0.575 -11.535 -8.727  5.642    16 C_G19:C45_D C 19 ? D 45 ? 19 1  
1 C A 6  1_555 D C   14 1_555 1.850  0.236  -0.540 -15.806 -8.912  13.332   17 C_A20:C44_D C 20 ? D 44 ? ?  1  
1 C G 7  1_555 D A   13 1_555 6.918  -4.566 -0.235 -5.527  -0.261  -8.456   18 C_G21:A43_D C 21 ? D 43 ? 11 10 
1 C A 8  1_555 D U   11 1_555 -4.114 -1.805 -0.023 -4.160  -4.573  -98.198  19 C_A22:U41_D C 22 ? D 41 ? 24 4  
1 C A 9  1_555 D A   10 1_555 -4.526 0.980  -0.187 1.191   -17.512 -94.259  20 C_A23:A40_D C 23 ? D 40 ? ?  ?  
1 C A 10 1_555 D A   8  1_555 5.409  3.286  -0.432 -4.190  -14.898 -156.571 21 C_A24:A38_D C 24 ? D 38 ? ?  ?  
1 C C 11 1_555 A G   6  1_555 0.336  -0.066 -0.080 15.488  -10.743 2.766    22 C_C25:G6_A  C 25 ? A 6  ? 19 1  
1 C A 12 1_555 D G   6  1_555 0.081  1.289  -0.289 -8.570  -15.212 -19.765  23 C_A26:G36_D C 26 ? D 36 ? 8  ?  
1 C C 13 1_555 D G   5  1_555 0.159  -0.055 0.096  8.479   -22.680 -0.496   24 C_C27:G35_D C 27 ? D 35 ? 19 1  
1 C A 14 1_555 D U   4  1_555 0.178  -0.091 0.568  8.884   -19.898 -1.377   25 C_A28:U34_D C 28 ? D 34 ? 20 1  
1 C C 15 1_555 D G   3  1_555 0.155  -0.036 0.046  7.527   -16.965 1.014    26 C_C29:G33_D C 29 ? D 33 ? 19 1  
1 C G 16 1_555 D C   2  1_555 -0.320 -0.178 0.725  -0.870  -10.240 -1.789   27 C_G30:C32_D C 30 ? D 32 ? 19 1  
1 C A 17 1_555 D U   1  1_555 0.404  -0.013 0.352  0.847   -6.306  -1.744   28 C_A31:U31_D C 31 ? D 31 ? 20 1  
# 
loop_
_ndb_struct_na_base_pair_step.model_number 
_ndb_struct_na_base_pair_step.i_label_asym_id_1 
_ndb_struct_na_base_pair_step.i_label_comp_id_1 
_ndb_struct_na_base_pair_step.i_label_seq_id_1 
_ndb_struct_na_base_pair_step.i_symmetry_1 
_ndb_struct_na_base_pair_step.j_label_asym_id_1 
_ndb_struct_na_base_pair_step.j_label_comp_id_1 
_ndb_struct_na_base_pair_step.j_label_seq_id_1 
_ndb_struct_na_base_pair_step.j_symmetry_1 
_ndb_struct_na_base_pair_step.i_label_asym_id_2 
_ndb_struct_na_base_pair_step.i_label_comp_id_2 
_ndb_struct_na_base_pair_step.i_label_seq_id_2 
_ndb_struct_na_base_pair_step.i_symmetry_2 
_ndb_struct_na_base_pair_step.j_label_asym_id_2 
_ndb_struct_na_base_pair_step.j_label_comp_id_2 
_ndb_struct_na_base_pair_step.j_label_seq_id_2 
_ndb_struct_na_base_pair_step.j_symmetry_2 
_ndb_struct_na_base_pair_step.shift 
_ndb_struct_na_base_pair_step.slide 
_ndb_struct_na_base_pair_step.rise 
_ndb_struct_na_base_pair_step.tilt 
_ndb_struct_na_base_pair_step.roll 
_ndb_struct_na_base_pair_step.twist 
_ndb_struct_na_base_pair_step.x_displacement 
_ndb_struct_na_base_pair_step.y_displacement 
_ndb_struct_na_base_pair_step.helical_rise 
_ndb_struct_na_base_pair_step.inclination 
_ndb_struct_na_base_pair_step.tip 
_ndb_struct_na_base_pair_step.helical_twist 
_ndb_struct_na_base_pair_step.step_number 
_ndb_struct_na_base_pair_step.step_name 
_ndb_struct_na_base_pair_step.i_auth_asym_id_1 
_ndb_struct_na_base_pair_step.i_auth_seq_id_1 
_ndb_struct_na_base_pair_step.i_PDB_ins_code_1 
_ndb_struct_na_base_pair_step.j_auth_asym_id_1 
_ndb_struct_na_base_pair_step.j_auth_seq_id_1 
_ndb_struct_na_base_pair_step.j_PDB_ins_code_1 
_ndb_struct_na_base_pair_step.i_auth_asym_id_2 
_ndb_struct_na_base_pair_step.i_auth_seq_id_2 
_ndb_struct_na_base_pair_step.i_PDB_ins_code_2 
_ndb_struct_na_base_pair_step.j_auth_asym_id_2 
_ndb_struct_na_base_pair_step.j_auth_seq_id_2 
_ndb_struct_na_base_pair_step.j_PDB_ins_code_2 
1 A C 2  1_555 B G   12 1_555 A C 3  1_555 B G   11 1_555 -0.330 -1.912 3.489 1.643   8.607  30.382  -5.087 0.907  2.833 16.009 
-3.056  31.592  1  AA_C2C3:G12G13_BB   A 2  ? B 13 ? A 3  ? B 12 ? 
1 A C 3  1_555 B G   11 1_555 A C 4  1_555 B G   10 1_555 0.827  -1.398 3.357 0.755   9.200  29.267  -4.398 -1.420 2.817 17.661 
-1.450  30.658  2  AA_C3C4:G11G12_BB   A 3  ? B 12 ? A 4  ? B 11 ? 
1 A C 4  1_555 B G   10 1_555 A A 5  1_555 B A   8  1_555 0.280  -0.889 5.418 -4.316  26.203 75.764  -1.847 -0.408 4.935 20.743 
3.417   79.619  3  AA_C4A5:A9G11_BB    A 4  ? B 11 ? A 5  ? B 9  ? 
1 A A 5  1_555 B A   8  1_555 A U 7  1_555 B N6G 7  1_555 -1.254 0.282  3.168 11.292  2.059  8.848   -0.336 12.961 1.003 9.419  
-51.642 14.484  4  AA_A5U7:N6G8A9_BB   A 5  ? B 9  ? A 7  ? B 8  ? 
1 A U 7  1_555 B N6G 7  1_555 A C 8  1_555 B A   6  1_555 0.081  -1.135 3.415 -3.287  10.323 48.339  -2.130 -0.343 3.114 12.425 
3.957   49.467  5  AA_U7C8:A7N6G8_BB   A 7  ? B 8  ? A 8  ? B 7  ? 
1 A C 8  1_555 B A   6  1_555 A C 9  1_555 B G   5  1_555 0.197  -1.415 3.905 -8.424  9.097  41.066  -2.980 -1.233 3.427 12.626 
11.690  42.819  6  AA_C8C9:G6A7_BB     A 8  ? B 7  ? A 9  ? B 6  ? 
1 A C 9  1_555 B G   5  1_555 A A 10 1_555 B U   4  1_555 -0.141 -1.735 3.057 -0.274  9.336  31.347  -4.476 0.210  2.453 16.817 
0.494   32.676  7  AA_C9A10:U5G6_BB    A 9  ? B 6  ? A 10 ? B 5  ? 
1 A A 10 1_555 B U   4  1_555 A C 11 1_555 B G   3  1_555 -0.044 -1.255 3.172 2.531   3.295  32.348  -2.780 0.497  3.021 5.884  
-4.520  32.607  8  AA_A10C11:G4U5_BB   A 10 ? B 5  ? A 11 ? B 4  ? 
1 A C 11 1_555 B G   3  1_555 A C 12 1_555 B G   2  1_555 0.197  -1.876 3.277 -2.641  8.211  34.173  -4.244 -0.693 2.744 13.704 
4.408   35.213  9  AA_C11C12:G3G4_BB   A 11 ? B 4  ? A 12 ? B 3  ? 
1 A C 12 1_555 B G   2  1_555 A G 13 1_555 B C   1  1_555 -0.334 -1.970 3.072 5.343   11.939 27.530  -5.692 1.505  1.970 23.481 
-10.508 30.425  10 AA_C12G13:C2G3_BB   A 12 ? B 3  ? A 13 ? B 2  ? 
1 C G 1  1_555 D C   19 1_555 C G 2  1_555 D C   18 1_555 -0.841 -1.293 2.862 -3.713  6.521  34.611  -2.947 0.917  2.656 10.804 
6.152   35.391  11 CC_G15G16:C48C49_DD C 15 ? D 49 ? C 16 ? D 48 ? 
1 C G 2  1_555 D C   18 1_555 C C 3  1_555 D G   17 1_555 0.199  -1.461 3.398 5.244   7.584  36.281  -3.277 0.380  3.040 11.944 
-8.258  37.396  12 CC_G16C17:G47C48_DD C 16 ? D 48 ? C 17 ? D 47 ? 
1 C C 3  1_555 D G   17 1_555 C A 4  1_555 D U   16 1_555 0.318  -1.745 3.522 -0.221  14.269 28.385  -5.707 -0.621 2.390 27.044 
0.418   31.704  13 CC_C17A18:U46G47_DD C 17 ? D 47 ? C 18 ? D 46 ? 
1 C A 4  1_555 D U   16 1_555 C G 5  1_555 D C   15 1_555 -0.001 -1.857 3.564 -1.293  6.493  31.520  -4.547 -0.236 3.126 11.790 
2.349   32.190  14 CC_A18G19:C45U46_DD C 18 ? D 46 ? C 19 ? D 45 ? 
1 C G 5  1_555 D C   15 1_555 C A 6  1_555 D C   14 1_555 0.716  -1.246 3.476 1.766   9.853  35.633  -3.319 -0.886 3.066 15.722 
-2.818  36.968  15 CC_G19A20:C44C45_DD C 19 ? D 45 ? C 20 ? D 44 ? 
1 C A 6  1_555 D C   14 1_555 C G 7  1_555 D A   13 1_555 -0.501 -0.963 3.166 4.966   5.757  60.625  -1.209 0.718  3.026 5.679  
-4.899  61.055  16 CC_A20G21:A43C44_DD C 20 ? D 44 ? C 21 ? D 43 ? 
1 C G 7  1_555 D A   13 1_555 C A 8  1_555 D U   11 1_555 -2.139 -0.322 3.454 4.250   0.722  11.455  -2.358 15.006 2.475 3.462  
-20.371 12.237  17 CC_G21A22:U41A43_DD C 21 ? D 43 ? C 22 ? D 41 ? 
1 C A 8  1_555 D U   11 1_555 C A 9  1_555 D A   10 1_555 -0.022 -2.205 3.481 -11.609 4.827  43.669  -3.302 -1.035 3.140 6.335  
15.235  45.357  18 CC_A22A23:A40U41_DD C 22 ? D 41 ? C 23 ? D 40 ? 
1 C A 9  1_555 D A   10 1_555 C A 10 1_555 D A   8  1_555 -3.246 -3.260 3.654 -4.342  -0.060 78.557  -2.570 2.425  3.802 -0.047 
3.427   78.657  19 CC_A23A24:A38A40_DD C 23 ? D 40 ? C 24 ? D 38 ? 
1 C A 10 1_555 D A   8  1_555 C C 11 1_555 A G   6  1_555 2.448  0.086  2.902 3.342   1.707  -34.777 -0.362 4.503  2.655 -2.846 
5.570   -34.973 20 CC_A24C25:G6A38_AD  C 24 ? D 38 ? C 25 ? A 6  ? 
1 C C 11 1_555 A G   6  1_555 C A 12 1_555 D G   6  1_555 0.347  -2.043 3.722 2.730   9.860  47.618  -3.299 -0.194 3.276 12.050 
-3.336  48.642  21 CC_C25A26:G36G6_DA  C 25 ? A 6  ? C 26 ? D 36 ? 
1 C A 12 1_555 D G   6  1_555 C C 13 1_555 D G   5  1_555 0.882  -0.600 2.889 -4.057  2.946  30.024  -1.649 -2.376 2.680 5.638  
7.763   30.430  22 CC_A26C27:G35G36_DD C 26 ? D 36 ? C 27 ? D 35 ? 
1 C C 13 1_555 D G   5  1_555 C A 14 1_555 D U   4  1_555 0.124  -1.376 3.160 -2.884  7.898  34.433  -3.330 -0.593 2.767 13.101 
4.785   35.414  23 CC_C27A28:U34G35_DD C 27 ? D 35 ? C 28 ? D 34 ? 
1 C A 14 1_555 D U   4  1_555 C C 15 1_555 D G   3  1_555 0.484  -1.149 3.288 5.831   -0.226 34.105  -1.896 0.102  3.330 -0.382 
-9.852  34.586  24 CC_A28C29:G33U34_DD C 28 ? D 34 ? C 29 ? D 33 ? 
1 C C 15 1_555 D G   3  1_555 C G 16 1_555 D C   2  1_555 0.245  -1.778 3.161 -2.573  10.298 32.646  -4.447 -0.773 2.477 17.745 
4.434   34.284  25 CC_C29G30:C32G33_DD C 29 ? D 33 ? C 30 ? D 32 ? 
1 C G 16 1_555 D C   2  1_555 C A 17 1_555 D U   1  1_555 0.624  -1.865 3.078 6.955   2.457  33.822  -3.492 -0.039 3.004 4.162  
-11.782 34.594  26 CC_G30A31:U31C32_DD C 30 ? D 32 ? C 31 ? D 31 ? 
# 
loop_
_pdbx_entity_nonpoly.entity_id 
_pdbx_entity_nonpoly.name 
_pdbx_entity_nonpoly.comp_id 
5 'COBALT HEXAMMINE(III)' NCO 
6 water                   HOH 
# 
_pdbx_initial_refinement_model.id               1 
_pdbx_initial_refinement_model.entity_id_list   ? 
_pdbx_initial_refinement_model.type             'experimental model' 
_pdbx_initial_refinement_model.source_name      PDB 
_pdbx_initial_refinement_model.accession_code   1ZFR 
_pdbx_initial_refinement_model.details          'PDB ENTRY 1ZFR' 
# 
